data_3FYM
# 
_entry.id   3FYM 
# 
_audit_conform.dict_name       mmcif_pdbx.dic 
_audit_conform.dict_version    5.388 
_audit_conform.dict_location   http://mmcif.pdb.org/dictionaries/ascii/mmcif_pdbx.dic 
# 
loop_
_database_2.database_id 
_database_2.database_code 
_database_2.pdbx_database_accession 
_database_2.pdbx_DOI 
PDB   3FYM         pdb_00003fym 10.2210/pdb3fym/pdb 
RCSB  RCSB051200   ?            ?                   
WWPDB D_1000051200 ?            ?                   
# 
loop_
_pdbx_audit_revision_history.ordinal 
_pdbx_audit_revision_history.data_content_type 
_pdbx_audit_revision_history.major_revision 
_pdbx_audit_revision_history.minor_revision 
_pdbx_audit_revision_history.revision_date 
1 'Structure model' 1 0 2010-02-09 
2 'Structure model' 1 1 2011-07-13 
3 'Structure model' 1 2 2024-03-20 
# 
_pdbx_audit_revision_details.ordinal             1 
_pdbx_audit_revision_details.revision_ordinal    1 
_pdbx_audit_revision_details.data_content_type   'Structure model' 
_pdbx_audit_revision_details.provider            repository 
_pdbx_audit_revision_details.type                'Initial release' 
_pdbx_audit_revision_details.description         ? 
_pdbx_audit_revision_details.details             ? 
# 
loop_
_pdbx_audit_revision_group.ordinal 
_pdbx_audit_revision_group.revision_ordinal 
_pdbx_audit_revision_group.data_content_type 
_pdbx_audit_revision_group.group 
1 2 'Structure model' 'Version format compliance' 
2 3 'Structure model' 'Data collection'           
3 3 'Structure model' 'Database references'       
4 3 'Structure model' 'Derived calculations'      
# 
loop_
_pdbx_audit_revision_category.ordinal 
_pdbx_audit_revision_category.revision_ordinal 
_pdbx_audit_revision_category.data_content_type 
_pdbx_audit_revision_category.category 
1 3 'Structure model' chem_comp_atom 
2 3 'Structure model' chem_comp_bond 
3 3 'Structure model' database_2     
4 3 'Structure model' struct_site    
# 
loop_
_pdbx_audit_revision_item.ordinal 
_pdbx_audit_revision_item.revision_ordinal 
_pdbx_audit_revision_item.data_content_type 
_pdbx_audit_revision_item.item 
1 3 'Structure model' '_database_2.pdbx_DOI'                
2 3 'Structure model' '_database_2.pdbx_database_accession' 
3 3 'Structure model' '_struct_site.pdbx_auth_asym_id'      
4 3 'Structure model' '_struct_site.pdbx_auth_comp_id'      
5 3 'Structure model' '_struct_site.pdbx_auth_seq_id'       
# 
_pdbx_database_status.entry_id                        3FYM 
_pdbx_database_status.deposit_site                    RCSB 
_pdbx_database_status.process_site                    PDBJ 
_pdbx_database_status.recvd_initial_deposition_date   2009-01-22 
_pdbx_database_status.status_code                     REL 
_pdbx_database_status.status_code_sf                  REL 
_pdbx_database_status.status_code_mr                  ? 
_pdbx_database_status.SG_entry                        . 
_pdbx_database_status.pdb_format_compatible           Y 
_pdbx_database_status.status_code_cs                  ? 
_pdbx_database_status.status_code_nmr_data            ? 
_pdbx_database_status.methods_development_category    ? 
# 
loop_
_audit_author.name 
_audit_author.pdbx_ordinal 
'Xu, L.'            1 
'Sedelnikova, S.E.' 2 
'Baker, P.J.'       3 
'Rice, D.W.'        4 
# 
_citation.id                        primary 
_citation.title                     'The 1A structure of YmfM, a putative DNA-binding membrane protein from Staphylococcus aureus' 
_citation.journal_abbrev            'To be Published' 
_citation.journal_volume            ? 
_citation.page_first                ? 
_citation.page_last                 ? 
_citation.year                      ? 
_citation.journal_id_ASTM           ? 
_citation.country                   ? 
_citation.journal_id_ISSN           ? 
_citation.journal_id_CSD            0353 
_citation.book_publisher            ? 
_citation.pdbx_database_id_PubMed   ? 
_citation.pdbx_database_id_DOI      ? 
# 
loop_
_citation_author.citation_id 
_citation_author.name 
_citation_author.ordinal 
_citation_author.identifier_ORCID 
primary 'Xu, L.'            1 ? 
primary 'Sedelnikova, S.E.' 2 ? 
primary 'Baker, P.J.'       3 ? 
primary 'Rice, D.W.'        4 ? 
# 
loop_
_entity.id 
_entity.type 
_entity.src_method 
_entity.pdbx_description 
_entity.formula_weight 
_entity.pdbx_number_of_molecules 
_entity.pdbx_ec 
_entity.pdbx_mutation 
_entity.pdbx_fragment 
_entity.details 
1 polymer     man 'Putative uncharacterized protein' 15130.502 1   ? ? 'N-terminal soluble domain' ? 
2 non-polymer syn 'ZINC ION'                         65.409    1   ? ? ?                           ? 
3 water       nat water                              18.015    145 ? ? ?                           ? 
# 
_entity_name_com.entity_id   1 
_entity_name_com.name        'hypothetical protein YmfM' 
# 
_entity_poly.entity_id                      1 
_entity_poly.type                           'polypeptide(L)' 
_entity_poly.nstd_linkage                   no 
_entity_poly.nstd_monomer                   no 
_entity_poly.pdbx_seq_one_letter_code       
;MKTVGEALKGRRERLGMTLTELEQRTGIKREMLVHIENNEFDQLPNKNYSEGFIRKYASVVNIEPNQLIQAHQDEIPSNQ
AEWDEVITVFNNNKDLDYKSKSKEPIQLLVIMGITVLITLLLWIMLVLIF
;
_entity_poly.pdbx_seq_one_letter_code_can   
;MKTVGEALKGRRERLGMTLTELEQRTGIKREMLVHIENNEFDQLPNKNYSEGFIRKYASVVNIEPNQLIQAHQDEIPSNQ
AEWDEVITVFNNNKDLDYKSKSKEPIQLLVIMGITVLITLLLWIMLVLIF
;
_entity_poly.pdbx_strand_id                 A 
_entity_poly.pdbx_target_identifier         ? 
# 
loop_
_pdbx_entity_nonpoly.entity_id 
_pdbx_entity_nonpoly.name 
_pdbx_entity_nonpoly.comp_id 
2 'ZINC ION' ZN  
3 water      HOH 
# 
loop_
_entity_poly_seq.entity_id 
_entity_poly_seq.num 
_entity_poly_seq.mon_id 
_entity_poly_seq.hetero 
1 1   MET n 
1 2   LYS n 
1 3   THR n 
1 4   VAL n 
1 5   GLY n 
1 6   GLU n 
1 7   ALA n 
1 8   LEU n 
1 9   LYS n 
1 10  GLY n 
1 11  ARG n 
1 12  ARG n 
1 13  GLU n 
1 14  ARG n 
1 15  LEU n 
1 16  GLY n 
1 17  MET n 
1 18  THR n 
1 19  LEU n 
1 20  THR n 
1 21  GLU n 
1 22  LEU n 
1 23  GLU n 
1 24  GLN n 
1 25  ARG n 
1 26  THR n 
1 27  GLY n 
1 28  ILE n 
1 29  LYS n 
1 30  ARG n 
1 31  GLU n 
1 32  MET n 
1 33  LEU n 
1 34  VAL n 
1 35  HIS n 
1 36  ILE n 
1 37  GLU n 
1 38  ASN n 
1 39  ASN n 
1 40  GLU n 
1 41  PHE n 
1 42  ASP n 
1 43  GLN n 
1 44  LEU n 
1 45  PRO n 
1 46  ASN n 
1 47  LYS n 
1 48  ASN n 
1 49  TYR n 
1 50  SER n 
1 51  GLU n 
1 52  GLY n 
1 53  PHE n 
1 54  ILE n 
1 55  ARG n 
1 56  LYS n 
1 57  TYR n 
1 58  ALA n 
1 59  SER n 
1 60  VAL n 
1 61  VAL n 
1 62  ASN n 
1 63  ILE n 
1 64  GLU n 
1 65  PRO n 
1 66  ASN n 
1 67  GLN n 
1 68  LEU n 
1 69  ILE n 
1 70  GLN n 
1 71  ALA n 
1 72  HIS n 
1 73  GLN n 
1 74  ASP n 
1 75  GLU n 
1 76  ILE n 
1 77  PRO n 
1 78  SER n 
1 79  ASN n 
1 80  GLN n 
1 81  ALA n 
1 82  GLU n 
1 83  TRP n 
1 84  ASP n 
1 85  GLU n 
1 86  VAL n 
1 87  ILE n 
1 88  THR n 
1 89  VAL n 
1 90  PHE n 
1 91  ASN n 
1 92  ASN n 
1 93  ASN n 
1 94  LYS n 
1 95  ASP n 
1 96  LEU n 
1 97  ASP n 
1 98  TYR n 
1 99  LYS n 
1 100 SER n 
1 101 LYS n 
1 102 SER n 
1 103 LYS n 
1 104 GLU n 
1 105 PRO n 
1 106 ILE n 
1 107 GLN n 
1 108 LEU n 
1 109 LEU n 
1 110 VAL n 
1 111 ILE n 
1 112 MET n 
1 113 GLY n 
1 114 ILE n 
1 115 THR n 
1 116 VAL n 
1 117 LEU n 
1 118 ILE n 
1 119 THR n 
1 120 LEU n 
1 121 LEU n 
1 122 LEU n 
1 123 TRP n 
1 124 ILE n 
1 125 MET n 
1 126 LEU n 
1 127 VAL n 
1 128 LEU n 
1 129 ILE n 
1 130 PHE n 
# 
_entity_src_gen.entity_id                          1 
_entity_src_gen.pdbx_src_id                        1 
_entity_src_gen.pdbx_alt_source_flag               sample 
_entity_src_gen.pdbx_seq_type                      ? 
_entity_src_gen.pdbx_beg_seq_num                   ? 
_entity_src_gen.pdbx_end_seq_num                   ? 
_entity_src_gen.gene_src_common_name               ? 
_entity_src_gen.gene_src_genus                     ? 
_entity_src_gen.pdbx_gene_src_gene                 ? 
_entity_src_gen.gene_src_species                   ? 
_entity_src_gen.gene_src_strain                    ? 
_entity_src_gen.gene_src_tissue                    ? 
_entity_src_gen.gene_src_tissue_fraction           ? 
_entity_src_gen.gene_src_details                   ? 
_entity_src_gen.pdbx_gene_src_fragment             ? 
_entity_src_gen.pdbx_gene_src_scientific_name      'Staphylococcus aureus subsp. aureus Mu50' 
_entity_src_gen.pdbx_gene_src_ncbi_taxonomy_id     158878 
_entity_src_gen.pdbx_gene_src_variant              ? 
_entity_src_gen.pdbx_gene_src_cell_line            ? 
_entity_src_gen.pdbx_gene_src_atcc                 ? 
_entity_src_gen.pdbx_gene_src_organ                ? 
_entity_src_gen.pdbx_gene_src_organelle            ? 
_entity_src_gen.pdbx_gene_src_cell                 ? 
_entity_src_gen.pdbx_gene_src_cellular_location    ? 
_entity_src_gen.host_org_common_name               ? 
_entity_src_gen.pdbx_host_org_scientific_name      'Escherichia coli' 
_entity_src_gen.pdbx_host_org_ncbi_taxonomy_id     562 
_entity_src_gen.host_org_genus                     ? 
_entity_src_gen.pdbx_host_org_gene                 ? 
_entity_src_gen.pdbx_host_org_organ                ? 
_entity_src_gen.host_org_species                   ? 
_entity_src_gen.pdbx_host_org_tissue               ? 
_entity_src_gen.pdbx_host_org_tissue_fraction      ? 
_entity_src_gen.pdbx_host_org_strain               ? 
_entity_src_gen.pdbx_host_org_variant              ? 
_entity_src_gen.pdbx_host_org_cell_line            ? 
_entity_src_gen.pdbx_host_org_atcc                 ? 
_entity_src_gen.pdbx_host_org_culture_collection   ? 
_entity_src_gen.pdbx_host_org_cell                 ? 
_entity_src_gen.pdbx_host_org_organelle            ? 
_entity_src_gen.pdbx_host_org_cellular_location    ? 
_entity_src_gen.pdbx_host_org_vector_type          ? 
_entity_src_gen.pdbx_host_org_vector               plasmid 
_entity_src_gen.host_org_details                   ? 
_entity_src_gen.expression_system_id               ? 
_entity_src_gen.plasmid_name                       pETBLUE1 
_entity_src_gen.plasmid_details                    ? 
_entity_src_gen.pdbx_description                   ? 
# 
loop_
_chem_comp.id 
_chem_comp.type 
_chem_comp.mon_nstd_flag 
_chem_comp.name 
_chem_comp.pdbx_synonyms 
_chem_comp.formula 
_chem_comp.formula_weight 
ALA 'L-peptide linking' y ALANINE         ? 'C3 H7 N O2'     89.093  
ARG 'L-peptide linking' y ARGININE        ? 'C6 H15 N4 O2 1' 175.209 
ASN 'L-peptide linking' y ASPARAGINE      ? 'C4 H8 N2 O3'    132.118 
ASP 'L-peptide linking' y 'ASPARTIC ACID' ? 'C4 H7 N O4'     133.103 
GLN 'L-peptide linking' y GLUTAMINE       ? 'C5 H10 N2 O3'   146.144 
GLU 'L-peptide linking' y 'GLUTAMIC ACID' ? 'C5 H9 N O4'     147.129 
GLY 'peptide linking'   y GLYCINE         ? 'C2 H5 N O2'     75.067  
HIS 'L-peptide linking' y HISTIDINE       ? 'C6 H10 N3 O2 1' 156.162 
HOH non-polymer         . WATER           ? 'H2 O'           18.015  
ILE 'L-peptide linking' y ISOLEUCINE      ? 'C6 H13 N O2'    131.173 
LEU 'L-peptide linking' y LEUCINE         ? 'C6 H13 N O2'    131.173 
LYS 'L-peptide linking' y LYSINE          ? 'C6 H15 N2 O2 1' 147.195 
MET 'L-peptide linking' y METHIONINE      ? 'C5 H11 N O2 S'  149.211 
PHE 'L-peptide linking' y PHENYLALANINE   ? 'C9 H11 N O2'    165.189 
PRO 'L-peptide linking' y PROLINE         ? 'C5 H9 N O2'     115.130 
SER 'L-peptide linking' y SERINE          ? 'C3 H7 N O3'     105.093 
THR 'L-peptide linking' y THREONINE       ? 'C4 H9 N O3'     119.119 
TRP 'L-peptide linking' y TRYPTOPHAN      ? 'C11 H12 N2 O2'  204.225 
TYR 'L-peptide linking' y TYROSINE        ? 'C9 H11 N O3'    181.189 
VAL 'L-peptide linking' y VALINE          ? 'C5 H11 N O2'    117.146 
ZN  non-polymer         . 'ZINC ION'      ? 'Zn 2'           65.409  
# 
loop_
_pdbx_poly_seq_scheme.asym_id 
_pdbx_poly_seq_scheme.entity_id 
_pdbx_poly_seq_scheme.seq_id 
_pdbx_poly_seq_scheme.mon_id 
_pdbx_poly_seq_scheme.ndb_seq_num 
_pdbx_poly_seq_scheme.pdb_seq_num 
_pdbx_poly_seq_scheme.auth_seq_num 
_pdbx_poly_seq_scheme.pdb_mon_id 
_pdbx_poly_seq_scheme.auth_mon_id 
_pdbx_poly_seq_scheme.pdb_strand_id 
_pdbx_poly_seq_scheme.pdb_ins_code 
_pdbx_poly_seq_scheme.hetero 
A 1 1   MET 1   1001 ?    ?   ?   A . n 
A 1 2   LYS 2   1002 1002 LYS LYS A . n 
A 1 3   THR 3   1003 1003 THR THR A . n 
A 1 4   VAL 4   1004 1004 VAL VAL A . n 
A 1 5   GLY 5   1005 1005 GLY GLY A . n 
A 1 6   GLU 6   1006 1006 GLU GLU A . n 
A 1 7   ALA 7   1007 1007 ALA ALA A . n 
A 1 8   LEU 8   1008 1008 LEU LEU A . n 
A 1 9   LYS 9   1009 1009 LYS LYS A . n 
A 1 10  GLY 10  1010 1010 GLY GLY A . n 
A 1 11  ARG 11  1011 1011 ARG ARG A . n 
A 1 12  ARG 12  1012 1012 ARG ARG A . n 
A 1 13  GLU 13  1013 1013 GLU GLU A . n 
A 1 14  ARG 14  1014 1014 ARG ARG A . n 
A 1 15  LEU 15  1015 1015 LEU LEU A . n 
A 1 16  GLY 16  1016 1016 GLY GLY A . n 
A 1 17  MET 17  1017 1017 MET MET A . n 
A 1 18  THR 18  1018 1018 THR THR A . n 
A 1 19  LEU 19  1019 1019 LEU LEU A . n 
A 1 20  THR 20  1020 1020 THR THR A . n 
A 1 21  GLU 21  1021 1021 GLU ALA A . n 
A 1 22  LEU 22  1022 1022 LEU LEU A . n 
A 1 23  GLU 23  1023 1023 GLU GLU A . n 
A 1 24  GLN 24  1024 1024 GLN GLN A . n 
A 1 25  ARG 25  1025 1025 ARG ARG A . n 
A 1 26  THR 26  1026 1026 THR THR A . n 
A 1 27  GLY 27  1027 1027 GLY GLY A . n 
A 1 28  ILE 28  1028 1028 ILE ILE A . n 
A 1 29  LYS 29  1029 1029 LYS LYS A . n 
A 1 30  ARG 30  1030 1030 ARG ARG A . n 
A 1 31  GLU 31  1031 1031 GLU GLU A . n 
A 1 32  MET 32  1032 1032 MET MET A . n 
A 1 33  LEU 33  1033 1033 LEU LEU A . n 
A 1 34  VAL 34  1034 1034 VAL VAL A . n 
A 1 35  HIS 35  1035 1035 HIS HIS A . n 
A 1 36  ILE 36  1036 1036 ILE ILE A . n 
A 1 37  GLU 37  1037 1037 GLU GLU A . n 
A 1 38  ASN 38  1038 1038 ASN ASN A . n 
A 1 39  ASN 39  1039 1039 ASN ASN A . n 
A 1 40  GLU 40  1040 1040 GLU GLU A . n 
A 1 41  PHE 41  1041 1041 PHE PHE A . n 
A 1 42  ASP 42  1042 1042 ASP ASP A . n 
A 1 43  GLN 43  1043 1043 GLN GLN A . n 
A 1 44  LEU 44  1044 1044 LEU LEU A . n 
A 1 45  PRO 45  1045 1045 PRO PRO A . n 
A 1 46  ASN 46  1046 1046 ASN ASN A . n 
A 1 47  LYS 47  1047 1047 LYS LYS A . n 
A 1 48  ASN 48  1048 1048 ASN ASN A . n 
A 1 49  TYR 49  1049 1049 TYR TYR A . n 
A 1 50  SER 50  1050 1050 SER SER A . n 
A 1 51  GLU 51  1051 1051 GLU GLU A . n 
A 1 52  GLY 52  1052 1052 GLY GLY A . n 
A 1 53  PHE 53  1053 1053 PHE PHE A . n 
A 1 54  ILE 54  1054 1054 ILE ILE A . n 
A 1 55  ARG 55  1055 1055 ARG ARG A . n 
A 1 56  LYS 56  1056 1056 LYS LYS A . n 
A 1 57  TYR 57  1057 1057 TYR TYR A . n 
A 1 58  ALA 58  1058 1058 ALA ALA A . n 
A 1 59  SER 59  1059 1059 SER SER A . n 
A 1 60  VAL 60  1060 1060 VAL VAL A . n 
A 1 61  VAL 61  1061 1061 VAL VAL A . n 
A 1 62  ASN 62  1062 1062 ASN ASN A . n 
A 1 63  ILE 63  1063 1063 ILE ILE A . n 
A 1 64  GLU 64  1064 1064 GLU GLU A . n 
A 1 65  PRO 65  1065 1065 PRO PRO A . n 
A 1 66  ASN 66  1066 1066 ASN ASN A . n 
A 1 67  GLN 67  1067 1067 GLN GLN A . n 
A 1 68  LEU 68  1068 1068 LEU LEU A . n 
A 1 69  ILE 69  1069 1069 ILE ILE A . n 
A 1 70  GLN 70  1070 1070 GLN GLN A . n 
A 1 71  ALA 71  1071 1071 ALA ALA A . n 
A 1 72  HIS 72  1072 1072 HIS HIS A . n 
A 1 73  GLN 73  1073 1073 GLN GLN A . n 
A 1 74  ASP 74  1074 1074 ASP ASP A . n 
A 1 75  GLU 75  1075 1075 GLU GLU A . n 
A 1 76  ILE 76  1076 1076 ILE ILE A . n 
A 1 77  PRO 77  1077 1077 PRO PRO A . n 
A 1 78  SER 78  1078 1078 SER SER A . n 
A 1 79  ASN 79  1079 1079 ASN ASN A . n 
A 1 80  GLN 80  1080 1080 GLN GLN A . n 
A 1 81  ALA 81  1081 1081 ALA ALA A . n 
A 1 82  GLU 82  1082 1082 GLU GLU A . n 
A 1 83  TRP 83  1083 1083 TRP TRP A . n 
A 1 84  ASP 84  1084 ?    ?   ?   A . n 
A 1 85  GLU 85  1085 ?    ?   ?   A . n 
A 1 86  VAL 86  1086 ?    ?   ?   A . n 
A 1 87  ILE 87  1087 ?    ?   ?   A . n 
A 1 88  THR 88  1088 ?    ?   ?   A . n 
A 1 89  VAL 89  1089 ?    ?   ?   A . n 
A 1 90  PHE 90  1090 ?    ?   ?   A . n 
A 1 91  ASN 91  1091 ?    ?   ?   A . n 
A 1 92  ASN 92  1092 ?    ?   ?   A . n 
A 1 93  ASN 93  1093 ?    ?   ?   A . n 
A 1 94  LYS 94  1094 ?    ?   ?   A . n 
A 1 95  ASP 95  1095 ?    ?   ?   A . n 
A 1 96  LEU 96  1096 ?    ?   ?   A . n 
A 1 97  ASP 97  1097 ?    ?   ?   A . n 
A 1 98  TYR 98  1098 ?    ?   ?   A . n 
A 1 99  LYS 99  1099 ?    ?   ?   A . n 
A 1 100 SER 100 1100 ?    ?   ?   A . n 
A 1 101 LYS 101 1101 ?    ?   ?   A . n 
A 1 102 SER 102 1102 ?    ?   ?   A . n 
A 1 103 LYS 103 1103 ?    ?   ?   A . n 
A 1 104 GLU 104 1104 ?    ?   ?   A . n 
A 1 105 PRO 105 1105 ?    ?   ?   A . n 
A 1 106 ILE 106 1106 ?    ?   ?   A . n 
A 1 107 GLN 107 1107 ?    ?   ?   A . n 
A 1 108 LEU 108 1108 ?    ?   ?   A . n 
A 1 109 LEU 109 1109 ?    ?   ?   A . n 
A 1 110 VAL 110 1110 ?    ?   ?   A . n 
A 1 111 ILE 111 1111 ?    ?   ?   A . n 
A 1 112 MET 112 1112 ?    ?   ?   A . n 
A 1 113 GLY 113 1113 ?    ?   ?   A . n 
A 1 114 ILE 114 1114 ?    ?   ?   A . n 
A 1 115 THR 115 1115 ?    ?   ?   A . n 
A 1 116 VAL 116 1116 ?    ?   ?   A . n 
A 1 117 LEU 117 1117 ?    ?   ?   A . n 
A 1 118 ILE 118 1118 ?    ?   ?   A . n 
A 1 119 THR 119 1119 ?    ?   ?   A . n 
A 1 120 LEU 120 1120 ?    ?   ?   A . n 
A 1 121 LEU 121 1121 ?    ?   ?   A . n 
A 1 122 LEU 122 1122 ?    ?   ?   A . n 
A 1 123 TRP 123 1123 ?    ?   ?   A . n 
A 1 124 ILE 124 1124 ?    ?   ?   A . n 
A 1 125 MET 125 1125 ?    ?   ?   A . n 
A 1 126 LEU 126 1126 ?    ?   ?   A . n 
A 1 127 VAL 127 1127 ?    ?   ?   A . n 
A 1 128 LEU 128 1128 ?    ?   ?   A . n 
A 1 129 ILE 129 1129 ?    ?   ?   A . n 
A 1 130 PHE 130 1130 ?    ?   ?   A . n 
# 
loop_
_pdbx_nonpoly_scheme.asym_id 
_pdbx_nonpoly_scheme.entity_id 
_pdbx_nonpoly_scheme.mon_id 
_pdbx_nonpoly_scheme.ndb_seq_num 
_pdbx_nonpoly_scheme.pdb_seq_num 
_pdbx_nonpoly_scheme.auth_seq_num 
_pdbx_nonpoly_scheme.pdb_mon_id 
_pdbx_nonpoly_scheme.auth_mon_id 
_pdbx_nonpoly_scheme.pdb_strand_id 
_pdbx_nonpoly_scheme.pdb_ins_code 
B 2 ZN  1   2001 2001 ZN  ZN  A . 
C 3 HOH 1   3001 3001 HOH HOH A . 
C 3 HOH 2   3002 3002 HOH HOH A . 
C 3 HOH 3   3003 3003 HOH HOH A . 
C 3 HOH 4   3004 3004 HOH HOH A . 
C 3 HOH 5   3005 3005 HOH HOH A . 
C 3 HOH 6   3006 3006 HOH HOH A . 
C 3 HOH 7   3007 3007 HOH HOH A . 
C 3 HOH 8   3008 3008 HOH HOH A . 
C 3 HOH 9   3009 3009 HOH HOH A . 
C 3 HOH 10  3010 3010 HOH HOH A . 
C 3 HOH 11  3011 3011 HOH HOH A . 
C 3 HOH 12  3012 3012 HOH HOH A . 
C 3 HOH 13  3013 3013 HOH HOH A . 
C 3 HOH 14  3014 3014 HOH HOH A . 
C 3 HOH 15  3015 3015 HOH HOH A . 
C 3 HOH 16  3016 3016 HOH HOH A . 
C 3 HOH 17  3017 3017 HOH HOH A . 
C 3 HOH 18  3018 3018 HOH HOH A . 
C 3 HOH 19  3019 3019 HOH HOH A . 
C 3 HOH 20  3020 3020 HOH HOH A . 
C 3 HOH 21  3021 3021 HOH HOH A . 
C 3 HOH 22  3022 3022 HOH HOH A . 
C 3 HOH 23  3023 3023 HOH HOH A . 
C 3 HOH 24  3024 3024 HOH HOH A . 
C 3 HOH 25  3025 3025 HOH HOH A . 
C 3 HOH 26  3026 3026 HOH HOH A . 
C 3 HOH 27  3027 3027 HOH HOH A . 
C 3 HOH 28  3028 3028 HOH HOH A . 
C 3 HOH 29  3029 3029 HOH HOH A . 
C 3 HOH 30  3030 3030 HOH HOH A . 
C 3 HOH 31  3031 3031 HOH HOH A . 
C 3 HOH 32  3032 3032 HOH HOH A . 
C 3 HOH 33  3033 3033 HOH HOH A . 
C 3 HOH 34  3034 3034 HOH HOH A . 
C 3 HOH 35  3035 3035 HOH HOH A . 
C 3 HOH 36  3036 3036 HOH HOH A . 
C 3 HOH 37  3037 3037 HOH HOH A . 
C 3 HOH 38  3038 3038 HOH HOH A . 
C 3 HOH 39  3039 3039 HOH HOH A . 
C 3 HOH 40  3040 3040 HOH HOH A . 
C 3 HOH 41  3041 3041 HOH HOH A . 
C 3 HOH 42  3042 3042 HOH HOH A . 
C 3 HOH 43  3043 3043 HOH HOH A . 
C 3 HOH 44  3044 3044 HOH HOH A . 
C 3 HOH 45  3045 3045 HOH HOH A . 
C 3 HOH 46  3046 3046 HOH HOH A . 
C 3 HOH 47  3047 3047 HOH HOH A . 
C 3 HOH 48  3048 3048 HOH HOH A . 
C 3 HOH 49  3049 3049 HOH HOH A . 
C 3 HOH 50  3050 3050 HOH HOH A . 
C 3 HOH 51  3051 3051 HOH HOH A . 
C 3 HOH 52  3052 3052 HOH HOH A . 
C 3 HOH 53  3053 3053 HOH HOH A . 
C 3 HOH 54  3054 3054 HOH HOH A . 
C 3 HOH 55  3055 3055 HOH HOH A . 
C 3 HOH 56  3056 3056 HOH HOH A . 
C 3 HOH 57  3057 3057 HOH HOH A . 
C 3 HOH 58  3058 3058 HOH HOH A . 
C 3 HOH 59  3059 3059 HOH HOH A . 
C 3 HOH 60  3060 3060 HOH HOH A . 
C 3 HOH 61  3061 3061 HOH HOH A . 
C 3 HOH 62  3062 3062 HOH HOH A . 
C 3 HOH 63  3063 3063 HOH HOH A . 
C 3 HOH 64  3064 3064 HOH HOH A . 
C 3 HOH 65  3065 3065 HOH HOH A . 
C 3 HOH 66  3066 3066 HOH HOH A . 
C 3 HOH 67  3067 3067 HOH HOH A . 
C 3 HOH 68  3068 3068 HOH HOH A . 
C 3 HOH 69  3069 3069 HOH HOH A . 
C 3 HOH 70  3070 3070 HOH HOH A . 
C 3 HOH 71  3071 3071 HOH HOH A . 
C 3 HOH 72  3072 3072 HOH HOH A . 
C 3 HOH 73  3073 3073 HOH HOH A . 
C 3 HOH 74  3074 3074 HOH HOH A . 
C 3 HOH 75  3075 3075 HOH HOH A . 
C 3 HOH 76  3076 3076 HOH HOH A . 
C 3 HOH 77  3077 3077 HOH HOH A . 
C 3 HOH 78  3078 3078 HOH HOH A . 
C 3 HOH 79  3079 3079 HOH HOH A . 
C 3 HOH 80  3080 3080 HOH HOH A . 
C 3 HOH 81  3081 3081 HOH HOH A . 
C 3 HOH 82  3082 3082 HOH HOH A . 
C 3 HOH 83  3083 3083 HOH HOH A . 
C 3 HOH 84  3084 3084 HOH HOH A . 
C 3 HOH 85  3085 3085 HOH HOH A . 
C 3 HOH 86  3086 3086 HOH HOH A . 
C 3 HOH 87  3087 3087 HOH HOH A . 
C 3 HOH 88  3088 3088 HOH HOH A . 
C 3 HOH 89  3089 3089 HOH HOH A . 
C 3 HOH 90  3090 3090 HOH HOH A . 
C 3 HOH 91  3091 3091 HOH HOH A . 
C 3 HOH 92  3092 3092 HOH HOH A . 
C 3 HOH 93  3093 3093 HOH HOH A . 
C 3 HOH 94  3094 3094 HOH HOH A . 
C 3 HOH 95  3095 3095 HOH HOH A . 
C 3 HOH 96  3096 3096 HOH HOH A . 
C 3 HOH 97  3097 3097 HOH HOH A . 
C 3 HOH 98  3098 3098 HOH HOH A . 
C 3 HOH 99  3099 3099 HOH HOH A . 
C 3 HOH 100 3100 3100 HOH HOH A . 
C 3 HOH 101 3101 3101 HOH HOH A . 
C 3 HOH 102 3102 3102 HOH HOH A . 
C 3 HOH 103 3103 3103 HOH HOH A . 
C 3 HOH 104 3104 3104 HOH HOH A . 
C 3 HOH 105 3105 3105 HOH HOH A . 
C 3 HOH 106 3106 3106 HOH HOH A . 
C 3 HOH 107 3107 3107 HOH HOH A . 
C 3 HOH 108 3108 3108 HOH HOH A . 
C 3 HOH 109 3109 3109 HOH HOH A . 
C 3 HOH 110 3110 3110 HOH HOH A . 
C 3 HOH 111 3111 3111 HOH HOH A . 
C 3 HOH 112 3112 3112 HOH HOH A . 
C 3 HOH 113 3113 3113 HOH HOH A . 
C 3 HOH 114 3114 3114 HOH HOH A . 
C 3 HOH 115 3115 3115 HOH HOH A . 
C 3 HOH 116 3116 3116 HOH HOH A . 
C 3 HOH 117 3117 3117 HOH HOH A . 
C 3 HOH 118 3118 3118 HOH HOH A . 
C 3 HOH 119 3119 3119 HOH HOH A . 
C 3 HOH 120 3120 3120 HOH HOH A . 
C 3 HOH 121 3121 3121 HOH HOH A . 
C 3 HOH 122 3122 3122 HOH HOH A . 
C 3 HOH 123 3123 3123 HOH HOH A . 
C 3 HOH 124 3124 3124 HOH HOH A . 
C 3 HOH 125 3125 3125 HOH HOH A . 
C 3 HOH 126 3126 3126 HOH HOH A . 
C 3 HOH 127 3127 3127 HOH HOH A . 
C 3 HOH 128 3128 3128 HOH HOH A . 
C 3 HOH 129 3129 3129 HOH HOH A . 
C 3 HOH 130 3130 3130 HOH HOH A . 
C 3 HOH 131 3131 3131 HOH HOH A . 
C 3 HOH 132 3133 3133 HOH HOH A . 
C 3 HOH 133 3134 3134 HOH HOH A . 
C 3 HOH 134 3135 3135 HOH HOH A . 
C 3 HOH 135 3136 3136 HOH HOH A . 
C 3 HOH 136 3137 3137 HOH HOH A . 
C 3 HOH 137 3138 3138 HOH HOH A . 
C 3 HOH 138 3139 3139 HOH HOH A . 
C 3 HOH 139 3140 3140 HOH HOH A . 
C 3 HOH 140 3141 3141 HOH HOH A . 
C 3 HOH 141 3142 3142 HOH HOH A . 
C 3 HOH 142 3143 3143 HOH HOH A . 
C 3 HOH 143 3144 3144 HOH HOH A . 
C 3 HOH 144 3145 3145 HOH HOH A . 
C 3 HOH 145 3147 3147 HOH HOH A . 
# 
loop_
_pdbx_unobs_or_zero_occ_atoms.id 
_pdbx_unobs_or_zero_occ_atoms.PDB_model_num 
_pdbx_unobs_or_zero_occ_atoms.polymer_flag 
_pdbx_unobs_or_zero_occ_atoms.occupancy_flag 
_pdbx_unobs_or_zero_occ_atoms.auth_asym_id 
_pdbx_unobs_or_zero_occ_atoms.auth_comp_id 
_pdbx_unobs_or_zero_occ_atoms.auth_seq_id 
_pdbx_unobs_or_zero_occ_atoms.PDB_ins_code 
_pdbx_unobs_or_zero_occ_atoms.auth_atom_id 
_pdbx_unobs_or_zero_occ_atoms.label_alt_id 
_pdbx_unobs_or_zero_occ_atoms.label_asym_id 
_pdbx_unobs_or_zero_occ_atoms.label_comp_id 
_pdbx_unobs_or_zero_occ_atoms.label_seq_id 
_pdbx_unobs_or_zero_occ_atoms.label_atom_id 
1 1 Y 1 A GLU 1021 ? CG  ? A GLU 21 CG  
2 1 Y 1 A GLU 1021 ? CD  ? A GLU 21 CD  
3 1 Y 1 A GLU 1021 ? OE1 ? A GLU 21 OE1 
4 1 Y 1 A GLU 1021 ? OE2 ? A GLU 21 OE2 
# 
loop_
_software.name 
_software.version 
_software.date 
_software.type 
_software.contact_author 
_software.contact_author_email 
_software.classification 
_software.location 
_software.language 
_software.citation_id 
_software.pdbx_ordinal 
SHELX       .     ?               package 'George M. Sheldrick' gsheldr@shelx.uni-ac.gwdg.de refinement        
http://shelx.uni-ac.gwdg.de/SHELX/        Fortran_77 ? 1 
PDB_EXTRACT 3.006 'June 11, 2008' package PDB                   help@deposit.rcsb.org        'data extraction' 
http://sw-tools.pdb.org/apps/PDB_EXTRACT/ C++        ? 2 
HKL-2000    .     ?               ?       ?                     ?                            'data collection' ? ?          ? 3 
MOSFLM      .     ?               ?       ?                     ?                            'data reduction'  ? ?          ? 4 
SCALA       .     ?               ?       ?                     ?                            'data scaling'    ? ?          ? 5 
SHELXS      .     ?               ?       ?                     ?                            phasing           ? ?          ? 6 
SHELXL      .     ?               ?       ?                     ?                            refinement        ? ?          ? 7 
# 
_cell.length_a           45.456 
_cell.length_b           45.456 
_cell.length_c           72.903 
_cell.angle_alpha        90.000 
_cell.angle_beta         90.000 
_cell.angle_gamma        90.000 
_cell.entry_id           3FYM 
_cell.pdbx_unique_axis   ? 
_cell.Z_PDB              8 
_cell.length_a_esd       ? 
_cell.length_b_esd       ? 
_cell.length_c_esd       ? 
_cell.angle_alpha_esd    ? 
_cell.angle_beta_esd     ? 
_cell.angle_gamma_esd    ? 
# 
_symmetry.space_group_name_H-M             'P 43 21 2' 
_symmetry.entry_id                         3FYM 
_symmetry.pdbx_full_space_group_name_H-M   ? 
_symmetry.Int_Tables_number                96 
_symmetry.cell_setting                     ? 
_symmetry.space_group_name_Hall            ? 
# 
_exptl.crystals_number   1 
_exptl.entry_id          3FYM 
_exptl.method            'X-RAY DIFFRACTION' 
# 
_exptl_crystal.id                    1 
_exptl_crystal.pdbx_mosaicity        ? 
_exptl_crystal.pdbx_mosaicity_esd    ? 
_exptl_crystal.density_Matthews      ? 
_exptl_crystal.density_diffrn        ? 
_exptl_crystal.density_meas          ? 
_exptl_crystal.density_meas_temp     ? 
_exptl_crystal.density_percent_sol   ? 
_exptl_crystal.size_max              ? 
_exptl_crystal.size_mid              ? 
_exptl_crystal.size_min              ? 
_exptl_crystal.size_rad              ? 
_exptl_crystal.description           ? 
_exptl_crystal.F_000                 ? 
_exptl_crystal.preparation           ? 
# 
_exptl_crystal_grow.crystal_id      1 
_exptl_crystal_grow.method          'VAPOR DIFFUSION, HANGING DROP' 
_exptl_crystal_grow.pH              6.5 
_exptl_crystal_grow.temp            294 
_exptl_crystal_grow.pdbx_details    
'0.1M MES pH6.5, 0.01M Zinc Sulphate, 25% PEG 550MME, VAPOR DIFFUSION, HANGING DROP, temperature 294K' 
_exptl_crystal_grow.temp_details    ? 
_exptl_crystal_grow.pdbx_pH_range   . 
# 
_diffrn.id                     1 
_diffrn.ambient_temp           100 
_diffrn.ambient_temp_details   ? 
_diffrn.crystal_id             1 
# 
_diffrn_detector.diffrn_id              1 
_diffrn_detector.detector               ? 
_diffrn_detector.type                   ? 
_diffrn_detector.pdbx_collection_date   2006-02-02 
_diffrn_detector.details                ? 
# 
_diffrn_radiation.diffrn_id                        1 
_diffrn_radiation.pdbx_diffrn_protocol             'SINGLE WAVELENGTH' 
_diffrn_radiation.monochromator                    'Si 111 CHANNEL' 
_diffrn_radiation.wavelength_id                    1 
_diffrn_radiation.pdbx_monochromatic_or_laue_m_l   M 
_diffrn_radiation.pdbx_scattering_type             x-ray 
# 
_diffrn_radiation_wavelength.id           1 
_diffrn_radiation_wavelength.wavelength   2.07 
_diffrn_radiation_wavelength.wt           1.0 
# 
_diffrn_source.diffrn_id                   1 
_diffrn_source.source                      SYNCHROTRON 
_diffrn_source.type                        'SRS BEAMLINE PX10.1' 
_diffrn_source.pdbx_wavelength_list        2.07 
_diffrn_source.pdbx_wavelength             ? 
_diffrn_source.pdbx_synchrotron_site       SRS 
_diffrn_source.pdbx_synchrotron_beamline   PX10.1 
# 
_reflns.entry_id                     3FYM 
_reflns.observed_criterion_sigma_F   1 
_reflns.observed_criterion_sigma_I   1 
_reflns.d_resolution_high            1 
_reflns.d_resolution_low             20 
_reflns.number_all                   38933 
_reflns.number_obs                   38933 
_reflns.percent_possible_obs         92.5 
_reflns.pdbx_Rmerge_I_obs            ? 
_reflns.pdbx_Rsym_value              ? 
_reflns.pdbx_netI_over_sigmaI        ? 
_reflns.B_iso_Wilson_estimate        ? 
_reflns.pdbx_redundancy              ? 
_reflns.R_free_details               ? 
_reflns.limit_h_max                  ? 
_reflns.limit_h_min                  ? 
_reflns.limit_k_max                  ? 
_reflns.limit_k_min                  ? 
_reflns.limit_l_max                  ? 
_reflns.limit_l_min                  ? 
_reflns.observed_criterion_F_max     ? 
_reflns.observed_criterion_F_min     ? 
_reflns.pdbx_chi_squared             ? 
_reflns.pdbx_scaling_rejects         ? 
_reflns.pdbx_diffrn_id               1 
_reflns.pdbx_ordinal                 1 
# 
_reflns_shell.d_res_high             1 
_reflns_shell.d_res_low              20 
_reflns_shell.percent_possible_obs   ? 
_reflns_shell.percent_possible_all   92.5 
_reflns_shell.Rmerge_I_obs           ? 
_reflns_shell.meanI_over_sigI_obs    ? 
_reflns_shell.pdbx_Rsym_value        ? 
_reflns_shell.pdbx_redundancy        ? 
_reflns_shell.number_unique_all      ? 
_reflns_shell.number_measured_all    ? 
_reflns_shell.number_measured_obs    ? 
_reflns_shell.number_unique_obs      ? 
_reflns_shell.pdbx_chi_squared       ? 
_reflns_shell.pdbx_diffrn_id         ? 
_reflns_shell.pdbx_ordinal           1 
# 
_refine.entry_id                                 3FYM 
_refine.B_iso_mean                               16.077 
_refine.pdbx_method_to_determine_struct          ? 
_refine.B_iso_max                                55.31 
_refine.B_iso_min                                6.99 
_refine.occupancy_max                            1.00 
_refine.occupancy_min                            0.24 
_refine.ls_d_res_high                            1 
_refine.ls_d_res_low                             20 
_refine.pdbx_ls_sigma_F                          0 
_refine.pdbx_ls_sigma_I                          ? 
_refine.ls_number_reflns_all                     38933 
_refine.ls_number_reflns_obs                     38933 
_refine.ls_number_reflns_R_free                  14 
_refine.ls_percent_reflns_obs                    ? 
_refine.ls_R_factor_all                          ? 
_refine.ls_R_factor_obs                          0.11 
_refine.ls_R_factor_R_work                       0.11 
_refine.ls_R_factor_R_free                       0.14 
_refine.ls_redundancy_reflns_obs                 ? 
_refine.pdbx_data_cutoff_high_absF               ? 
_refine.pdbx_data_cutoff_low_absF                ? 
_refine.ls_number_parameters                     ? 
_refine.ls_number_restraints                     ? 
_refine.ls_percent_reflns_R_free                 5 
_refine.ls_R_factor_R_free_error                 ? 
_refine.ls_R_factor_R_free_error_details         ? 
_refine.pdbx_starting_model                      ? 
_refine.pdbx_ls_cross_valid_method               ? 
_refine.pdbx_R_Free_selection_details            RANDOM 
_refine.pdbx_stereochem_target_val_spec_case     ? 
_refine.pdbx_stereochemistry_target_values       ? 
_refine.solvent_model_details                    ? 
_refine.solvent_model_param_bsol                 ? 
_refine.solvent_model_param_ksol                 ? 
_refine.pdbx_isotropic_thermal_model             ? 
_refine.aniso_B[1][1]                            ? 
_refine.aniso_B[1][2]                            ? 
_refine.aniso_B[1][3]                            ? 
_refine.aniso_B[2][2]                            ? 
_refine.aniso_B[2][3]                            ? 
_refine.aniso_B[3][3]                            ? 
_refine.details                                  ? 
_refine.correlation_coeff_Fo_to_Fc               ? 
_refine.correlation_coeff_Fo_to_Fc_free          ? 
_refine.pdbx_solvent_vdw_probe_radii             ? 
_refine.pdbx_solvent_ion_probe_radii             ? 
_refine.pdbx_solvent_shrinkage_radii             ? 
_refine.overall_SU_R_Cruickshank_DPI             ? 
_refine.overall_SU_R_free                        ? 
_refine.overall_SU_ML                            ? 
_refine.overall_SU_B                             ? 
_refine.pdbx_overall_ESU_R_Free                  ? 
_refine.pdbx_data_cutoff_high_rms_absF           ? 
_refine.pdbx_overall_ESU_R                       ? 
_refine.ls_wR_factor_R_free                      ? 
_refine.ls_wR_factor_R_work                      ? 
_refine.overall_FOM_free_R_set                   ? 
_refine.overall_FOM_work_R_set                   ? 
_refine.pdbx_refine_id                           'X-RAY DIFFRACTION' 
_refine.pdbx_overall_phase_error                 ? 
_refine.pdbx_diffrn_id                           1 
_refine.pdbx_TLS_residual_ADP_flag               ? 
_refine.pdbx_overall_SU_R_free_Cruickshank_DPI   ? 
_refine.pdbx_overall_SU_R_Blow_DPI               ? 
_refine.pdbx_overall_SU_R_free_Blow_DPI          ? 
# 
_refine_hist.pdbx_refine_id                   'X-RAY DIFFRACTION' 
_refine_hist.cycle_id                         LAST 
_refine_hist.pdbx_number_atoms_protein        700 
_refine_hist.pdbx_number_atoms_nucleic_acid   0 
_refine_hist.pdbx_number_atoms_ligand         1 
_refine_hist.number_atoms_solvent             145 
_refine_hist.number_atoms_total               846 
_refine_hist.d_res_high                       1 
_refine_hist.d_res_low                        20 
# 
loop_
_refine_ls_restr.type 
_refine_ls_restr.dev_ideal 
_refine_ls_restr.dev_ideal_target 
_refine_ls_restr.number 
_refine_ls_restr.weight 
_refine_ls_restr.pdbx_refine_id 
_refine_ls_restr.pdbx_restraint_function 
s_bond_d  0.018 ? ? ? 'X-RAY DIFFRACTION' ? 
s_angle_d 0.038 ? ? ? 'X-RAY DIFFRACTION' ? 
# 
_struct.entry_id                  3FYM 
_struct.title                     'The 1A structure of YmfM, a putative DNA-binding membrane protein from Staphylococcus aureus' 
_struct.pdbx_model_details        ? 
_struct.pdbx_CASP_flag            ? 
_struct.pdbx_model_type_details   ? 
# 
_struct_keywords.entry_id        3FYM 
_struct_keywords.text            'HTH DNA binding, DNA BINDING PROTEIN' 
_struct_keywords.pdbx_keywords   'DNA BINDING PROTEIN' 
# 
loop_
_struct_asym.id 
_struct_asym.pdbx_blank_PDB_chainid_flag 
_struct_asym.pdbx_modified 
_struct_asym.entity_id 
_struct_asym.details 
A N N 1 ? 
B N N 2 ? 
C N N 3 ? 
# 
_struct_ref.id                         1 
_struct_ref.db_name                    UNP 
_struct_ref.db_code                    Q99UJ0_STAAM 
_struct_ref.pdbx_db_accession          Q99UJ0 
_struct_ref.entity_id                  1 
_struct_ref.pdbx_seq_one_letter_code   
;MKTVGEALKGRRERLGMTLTELEQRTGIKREMLVHIENNEFDQLPNKNYSEGFIRKYASVVNIEPNQLIQAHQDEIPSNQ
AEWDEVITVFNNNKDLDYKSKSKEPIQLLVIMGITVLITLLLWIMLVLIF
;
_struct_ref.pdbx_align_begin           1 
_struct_ref.pdbx_db_isoform            ? 
# 
_struct_ref_seq.align_id                      1 
_struct_ref_seq.ref_id                        1 
_struct_ref_seq.pdbx_PDB_id_code              3FYM 
_struct_ref_seq.pdbx_strand_id                A 
_struct_ref_seq.seq_align_beg                 1 
_struct_ref_seq.pdbx_seq_align_beg_ins_code   ? 
_struct_ref_seq.seq_align_end                 130 
_struct_ref_seq.pdbx_seq_align_end_ins_code   ? 
_struct_ref_seq.pdbx_db_accession             Q99UJ0 
_struct_ref_seq.db_align_beg                  1 
_struct_ref_seq.pdbx_db_align_beg_ins_code    ? 
_struct_ref_seq.db_align_end                  130 
_struct_ref_seq.pdbx_db_align_end_ins_code    ? 
_struct_ref_seq.pdbx_auth_seq_align_beg       1001 
_struct_ref_seq.pdbx_auth_seq_align_end       1130 
# 
_pdbx_struct_assembly.id                   1 
_pdbx_struct_assembly.details              author_and_software_defined_assembly 
_pdbx_struct_assembly.method_details       PISA 
_pdbx_struct_assembly.oligomeric_details   monomeric 
_pdbx_struct_assembly.oligomeric_count     1 
# 
_pdbx_struct_assembly_gen.assembly_id       1 
_pdbx_struct_assembly_gen.oper_expression   1 
_pdbx_struct_assembly_gen.asym_id_list      A,B,C 
# 
_pdbx_struct_oper_list.id                   1 
_pdbx_struct_oper_list.type                 'identity operation' 
_pdbx_struct_oper_list.name                 1_555 
_pdbx_struct_oper_list.symmetry_operation   x,y,z 
_pdbx_struct_oper_list.matrix[1][1]         1.0000000000 
_pdbx_struct_oper_list.matrix[1][2]         0.0000000000 
_pdbx_struct_oper_list.matrix[1][3]         0.0000000000 
_pdbx_struct_oper_list.vector[1]            0.0000000000 
_pdbx_struct_oper_list.matrix[2][1]         0.0000000000 
_pdbx_struct_oper_list.matrix[2][2]         1.0000000000 
_pdbx_struct_oper_list.matrix[2][3]         0.0000000000 
_pdbx_struct_oper_list.vector[2]            0.0000000000 
_pdbx_struct_oper_list.matrix[3][1]         0.0000000000 
_pdbx_struct_oper_list.matrix[3][2]         0.0000000000 
_pdbx_struct_oper_list.matrix[3][3]         1.0000000000 
_pdbx_struct_oper_list.vector[3]            0.0000000000 
# 
_struct_biol.id        1 
_struct_biol.details   ? 
# 
loop_
_struct_conf.conf_type_id 
_struct_conf.id 
_struct_conf.pdbx_PDB_helix_id 
_struct_conf.beg_label_comp_id 
_struct_conf.beg_label_asym_id 
_struct_conf.beg_label_seq_id 
_struct_conf.pdbx_beg_PDB_ins_code 
_struct_conf.end_label_comp_id 
_struct_conf.end_label_asym_id 
_struct_conf.end_label_seq_id 
_struct_conf.pdbx_end_PDB_ins_code 
_struct_conf.beg_auth_comp_id 
_struct_conf.beg_auth_asym_id 
_struct_conf.beg_auth_seq_id 
_struct_conf.end_auth_comp_id 
_struct_conf.end_auth_asym_id 
_struct_conf.end_auth_seq_id 
_struct_conf.pdbx_PDB_helix_class 
_struct_conf.details 
_struct_conf.pdbx_PDB_helix_length 
HELX_P HELX_P1 1 THR A 3  ? LEU A 15 ? THR A 1003 LEU A 1015 1 ? 13 
HELX_P HELX_P2 2 THR A 18 ? GLY A 27 ? THR A 1018 GLY A 1027 1 ? 10 
HELX_P HELX_P3 3 LYS A 29 ? ASN A 38 ? LYS A 1029 ASN A 1038 1 ? 10 
HELX_P HELX_P4 4 GLU A 40 ? LEU A 44 ? GLU A 1040 LEU A 1044 5 ? 5  
HELX_P HELX_P5 5 ASN A 46 ? ASN A 48 ? ASN A 1046 ASN A 1048 5 ? 3  
HELX_P HELX_P6 6 TYR A 49 ? VAL A 61 ? TYR A 1049 VAL A 1061 1 ? 13 
HELX_P HELX_P7 7 GLU A 64 ? HIS A 72 ? GLU A 1064 HIS A 1072 1 ? 9  
# 
_struct_conf_type.id          HELX_P 
_struct_conf_type.criteria    ? 
_struct_conf_type.reference   ? 
# 
loop_
_struct_conn.id 
_struct_conn.conn_type_id 
_struct_conn.pdbx_leaving_atom_flag 
_struct_conn.pdbx_PDB_id 
_struct_conn.ptnr1_label_asym_id 
_struct_conn.ptnr1_label_comp_id 
_struct_conn.ptnr1_label_seq_id 
_struct_conn.ptnr1_label_atom_id 
_struct_conn.pdbx_ptnr1_label_alt_id 
_struct_conn.pdbx_ptnr1_PDB_ins_code 
_struct_conn.pdbx_ptnr1_standard_comp_id 
_struct_conn.ptnr1_symmetry 
_struct_conn.ptnr2_label_asym_id 
_struct_conn.ptnr2_label_comp_id 
_struct_conn.ptnr2_label_seq_id 
_struct_conn.ptnr2_label_atom_id 
_struct_conn.pdbx_ptnr2_label_alt_id 
_struct_conn.pdbx_ptnr2_PDB_ins_code 
_struct_conn.ptnr1_auth_asym_id 
_struct_conn.ptnr1_auth_comp_id 
_struct_conn.ptnr1_auth_seq_id 
_struct_conn.ptnr2_auth_asym_id 
_struct_conn.ptnr2_auth_comp_id 
_struct_conn.ptnr2_auth_seq_id 
_struct_conn.ptnr2_symmetry 
_struct_conn.pdbx_ptnr3_label_atom_id 
_struct_conn.pdbx_ptnr3_label_seq_id 
_struct_conn.pdbx_ptnr3_label_comp_id 
_struct_conn.pdbx_ptnr3_label_asym_id 
_struct_conn.pdbx_ptnr3_label_alt_id 
_struct_conn.pdbx_ptnr3_PDB_ins_code 
_struct_conn.details 
_struct_conn.pdbx_dist_value 
_struct_conn.pdbx_value_order 
_struct_conn.pdbx_role 
metalc1 metalc ? ? A GLU 31 OE2 ? ? ? 1_555 B ZN  . ZN ? ? A GLU 1031 A ZN  2001 1_555 ? ? ? ? ? ? ? 1.916 ? ? 
metalc2 metalc ? ? A HIS 35 NE2 ? ? ? 1_555 B ZN  . ZN ? ? A HIS 1035 A ZN  2001 1_555 ? ? ? ? ? ? ? 1.972 ? ? 
metalc3 metalc ? ? B ZN  .  ZN  ? ? ? 1_555 C HOH . O  ? ? A ZN  2001 A HOH 3101 1_555 ? ? ? ? ? ? ? 1.993 ? ? 
# 
_struct_conn_type.id          metalc 
_struct_conn_type.criteria    ? 
_struct_conn_type.reference   ? 
# 
loop_
_pdbx_struct_conn_angle.id 
_pdbx_struct_conn_angle.ptnr1_label_atom_id 
_pdbx_struct_conn_angle.ptnr1_label_alt_id 
_pdbx_struct_conn_angle.ptnr1_label_asym_id 
_pdbx_struct_conn_angle.ptnr1_label_comp_id 
_pdbx_struct_conn_angle.ptnr1_label_seq_id 
_pdbx_struct_conn_angle.ptnr1_auth_atom_id 
_pdbx_struct_conn_angle.ptnr1_auth_asym_id 
_pdbx_struct_conn_angle.ptnr1_auth_comp_id 
_pdbx_struct_conn_angle.ptnr1_auth_seq_id 
_pdbx_struct_conn_angle.ptnr1_PDB_ins_code 
_pdbx_struct_conn_angle.ptnr1_symmetry 
_pdbx_struct_conn_angle.ptnr2_label_atom_id 
_pdbx_struct_conn_angle.ptnr2_label_alt_id 
_pdbx_struct_conn_angle.ptnr2_label_asym_id 
_pdbx_struct_conn_angle.ptnr2_label_comp_id 
_pdbx_struct_conn_angle.ptnr2_label_seq_id 
_pdbx_struct_conn_angle.ptnr2_auth_atom_id 
_pdbx_struct_conn_angle.ptnr2_auth_asym_id 
_pdbx_struct_conn_angle.ptnr2_auth_comp_id 
_pdbx_struct_conn_angle.ptnr2_auth_seq_id 
_pdbx_struct_conn_angle.ptnr2_PDB_ins_code 
_pdbx_struct_conn_angle.ptnr2_symmetry 
_pdbx_struct_conn_angle.ptnr3_label_atom_id 
_pdbx_struct_conn_angle.ptnr3_label_alt_id 
_pdbx_struct_conn_angle.ptnr3_label_asym_id 
_pdbx_struct_conn_angle.ptnr3_label_comp_id 
_pdbx_struct_conn_angle.ptnr3_label_seq_id 
_pdbx_struct_conn_angle.ptnr3_auth_atom_id 
_pdbx_struct_conn_angle.ptnr3_auth_asym_id 
_pdbx_struct_conn_angle.ptnr3_auth_comp_id 
_pdbx_struct_conn_angle.ptnr3_auth_seq_id 
_pdbx_struct_conn_angle.ptnr3_PDB_ins_code 
_pdbx_struct_conn_angle.ptnr3_symmetry 
_pdbx_struct_conn_angle.value 
_pdbx_struct_conn_angle.value_esd 
1 OE2 ? A GLU 31 ? A GLU 1031 ? 1_555 ZN ? B ZN . ? A ZN 2001 ? 1_555 NE2 ? A HIS 35 ? A HIS 1035 ? 1_555 122.3 ? 
2 OE2 ? A GLU 31 ? A GLU 1031 ? 1_555 ZN ? B ZN . ? A ZN 2001 ? 1_555 O   ? C HOH .  ? A HOH 3101 ? 1_555 98.1  ? 
3 NE2 ? A HIS 35 ? A HIS 1035 ? 1_555 ZN ? B ZN . ? A ZN 2001 ? 1_555 O   ? C HOH .  ? A HOH 3101 ? 1_555 110.5 ? 
# 
_struct_site.id                   AC1 
_struct_site.pdbx_evidence_code   Software 
_struct_site.pdbx_auth_asym_id    A 
_struct_site.pdbx_auth_comp_id    ZN 
_struct_site.pdbx_auth_seq_id     2001 
_struct_site.pdbx_auth_ins_code   ? 
_struct_site.pdbx_num_residues    4 
_struct_site.details              'BINDING SITE FOR RESIDUE ZN A 2001' 
# 
loop_
_struct_site_gen.id 
_struct_site_gen.site_id 
_struct_site_gen.pdbx_num_res 
_struct_site_gen.label_comp_id 
_struct_site_gen.label_asym_id 
_struct_site_gen.label_seq_id 
_struct_site_gen.pdbx_auth_ins_code 
_struct_site_gen.auth_comp_id 
_struct_site_gen.auth_asym_id 
_struct_site_gen.auth_seq_id 
_struct_site_gen.label_atom_id 
_struct_site_gen.label_alt_id 
_struct_site_gen.symmetry 
_struct_site_gen.details 
1 AC1 4 GLU A 31 ? GLU A 1031 . ? 1_555 ? 
2 AC1 4 HIS A 35 ? HIS A 1035 . ? 1_555 ? 
3 AC1 4 GLU A 51 ? GLU A 1051 . ? 6_455 ? 
4 AC1 4 HOH C .  ? HOH A 3101 . ? 1_555 ? 
# 
loop_
_pdbx_validate_close_contact.id 
_pdbx_validate_close_contact.PDB_model_num 
_pdbx_validate_close_contact.auth_atom_id_1 
_pdbx_validate_close_contact.auth_asym_id_1 
_pdbx_validate_close_contact.auth_comp_id_1 
_pdbx_validate_close_contact.auth_seq_id_1 
_pdbx_validate_close_contact.PDB_ins_code_1 
_pdbx_validate_close_contact.label_alt_id_1 
_pdbx_validate_close_contact.auth_atom_id_2 
_pdbx_validate_close_contact.auth_asym_id_2 
_pdbx_validate_close_contact.auth_comp_id_2 
_pdbx_validate_close_contact.auth_seq_id_2 
_pdbx_validate_close_contact.PDB_ins_code_2 
_pdbx_validate_close_contact.label_alt_id_2 
_pdbx_validate_close_contact.dist 
1 1 O A HOH 3108 ? ? O A HOH 3124 ? ? 1.97 
2 1 O A HOH 3122 ? ? O A HOH 3131 ? ? 2.08 
# 
_pdbx_validate_symm_contact.id                1 
_pdbx_validate_symm_contact.PDB_model_num     1 
_pdbx_validate_symm_contact.auth_atom_id_1    O 
_pdbx_validate_symm_contact.auth_asym_id_1    A 
_pdbx_validate_symm_contact.auth_comp_id_1    HOH 
_pdbx_validate_symm_contact.auth_seq_id_1     3096 
_pdbx_validate_symm_contact.PDB_ins_code_1    ? 
_pdbx_validate_symm_contact.label_alt_id_1    ? 
_pdbx_validate_symm_contact.site_symmetry_1   1_555 
_pdbx_validate_symm_contact.auth_atom_id_2    O 
_pdbx_validate_symm_contact.auth_asym_id_2    A 
_pdbx_validate_symm_contact.auth_comp_id_2    HOH 
_pdbx_validate_symm_contact.auth_seq_id_2     3097 
_pdbx_validate_symm_contact.PDB_ins_code_2    ? 
_pdbx_validate_symm_contact.label_alt_id_2    ? 
_pdbx_validate_symm_contact.site_symmetry_2   5_555 
_pdbx_validate_symm_contact.dist              2.13 
# 
loop_
_pdbx_validate_rmsd_bond.id 
_pdbx_validate_rmsd_bond.PDB_model_num 
_pdbx_validate_rmsd_bond.auth_atom_id_1 
_pdbx_validate_rmsd_bond.auth_asym_id_1 
_pdbx_validate_rmsd_bond.auth_comp_id_1 
_pdbx_validate_rmsd_bond.auth_seq_id_1 
_pdbx_validate_rmsd_bond.PDB_ins_code_1 
_pdbx_validate_rmsd_bond.label_alt_id_1 
_pdbx_validate_rmsd_bond.auth_atom_id_2 
_pdbx_validate_rmsd_bond.auth_asym_id_2 
_pdbx_validate_rmsd_bond.auth_comp_id_2 
_pdbx_validate_rmsd_bond.auth_seq_id_2 
_pdbx_validate_rmsd_bond.PDB_ins_code_2 
_pdbx_validate_rmsd_bond.label_alt_id_2 
_pdbx_validate_rmsd_bond.bond_value 
_pdbx_validate_rmsd_bond.bond_target_value 
_pdbx_validate_rmsd_bond.bond_deviation 
_pdbx_validate_rmsd_bond.bond_standard_deviation 
_pdbx_validate_rmsd_bond.linker_flag 
1 1 CD A GLU 1023 ? ? OE1 A GLU 1023 ? ? 1.166 1.252 -0.086 0.011 N 
2 1 CG A GLU 1082 ? ? CD  A GLU 1082 ? ? 1.399 1.515 -0.116 0.015 N 
# 
loop_
_pdbx_validate_rmsd_angle.id 
_pdbx_validate_rmsd_angle.PDB_model_num 
_pdbx_validate_rmsd_angle.auth_atom_id_1 
_pdbx_validate_rmsd_angle.auth_asym_id_1 
_pdbx_validate_rmsd_angle.auth_comp_id_1 
_pdbx_validate_rmsd_angle.auth_seq_id_1 
_pdbx_validate_rmsd_angle.PDB_ins_code_1 
_pdbx_validate_rmsd_angle.label_alt_id_1 
_pdbx_validate_rmsd_angle.auth_atom_id_2 
_pdbx_validate_rmsd_angle.auth_asym_id_2 
_pdbx_validate_rmsd_angle.auth_comp_id_2 
_pdbx_validate_rmsd_angle.auth_seq_id_2 
_pdbx_validate_rmsd_angle.PDB_ins_code_2 
_pdbx_validate_rmsd_angle.label_alt_id_2 
_pdbx_validate_rmsd_angle.auth_atom_id_3 
_pdbx_validate_rmsd_angle.auth_asym_id_3 
_pdbx_validate_rmsd_angle.auth_comp_id_3 
_pdbx_validate_rmsd_angle.auth_seq_id_3 
_pdbx_validate_rmsd_angle.PDB_ins_code_3 
_pdbx_validate_rmsd_angle.label_alt_id_3 
_pdbx_validate_rmsd_angle.angle_value 
_pdbx_validate_rmsd_angle.angle_target_value 
_pdbx_validate_rmsd_angle.angle_deviation 
_pdbx_validate_rmsd_angle.angle_standard_deviation 
_pdbx_validate_rmsd_angle.linker_flag 
1  1 NE  A ARG 1014 ? ? CZ A ARG 1014 ? ? NH1 A ARG 1014 ? ? 113.93 120.30 -6.37  0.50 N 
2  1 NE  A ARG 1014 ? ? CZ A ARG 1014 ? ? NH2 A ARG 1014 ? ? 123.32 120.30 3.02   0.50 N 
3  1 OE1 A GLU 1023 ? ? CD A GLU 1023 ? ? OE2 A GLU 1023 ? ? 111.41 123.30 -11.89 1.20 N 
4  1 CG  A ARG 1025 ? ? CD A ARG 1025 ? ? NE  A ARG 1025 ? ? 125.50 111.80 13.70  2.10 N 
5  1 CD  A ARG 1025 ? ? NE A ARG 1025 ? ? CZ  A ARG 1025 ? ? 133.93 123.60 10.33  1.40 N 
6  1 NE  A ARG 1025 ? ? CZ A ARG 1025 ? ? NH1 A ARG 1025 ? ? 124.44 120.30 4.14   0.50 N 
7  1 O   A GLY 1027 ? ? C  A GLY 1027 ? ? N   A ILE 1028 ? ? 110.48 122.70 -12.22 1.60 Y 
8  1 C   A GLY 1027 ? ? N  A ILE 1028 ? ? CA  A ILE 1028 ? ? 141.19 121.70 19.49  2.50 Y 
9  1 CB  A TYR 1057 ? ? CG A TYR 1057 ? ? CD1 A TYR 1057 ? ? 125.32 121.00 4.32   0.60 N 
10 1 CB  A GLU 1082 ? ? CG A GLU 1082 ? ? CD  A GLU 1082 ? ? 156.79 114.20 42.59  2.70 N 
# 
_pdbx_struct_special_symmetry.id              1 
_pdbx_struct_special_symmetry.PDB_model_num   1 
_pdbx_struct_special_symmetry.auth_asym_id    A 
_pdbx_struct_special_symmetry.auth_comp_id    HOH 
_pdbx_struct_special_symmetry.auth_seq_id     3041 
_pdbx_struct_special_symmetry.PDB_ins_code    ? 
_pdbx_struct_special_symmetry.label_asym_id   C 
_pdbx_struct_special_symmetry.label_comp_id   HOH 
_pdbx_struct_special_symmetry.label_seq_id    . 
# 
loop_
_pdbx_unobs_or_zero_occ_residues.id 
_pdbx_unobs_or_zero_occ_residues.PDB_model_num 
_pdbx_unobs_or_zero_occ_residues.polymer_flag 
_pdbx_unobs_or_zero_occ_residues.occupancy_flag 
_pdbx_unobs_or_zero_occ_residues.auth_asym_id 
_pdbx_unobs_or_zero_occ_residues.auth_comp_id 
_pdbx_unobs_or_zero_occ_residues.auth_seq_id 
_pdbx_unobs_or_zero_occ_residues.PDB_ins_code 
_pdbx_unobs_or_zero_occ_residues.label_asym_id 
_pdbx_unobs_or_zero_occ_residues.label_comp_id 
_pdbx_unobs_or_zero_occ_residues.label_seq_id 
1  1 Y 1 A MET 1001 ? A MET 1   
2  1 Y 1 A ASP 1084 ? A ASP 84  
3  1 Y 1 A GLU 1085 ? A GLU 85  
4  1 Y 1 A VAL 1086 ? A VAL 86  
5  1 Y 1 A ILE 1087 ? A ILE 87  
6  1 Y 1 A THR 1088 ? A THR 88  
7  1 Y 1 A VAL 1089 ? A VAL 89  
8  1 Y 1 A PHE 1090 ? A PHE 90  
9  1 Y 1 A ASN 1091 ? A ASN 91  
10 1 Y 1 A ASN 1092 ? A ASN 92  
11 1 Y 1 A ASN 1093 ? A ASN 93  
12 1 Y 1 A LYS 1094 ? A LYS 94  
13 1 Y 1 A ASP 1095 ? A ASP 95  
14 1 Y 1 A LEU 1096 ? A LEU 96  
15 1 Y 1 A ASP 1097 ? A ASP 97  
16 1 Y 1 A TYR 1098 ? A TYR 98  
17 1 Y 1 A LYS 1099 ? A LYS 99  
18 1 Y 1 A SER 1100 ? A SER 100 
19 1 Y 1 A LYS 1101 ? A LYS 101 
20 1 Y 1 A SER 1102 ? A SER 102 
21 1 Y 1 A LYS 1103 ? A LYS 103 
22 1 Y 1 A GLU 1104 ? A GLU 104 
23 1 Y 1 A PRO 1105 ? A PRO 105 
24 1 Y 1 A ILE 1106 ? A ILE 106 
25 1 Y 1 A GLN 1107 ? A GLN 107 
26 1 Y 1 A LEU 1108 ? A LEU 108 
27 1 Y 1 A LEU 1109 ? A LEU 109 
28 1 Y 1 A VAL 1110 ? A VAL 110 
29 1 Y 1 A ILE 1111 ? A ILE 111 
30 1 Y 1 A MET 1112 ? A MET 112 
31 1 Y 1 A GLY 1113 ? A GLY 113 
32 1 Y 1 A ILE 1114 ? A ILE 114 
33 1 Y 1 A THR 1115 ? A THR 115 
34 1 Y 1 A VAL 1116 ? A VAL 116 
35 1 Y 1 A LEU 1117 ? A LEU 117 
36 1 Y 1 A ILE 1118 ? A ILE 118 
37 1 Y 1 A THR 1119 ? A THR 119 
38 1 Y 1 A LEU 1120 ? A LEU 120 
39 1 Y 1 A LEU 1121 ? A LEU 121 
40 1 Y 1 A LEU 1122 ? A LEU 122 
41 1 Y 1 A TRP 1123 ? A TRP 123 
42 1 Y 1 A ILE 1124 ? A ILE 124 
43 1 Y 1 A MET 1125 ? A MET 125 
44 1 Y 1 A LEU 1126 ? A LEU 126 
45 1 Y 1 A VAL 1127 ? A VAL 127 
46 1 Y 1 A LEU 1128 ? A LEU 128 
47 1 Y 1 A ILE 1129 ? A ILE 129 
48 1 Y 1 A PHE 1130 ? A PHE 130 
# 
loop_
_chem_comp_atom.comp_id 
_chem_comp_atom.atom_id 
_chem_comp_atom.type_symbol 
_chem_comp_atom.pdbx_aromatic_flag 
_chem_comp_atom.pdbx_stereo_config 
_chem_comp_atom.pdbx_ordinal 
ALA N    N  N N 1   
ALA CA   C  N S 2   
ALA C    C  N N 3   
ALA O    O  N N 4   
ALA CB   C  N N 5   
ALA OXT  O  N N 6   
ALA H    H  N N 7   
ALA H2   H  N N 8   
ALA HA   H  N N 9   
ALA HB1  H  N N 10  
ALA HB2  H  N N 11  
ALA HB3  H  N N 12  
ALA HXT  H  N N 13  
ARG N    N  N N 14  
ARG CA   C  N S 15  
ARG C    C  N N 16  
ARG O    O  N N 17  
ARG CB   C  N N 18  
ARG CG   C  N N 19  
ARG CD   C  N N 20  
ARG NE   N  N N 21  
ARG CZ   C  N N 22  
ARG NH1  N  N N 23  
ARG NH2  N  N N 24  
ARG OXT  O  N N 25  
ARG H    H  N N 26  
ARG H2   H  N N 27  
ARG HA   H  N N 28  
ARG HB2  H  N N 29  
ARG HB3  H  N N 30  
ARG HG2  H  N N 31  
ARG HG3  H  N N 32  
ARG HD2  H  N N 33  
ARG HD3  H  N N 34  
ARG HE   H  N N 35  
ARG HH11 H  N N 36  
ARG HH12 H  N N 37  
ARG HH21 H  N N 38  
ARG HH22 H  N N 39  
ARG HXT  H  N N 40  
ASN N    N  N N 41  
ASN CA   C  N S 42  
ASN C    C  N N 43  
ASN O    O  N N 44  
ASN CB   C  N N 45  
ASN CG   C  N N 46  
ASN OD1  O  N N 47  
ASN ND2  N  N N 48  
ASN OXT  O  N N 49  
ASN H    H  N N 50  
ASN H2   H  N N 51  
ASN HA   H  N N 52  
ASN HB2  H  N N 53  
ASN HB3  H  N N 54  
ASN HD21 H  N N 55  
ASN HD22 H  N N 56  
ASN HXT  H  N N 57  
ASP N    N  N N 58  
ASP CA   C  N S 59  
ASP C    C  N N 60  
ASP O    O  N N 61  
ASP CB   C  N N 62  
ASP CG   C  N N 63  
ASP OD1  O  N N 64  
ASP OD2  O  N N 65  
ASP OXT  O  N N 66  
ASP H    H  N N 67  
ASP H2   H  N N 68  
ASP HA   H  N N 69  
ASP HB2  H  N N 70  
ASP HB3  H  N N 71  
ASP HD2  H  N N 72  
ASP HXT  H  N N 73  
GLN N    N  N N 74  
GLN CA   C  N S 75  
GLN C    C  N N 76  
GLN O    O  N N 77  
GLN CB   C  N N 78  
GLN CG   C  N N 79  
GLN CD   C  N N 80  
GLN OE1  O  N N 81  
GLN NE2  N  N N 82  
GLN OXT  O  N N 83  
GLN H    H  N N 84  
GLN H2   H  N N 85  
GLN HA   H  N N 86  
GLN HB2  H  N N 87  
GLN HB3  H  N N 88  
GLN HG2  H  N N 89  
GLN HG3  H  N N 90  
GLN HE21 H  N N 91  
GLN HE22 H  N N 92  
GLN HXT  H  N N 93  
GLU N    N  N N 94  
GLU CA   C  N S 95  
GLU C    C  N N 96  
GLU O    O  N N 97  
GLU CB   C  N N 98  
GLU CG   C  N N 99  
GLU CD   C  N N 100 
GLU OE1  O  N N 101 
GLU OE2  O  N N 102 
GLU OXT  O  N N 103 
GLU H    H  N N 104 
GLU H2   H  N N 105 
GLU HA   H  N N 106 
GLU HB2  H  N N 107 
GLU HB3  H  N N 108 
GLU HG2  H  N N 109 
GLU HG3  H  N N 110 
GLU HE2  H  N N 111 
GLU HXT  H  N N 112 
GLY N    N  N N 113 
GLY CA   C  N N 114 
GLY C    C  N N 115 
GLY O    O  N N 116 
GLY OXT  O  N N 117 
GLY H    H  N N 118 
GLY H2   H  N N 119 
GLY HA2  H  N N 120 
GLY HA3  H  N N 121 
GLY HXT  H  N N 122 
HIS N    N  N N 123 
HIS CA   C  N S 124 
HIS C    C  N N 125 
HIS O    O  N N 126 
HIS CB   C  N N 127 
HIS CG   C  Y N 128 
HIS ND1  N  Y N 129 
HIS CD2  C  Y N 130 
HIS CE1  C  Y N 131 
HIS NE2  N  Y N 132 
HIS OXT  O  N N 133 
HIS H    H  N N 134 
HIS H2   H  N N 135 
HIS HA   H  N N 136 
HIS HB2  H  N N 137 
HIS HB3  H  N N 138 
HIS HD1  H  N N 139 
HIS HD2  H  N N 140 
HIS HE1  H  N N 141 
HIS HE2  H  N N 142 
HIS HXT  H  N N 143 
HOH O    O  N N 144 
HOH H1   H  N N 145 
HOH H2   H  N N 146 
ILE N    N  N N 147 
ILE CA   C  N S 148 
ILE C    C  N N 149 
ILE O    O  N N 150 
ILE CB   C  N S 151 
ILE CG1  C  N N 152 
ILE CG2  C  N N 153 
ILE CD1  C  N N 154 
ILE OXT  O  N N 155 
ILE H    H  N N 156 
ILE H2   H  N N 157 
ILE HA   H  N N 158 
ILE HB   H  N N 159 
ILE HG12 H  N N 160 
ILE HG13 H  N N 161 
ILE HG21 H  N N 162 
ILE HG22 H  N N 163 
ILE HG23 H  N N 164 
ILE HD11 H  N N 165 
ILE HD12 H  N N 166 
ILE HD13 H  N N 167 
ILE HXT  H  N N 168 
LEU N    N  N N 169 
LEU CA   C  N S 170 
LEU C    C  N N 171 
LEU O    O  N N 172 
LEU CB   C  N N 173 
LEU CG   C  N N 174 
LEU CD1  C  N N 175 
LEU CD2  C  N N 176 
LEU OXT  O  N N 177 
LEU H    H  N N 178 
LEU H2   H  N N 179 
LEU HA   H  N N 180 
LEU HB2  H  N N 181 
LEU HB3  H  N N 182 
LEU HG   H  N N 183 
LEU HD11 H  N N 184 
LEU HD12 H  N N 185 
LEU HD13 H  N N 186 
LEU HD21 H  N N 187 
LEU HD22 H  N N 188 
LEU HD23 H  N N 189 
LEU HXT  H  N N 190 
LYS N    N  N N 191 
LYS CA   C  N S 192 
LYS C    C  N N 193 
LYS O    O  N N 194 
LYS CB   C  N N 195 
LYS CG   C  N N 196 
LYS CD   C  N N 197 
LYS CE   C  N N 198 
LYS NZ   N  N N 199 
LYS OXT  O  N N 200 
LYS H    H  N N 201 
LYS H2   H  N N 202 
LYS HA   H  N N 203 
LYS HB2  H  N N 204 
LYS HB3  H  N N 205 
LYS HG2  H  N N 206 
LYS HG3  H  N N 207 
LYS HD2  H  N N 208 
LYS HD3  H  N N 209 
LYS HE2  H  N N 210 
LYS HE3  H  N N 211 
LYS HZ1  H  N N 212 
LYS HZ2  H  N N 213 
LYS HZ3  H  N N 214 
LYS HXT  H  N N 215 
MET N    N  N N 216 
MET CA   C  N S 217 
MET C    C  N N 218 
MET O    O  N N 219 
MET CB   C  N N 220 
MET CG   C  N N 221 
MET SD   S  N N 222 
MET CE   C  N N 223 
MET OXT  O  N N 224 
MET H    H  N N 225 
MET H2   H  N N 226 
MET HA   H  N N 227 
MET HB2  H  N N 228 
MET HB3  H  N N 229 
MET HG2  H  N N 230 
MET HG3  H  N N 231 
MET HE1  H  N N 232 
MET HE2  H  N N 233 
MET HE3  H  N N 234 
MET HXT  H  N N 235 
PHE N    N  N N 236 
PHE CA   C  N S 237 
PHE C    C  N N 238 
PHE O    O  N N 239 
PHE CB   C  N N 240 
PHE CG   C  Y N 241 
PHE CD1  C  Y N 242 
PHE CD2  C  Y N 243 
PHE CE1  C  Y N 244 
PHE CE2  C  Y N 245 
PHE CZ   C  Y N 246 
PHE OXT  O  N N 247 
PHE H    H  N N 248 
PHE H2   H  N N 249 
PHE HA   H  N N 250 
PHE HB2  H  N N 251 
PHE HB3  H  N N 252 
PHE HD1  H  N N 253 
PHE HD2  H  N N 254 
PHE HE1  H  N N 255 
PHE HE2  H  N N 256 
PHE HZ   H  N N 257 
PHE HXT  H  N N 258 
PRO N    N  N N 259 
PRO CA   C  N S 260 
PRO C    C  N N 261 
PRO O    O  N N 262 
PRO CB   C  N N 263 
PRO CG   C  N N 264 
PRO CD   C  N N 265 
PRO OXT  O  N N 266 
PRO H    H  N N 267 
PRO HA   H  N N 268 
PRO HB2  H  N N 269 
PRO HB3  H  N N 270 
PRO HG2  H  N N 271 
PRO HG3  H  N N 272 
PRO HD2  H  N N 273 
PRO HD3  H  N N 274 
PRO HXT  H  N N 275 
SER N    N  N N 276 
SER CA   C  N S 277 
SER C    C  N N 278 
SER O    O  N N 279 
SER CB   C  N N 280 
SER OG   O  N N 281 
SER OXT  O  N N 282 
SER H    H  N N 283 
SER H2   H  N N 284 
SER HA   H  N N 285 
SER HB2  H  N N 286 
SER HB3  H  N N 287 
SER HG   H  N N 288 
SER HXT  H  N N 289 
THR N    N  N N 290 
THR CA   C  N S 291 
THR C    C  N N 292 
THR O    O  N N 293 
THR CB   C  N R 294 
THR OG1  O  N N 295 
THR CG2  C  N N 296 
THR OXT  O  N N 297 
THR H    H  N N 298 
THR H2   H  N N 299 
THR HA   H  N N 300 
THR HB   H  N N 301 
THR HG1  H  N N 302 
THR HG21 H  N N 303 
THR HG22 H  N N 304 
THR HG23 H  N N 305 
THR HXT  H  N N 306 
TRP N    N  N N 307 
TRP CA   C  N S 308 
TRP C    C  N N 309 
TRP O    O  N N 310 
TRP CB   C  N N 311 
TRP CG   C  Y N 312 
TRP CD1  C  Y N 313 
TRP CD2  C  Y N 314 
TRP NE1  N  Y N 315 
TRP CE2  C  Y N 316 
TRP CE3  C  Y N 317 
TRP CZ2  C  Y N 318 
TRP CZ3  C  Y N 319 
TRP CH2  C  Y N 320 
TRP OXT  O  N N 321 
TRP H    H  N N 322 
TRP H2   H  N N 323 
TRP HA   H  N N 324 
TRP HB2  H  N N 325 
TRP HB3  H  N N 326 
TRP HD1  H  N N 327 
TRP HE1  H  N N 328 
TRP HE3  H  N N 329 
TRP HZ2  H  N N 330 
TRP HZ3  H  N N 331 
TRP HH2  H  N N 332 
TRP HXT  H  N N 333 
TYR N    N  N N 334 
TYR CA   C  N S 335 
TYR C    C  N N 336 
TYR O    O  N N 337 
TYR CB   C  N N 338 
TYR CG   C  Y N 339 
TYR CD1  C  Y N 340 
TYR CD2  C  Y N 341 
TYR CE1  C  Y N 342 
TYR CE2  C  Y N 343 
TYR CZ   C  Y N 344 
TYR OH   O  N N 345 
TYR OXT  O  N N 346 
TYR H    H  N N 347 
TYR H2   H  N N 348 
TYR HA   H  N N 349 
TYR HB2  H  N N 350 
TYR HB3  H  N N 351 
TYR HD1  H  N N 352 
TYR HD2  H  N N 353 
TYR HE1  H  N N 354 
TYR HE2  H  N N 355 
TYR HH   H  N N 356 
TYR HXT  H  N N 357 
VAL N    N  N N 358 
VAL CA   C  N S 359 
VAL C    C  N N 360 
VAL O    O  N N 361 
VAL CB   C  N N 362 
VAL CG1  C  N N 363 
VAL CG2  C  N N 364 
VAL OXT  O  N N 365 
VAL H    H  N N 366 
VAL H2   H  N N 367 
VAL HA   H  N N 368 
VAL HB   H  N N 369 
VAL HG11 H  N N 370 
VAL HG12 H  N N 371 
VAL HG13 H  N N 372 
VAL HG21 H  N N 373 
VAL HG22 H  N N 374 
VAL HG23 H  N N 375 
VAL HXT  H  N N 376 
ZN  ZN   ZN N N 377 
# 
loop_
_chem_comp_bond.comp_id 
_chem_comp_bond.atom_id_1 
_chem_comp_bond.atom_id_2 
_chem_comp_bond.value_order 
_chem_comp_bond.pdbx_aromatic_flag 
_chem_comp_bond.pdbx_stereo_config 
_chem_comp_bond.pdbx_ordinal 
ALA N   CA   sing N N 1   
ALA N   H    sing N N 2   
ALA N   H2   sing N N 3   
ALA CA  C    sing N N 4   
ALA CA  CB   sing N N 5   
ALA CA  HA   sing N N 6   
ALA C   O    doub N N 7   
ALA C   OXT  sing N N 8   
ALA CB  HB1  sing N N 9   
ALA CB  HB2  sing N N 10  
ALA CB  HB3  sing N N 11  
ALA OXT HXT  sing N N 12  
ARG N   CA   sing N N 13  
ARG N   H    sing N N 14  
ARG N   H2   sing N N 15  
ARG CA  C    sing N N 16  
ARG CA  CB   sing N N 17  
ARG CA  HA   sing N N 18  
ARG C   O    doub N N 19  
ARG C   OXT  sing N N 20  
ARG CB  CG   sing N N 21  
ARG CB  HB2  sing N N 22  
ARG CB  HB3  sing N N 23  
ARG CG  CD   sing N N 24  
ARG CG  HG2  sing N N 25  
ARG CG  HG3  sing N N 26  
ARG CD  NE   sing N N 27  
ARG CD  HD2  sing N N 28  
ARG CD  HD3  sing N N 29  
ARG NE  CZ   sing N N 30  
ARG NE  HE   sing N N 31  
ARG CZ  NH1  sing N N 32  
ARG CZ  NH2  doub N N 33  
ARG NH1 HH11 sing N N 34  
ARG NH1 HH12 sing N N 35  
ARG NH2 HH21 sing N N 36  
ARG NH2 HH22 sing N N 37  
ARG OXT HXT  sing N N 38  
ASN N   CA   sing N N 39  
ASN N   H    sing N N 40  
ASN N   H2   sing N N 41  
ASN CA  C    sing N N 42  
ASN CA  CB   sing N N 43  
ASN CA  HA   sing N N 44  
ASN C   O    doub N N 45  
ASN C   OXT  sing N N 46  
ASN CB  CG   sing N N 47  
ASN CB  HB2  sing N N 48  
ASN CB  HB3  sing N N 49  
ASN CG  OD1  doub N N 50  
ASN CG  ND2  sing N N 51  
ASN ND2 HD21 sing N N 52  
ASN ND2 HD22 sing N N 53  
ASN OXT HXT  sing N N 54  
ASP N   CA   sing N N 55  
ASP N   H    sing N N 56  
ASP N   H2   sing N N 57  
ASP CA  C    sing N N 58  
ASP CA  CB   sing N N 59  
ASP CA  HA   sing N N 60  
ASP C   O    doub N N 61  
ASP C   OXT  sing N N 62  
ASP CB  CG   sing N N 63  
ASP CB  HB2  sing N N 64  
ASP CB  HB3  sing N N 65  
ASP CG  OD1  doub N N 66  
ASP CG  OD2  sing N N 67  
ASP OD2 HD2  sing N N 68  
ASP OXT HXT  sing N N 69  
GLN N   CA   sing N N 70  
GLN N   H    sing N N 71  
GLN N   H2   sing N N 72  
GLN CA  C    sing N N 73  
GLN CA  CB   sing N N 74  
GLN CA  HA   sing N N 75  
GLN C   O    doub N N 76  
GLN C   OXT  sing N N 77  
GLN CB  CG   sing N N 78  
GLN CB  HB2  sing N N 79  
GLN CB  HB3  sing N N 80  
GLN CG  CD   sing N N 81  
GLN CG  HG2  sing N N 82  
GLN CG  HG3  sing N N 83  
GLN CD  OE1  doub N N 84  
GLN CD  NE2  sing N N 85  
GLN NE2 HE21 sing N N 86  
GLN NE2 HE22 sing N N 87  
GLN OXT HXT  sing N N 88  
GLU N   CA   sing N N 89  
GLU N   H    sing N N 90  
GLU N   H2   sing N N 91  
GLU CA  C    sing N N 92  
GLU CA  CB   sing N N 93  
GLU CA  HA   sing N N 94  
GLU C   O    doub N N 95  
GLU C   OXT  sing N N 96  
GLU CB  CG   sing N N 97  
GLU CB  HB2  sing N N 98  
GLU CB  HB3  sing N N 99  
GLU CG  CD   sing N N 100 
GLU CG  HG2  sing N N 101 
GLU CG  HG3  sing N N 102 
GLU CD  OE1  doub N N 103 
GLU CD  OE2  sing N N 104 
GLU OE2 HE2  sing N N 105 
GLU OXT HXT  sing N N 106 
GLY N   CA   sing N N 107 
GLY N   H    sing N N 108 
GLY N   H2   sing N N 109 
GLY CA  C    sing N N 110 
GLY CA  HA2  sing N N 111 
GLY CA  HA3  sing N N 112 
GLY C   O    doub N N 113 
GLY C   OXT  sing N N 114 
GLY OXT HXT  sing N N 115 
HIS N   CA   sing N N 116 
HIS N   H    sing N N 117 
HIS N   H2   sing N N 118 
HIS CA  C    sing N N 119 
HIS CA  CB   sing N N 120 
HIS CA  HA   sing N N 121 
HIS C   O    doub N N 122 
HIS C   OXT  sing N N 123 
HIS CB  CG   sing N N 124 
HIS CB  HB2  sing N N 125 
HIS CB  HB3  sing N N 126 
HIS CG  ND1  sing Y N 127 
HIS CG  CD2  doub Y N 128 
HIS ND1 CE1  doub Y N 129 
HIS ND1 HD1  sing N N 130 
HIS CD2 NE2  sing Y N 131 
HIS CD2 HD2  sing N N 132 
HIS CE1 NE2  sing Y N 133 
HIS CE1 HE1  sing N N 134 
HIS NE2 HE2  sing N N 135 
HIS OXT HXT  sing N N 136 
HOH O   H1   sing N N 137 
HOH O   H2   sing N N 138 
ILE N   CA   sing N N 139 
ILE N   H    sing N N 140 
ILE N   H2   sing N N 141 
ILE CA  C    sing N N 142 
ILE CA  CB   sing N N 143 
ILE CA  HA   sing N N 144 
ILE C   O    doub N N 145 
ILE C   OXT  sing N N 146 
ILE CB  CG1  sing N N 147 
ILE CB  CG2  sing N N 148 
ILE CB  HB   sing N N 149 
ILE CG1 CD1  sing N N 150 
ILE CG1 HG12 sing N N 151 
ILE CG1 HG13 sing N N 152 
ILE CG2 HG21 sing N N 153 
ILE CG2 HG22 sing N N 154 
ILE CG2 HG23 sing N N 155 
ILE CD1 HD11 sing N N 156 
ILE CD1 HD12 sing N N 157 
ILE CD1 HD13 sing N N 158 
ILE OXT HXT  sing N N 159 
LEU N   CA   sing N N 160 
LEU N   H    sing N N 161 
LEU N   H2   sing N N 162 
LEU CA  C    sing N N 163 
LEU CA  CB   sing N N 164 
LEU CA  HA   sing N N 165 
LEU C   O    doub N N 166 
LEU C   OXT  sing N N 167 
LEU CB  CG   sing N N 168 
LEU CB  HB2  sing N N 169 
LEU CB  HB3  sing N N 170 
LEU CG  CD1  sing N N 171 
LEU CG  CD2  sing N N 172 
LEU CG  HG   sing N N 173 
LEU CD1 HD11 sing N N 174 
LEU CD1 HD12 sing N N 175 
LEU CD1 HD13 sing N N 176 
LEU CD2 HD21 sing N N 177 
LEU CD2 HD22 sing N N 178 
LEU CD2 HD23 sing N N 179 
LEU OXT HXT  sing N N 180 
LYS N   CA   sing N N 181 
LYS N   H    sing N N 182 
LYS N   H2   sing N N 183 
LYS CA  C    sing N N 184 
LYS CA  CB   sing N N 185 
LYS CA  HA   sing N N 186 
LYS C   O    doub N N 187 
LYS C   OXT  sing N N 188 
LYS CB  CG   sing N N 189 
LYS CB  HB2  sing N N 190 
LYS CB  HB3  sing N N 191 
LYS CG  CD   sing N N 192 
LYS CG  HG2  sing N N 193 
LYS CG  HG3  sing N N 194 
LYS CD  CE   sing N N 195 
LYS CD  HD2  sing N N 196 
LYS CD  HD3  sing N N 197 
LYS CE  NZ   sing N N 198 
LYS CE  HE2  sing N N 199 
LYS CE  HE3  sing N N 200 
LYS NZ  HZ1  sing N N 201 
LYS NZ  HZ2  sing N N 202 
LYS NZ  HZ3  sing N N 203 
LYS OXT HXT  sing N N 204 
MET N   CA   sing N N 205 
MET N   H    sing N N 206 
MET N   H2   sing N N 207 
MET CA  C    sing N N 208 
MET CA  CB   sing N N 209 
MET CA  HA   sing N N 210 
MET C   O    doub N N 211 
MET C   OXT  sing N N 212 
MET CB  CG   sing N N 213 
MET CB  HB2  sing N N 214 
MET CB  HB3  sing N N 215 
MET CG  SD   sing N N 216 
MET CG  HG2  sing N N 217 
MET CG  HG3  sing N N 218 
MET SD  CE   sing N N 219 
MET CE  HE1  sing N N 220 
MET CE  HE2  sing N N 221 
MET CE  HE3  sing N N 222 
MET OXT HXT  sing N N 223 
PHE N   CA   sing N N 224 
PHE N   H    sing N N 225 
PHE N   H2   sing N N 226 
PHE CA  C    sing N N 227 
PHE CA  CB   sing N N 228 
PHE CA  HA   sing N N 229 
PHE C   O    doub N N 230 
PHE C   OXT  sing N N 231 
PHE CB  CG   sing N N 232 
PHE CB  HB2  sing N N 233 
PHE CB  HB3  sing N N 234 
PHE CG  CD1  doub Y N 235 
PHE CG  CD2  sing Y N 236 
PHE CD1 CE1  sing Y N 237 
PHE CD1 HD1  sing N N 238 
PHE CD2 CE2  doub Y N 239 
PHE CD2 HD2  sing N N 240 
PHE CE1 CZ   doub Y N 241 
PHE CE1 HE1  sing N N 242 
PHE CE2 CZ   sing Y N 243 
PHE CE2 HE2  sing N N 244 
PHE CZ  HZ   sing N N 245 
PHE OXT HXT  sing N N 246 
PRO N   CA   sing N N 247 
PRO N   CD   sing N N 248 
PRO N   H    sing N N 249 
PRO CA  C    sing N N 250 
PRO CA  CB   sing N N 251 
PRO CA  HA   sing N N 252 
PRO C   O    doub N N 253 
PRO C   OXT  sing N N 254 
PRO CB  CG   sing N N 255 
PRO CB  HB2  sing N N 256 
PRO CB  HB3  sing N N 257 
PRO CG  CD   sing N N 258 
PRO CG  HG2  sing N N 259 
PRO CG  HG3  sing N N 260 
PRO CD  HD2  sing N N 261 
PRO CD  HD3  sing N N 262 
PRO OXT HXT  sing N N 263 
SER N   CA   sing N N 264 
SER N   H    sing N N 265 
SER N   H2   sing N N 266 
SER CA  C    sing N N 267 
SER CA  CB   sing N N 268 
SER CA  HA   sing N N 269 
SER C   O    doub N N 270 
SER C   OXT  sing N N 271 
SER CB  OG   sing N N 272 
SER CB  HB2  sing N N 273 
SER CB  HB3  sing N N 274 
SER OG  HG   sing N N 275 
SER OXT HXT  sing N N 276 
THR N   CA   sing N N 277 
THR N   H    sing N N 278 
THR N   H2   sing N N 279 
THR CA  C    sing N N 280 
THR CA  CB   sing N N 281 
THR CA  HA   sing N N 282 
THR C   O    doub N N 283 
THR C   OXT  sing N N 284 
THR CB  OG1  sing N N 285 
THR CB  CG2  sing N N 286 
THR CB  HB   sing N N 287 
THR OG1 HG1  sing N N 288 
THR CG2 HG21 sing N N 289 
THR CG2 HG22 sing N N 290 
THR CG2 HG23 sing N N 291 
THR OXT HXT  sing N N 292 
TRP N   CA   sing N N 293 
TRP N   H    sing N N 294 
TRP N   H2   sing N N 295 
TRP CA  C    sing N N 296 
TRP CA  CB   sing N N 297 
TRP CA  HA   sing N N 298 
TRP C   O    doub N N 299 
TRP C   OXT  sing N N 300 
TRP CB  CG   sing N N 301 
TRP CB  HB2  sing N N 302 
TRP CB  HB3  sing N N 303 
TRP CG  CD1  doub Y N 304 
TRP CG  CD2  sing Y N 305 
TRP CD1 NE1  sing Y N 306 
TRP CD1 HD1  sing N N 307 
TRP CD2 CE2  doub Y N 308 
TRP CD2 CE3  sing Y N 309 
TRP NE1 CE2  sing Y N 310 
TRP NE1 HE1  sing N N 311 
TRP CE2 CZ2  sing Y N 312 
TRP CE3 CZ3  doub Y N 313 
TRP CE3 HE3  sing N N 314 
TRP CZ2 CH2  doub Y N 315 
TRP CZ2 HZ2  sing N N 316 
TRP CZ3 CH2  sing Y N 317 
TRP CZ3 HZ3  sing N N 318 
TRP CH2 HH2  sing N N 319 
TRP OXT HXT  sing N N 320 
TYR N   CA   sing N N 321 
TYR N   H    sing N N 322 
TYR N   H2   sing N N 323 
TYR CA  C    sing N N 324 
TYR CA  CB   sing N N 325 
TYR CA  HA   sing N N 326 
TYR C   O    doub N N 327 
TYR C   OXT  sing N N 328 
TYR CB  CG   sing N N 329 
TYR CB  HB2  sing N N 330 
TYR CB  HB3  sing N N 331 
TYR CG  CD1  doub Y N 332 
TYR CG  CD2  sing Y N 333 
TYR CD1 CE1  sing Y N 334 
TYR CD1 HD1  sing N N 335 
TYR CD2 CE2  doub Y N 336 
TYR CD2 HD2  sing N N 337 
TYR CE1 CZ   doub Y N 338 
TYR CE1 HE1  sing N N 339 
TYR CE2 CZ   sing Y N 340 
TYR CE2 HE2  sing N N 341 
TYR CZ  OH   sing N N 342 
TYR OH  HH   sing N N 343 
TYR OXT HXT  sing N N 344 
VAL N   CA   sing N N 345 
VAL N   H    sing N N 346 
VAL N   H2   sing N N 347 
VAL CA  C    sing N N 348 
VAL CA  CB   sing N N 349 
VAL CA  HA   sing N N 350 
VAL C   O    doub N N 351 
VAL C   OXT  sing N N 352 
VAL CB  CG1  sing N N 353 
VAL CB  CG2  sing N N 354 
VAL CB  HB   sing N N 355 
VAL CG1 HG11 sing N N 356 
VAL CG1 HG12 sing N N 357 
VAL CG1 HG13 sing N N 358 
VAL CG2 HG21 sing N N 359 
VAL CG2 HG22 sing N N 360 
VAL CG2 HG23 sing N N 361 
VAL OXT HXT  sing N N 362 
# 
_atom_sites.entry_id                    3FYM 
_atom_sites.fract_transf_matrix[1][1]   0.01366843 
_atom_sites.fract_transf_matrix[1][2]   0.01723582 
_atom_sites.fract_transf_matrix[1][3]   0.00023826 
_atom_sites.fract_transf_matrix[2][1]   -0.01204901 
_atom_sites.fract_transf_matrix[2][2]   0.00977078 
_atom_sites.fract_transf_matrix[2][3]   -0.01559838 
_atom_sites.fract_transf_matrix[3][1]   -0.00768615 
_atom_sites.fract_transf_matrix[3][2]   0.00596161 
_atom_sites.fract_transf_matrix[3][3]   0.00967152 
_atom_sites.fract_transf_vector[1]      0.308275 
_atom_sites.fract_transf_vector[2]      0.227715 
_atom_sites.fract_transf_vector[3]      0.211282 
# 
loop_
_atom_type.symbol 
C  
N  
O  
S  
ZN 
# 
loop_
_atom_site.group_PDB 
_atom_site.id 
_atom_site.type_symbol 
_atom_site.label_atom_id 
_atom_site.label_alt_id 
_atom_site.label_comp_id 
_atom_site.label_asym_id 
_atom_site.label_entity_id 
_atom_site.label_seq_id 
_atom_site.pdbx_PDB_ins_code 
_atom_site.Cartn_x 
_atom_site.Cartn_y 
_atom_site.Cartn_z 
_atom_site.occupancy 
_atom_site.B_iso_or_equiv 
_atom_site.pdbx_formal_charge 
_atom_site.auth_seq_id 
_atom_site.auth_comp_id 
_atom_site.auth_asym_id 
_atom_site.auth_atom_id 
_atom_site.pdbx_PDB_model_num 
ATOM   1   N  N   . LYS A 1 2  ? 6.732   -5.377  12.277  1.00 21.62 ? 1002 LYS A N   1 
ATOM   2   C  CA  . LYS A 1 2  ? 5.573   -5.553  11.392  1.00 17.43 ? 1002 LYS A CA  1 
ATOM   3   C  C   . LYS A 1 2  ? 6.045   -5.364  9.941   1.00 12.14 ? 1002 LYS A C   1 
ATOM   4   O  O   . LYS A 1 2  ? 7.006   -4.675  9.677   1.00 12.57 ? 1002 LYS A O   1 
ATOM   5   C  CB  . LYS A 1 2  ? 4.431   -4.578  11.648  1.00 20.66 ? 1002 LYS A CB  1 
ATOM   6   C  CG  . LYS A 1 2  ? 4.766   -3.131  11.540  1.00 28.67 ? 1002 LYS A CG  1 
ATOM   7   C  CD  . LYS A 1 2  ? 4.020   -2.139  12.433  1.00 34.62 ? 1002 LYS A CD  1 
ATOM   8   C  CE  . LYS A 1 2  ? 4.856   -0.844  12.378  1.00 38.46 ? 1002 LYS A CE  1 
ATOM   9   N  NZ  . LYS A 1 2  ? 4.506   0.193   13.380  1.00 50.80 ? 1002 LYS A NZ  1 
ATOM   10  N  N   . THR A 1 3  ? 5.325   -5.980  9.017   1.00 11.70 ? 1003 THR A N   1 
ATOM   11  C  CA  . THR A 1 3  ? 5.536   -5.673  7.603   1.00 10.69 ? 1003 THR A CA  1 
ATOM   12  C  C   . THR A 1 3  ? 4.817   -4.391  7.261   1.00 9.20  ? 1003 THR A C   1 
ATOM   13  O  O   . THR A 1 3  ? 3.982   -3.872  7.981   1.00 9.67  ? 1003 THR A O   1 
ATOM   14  C  CB  . THR A 1 3  ? 4.970   -6.811  6.752   1.00 10.89 ? 1003 THR A CB  1 
ATOM   15  O  OG1 . THR A 1 3  ? 3.642   -6.954  7.063   1.00 12.19 ? 1003 THR A OG1 1 
ATOM   16  C  CG2 . THR A 1 3  ? 5.600   -8.146  6.993   1.00 13.56 ? 1003 THR A CG2 1 
ATOM   17  N  N   . VAL A 1 4  ? 5.142   -3.853  6.067   1.00 8.96  ? 1004 VAL A N   1 
ATOM   18  C  CA  . VAL A 1 4  ? 4.461   -2.628  5.612   1.00 8.64  ? 1004 VAL A CA  1 
ATOM   19  C  C   . VAL A 1 4  ? 2.977   -2.887  5.472   1.00 8.75  ? 1004 VAL A C   1 
ATOM   20  O  O   . VAL A 1 4  ? 2.170   -2.050  5.811   1.00 9.18  ? 1004 VAL A O   1 
ATOM   21  C  CB  . VAL A 1 4  ? 5.102   -2.089  4.328   1.00 9.35  ? 1004 VAL A CB  1 
ATOM   22  C  CG1 . VAL A 1 4  ? 4.878   -3.009  3.098   1.00 9.66  ? 1004 VAL A CG1 1 
ATOM   23  C  CG2 . VAL A 1 4  ? 4.556   -0.707  4.048   1.00 10.29 ? 1004 VAL A CG2 1 
ATOM   24  N  N   . GLY A 1 5  ? 2.594   -4.064  4.972   1.00 8.91  ? 1005 GLY A N   1 
ATOM   25  C  CA  . GLY A 1 5  ? 1.170   -4.334  4.780   1.00 10.68 ? 1005 GLY A CA  1 
ATOM   26  C  C   . GLY A 1 5  ? 0.446   -4.418  6.098   1.00 9.73  ? 1005 GLY A C   1 
ATOM   27  O  O   . GLY A 1 5  ? -0.702  -3.965  6.259   1.00 10.97 ? 1005 GLY A O   1 
ATOM   28  N  N   . GLU A 1 6  ? 1.020   -4.946  7.134   1.00 10.37 ? 1006 GLU A N   1 
ATOM   29  C  CA  . GLU A 1 6  ? 0.485   -5.013  8.469   1.00 11.28 ? 1006 GLU A CA  1 
ATOM   30  C  C   . GLU A 1 6  ? 0.409   -3.636  9.072   1.00 11.13 ? 1006 GLU A C   1 
ATOM   31  O  O   . GLU A 1 6  ? -0.570  -3.321  9.779   1.00 11.99 ? 1006 GLU A O   1 
ATOM   32  C  CB  . GLU A 1 6  ? 1.336   -5.916  9.376   1.00 13.95 ? 1006 GLU A CB  1 
ATOM   33  C  CG  . GLU A 1 6  ? 1.250   -7.378  9.029   1.00 16.55 ? 1006 GLU A CG  1 
ATOM   34  C  CD  . GLU A 1 6  ? 2.319   -8.266  9.632   1.00 20.09 ? 1006 GLU A CD  1 
ATOM   35  O  OE1 . GLU A 1 6  ? 3.331   -7.829  10.196  1.00 21.46 ? 1006 GLU A OE1 1 
ATOM   36  O  OE2 . GLU A 1 6  ? 2.114   -9.478  9.505   1.00 31.70 ? 1006 GLU A OE2 1 
ATOM   37  N  N   . ALA A 1 7  ? 1.411   -2.792  8.826   1.00 10.33 ? 1007 ALA A N   1 
ATOM   38  C  CA  . ALA A 1 7  ? 1.344   -1.410  9.328   1.00 11.08 ? 1007 ALA A CA  1 
ATOM   39  C  C   . ALA A 1 7  ? 0.142   -0.700  8.735   1.00 10.12 ? 1007 ALA A C   1 
ATOM   40  O  O   . ALA A 1 7  ? -0.610  0.006   9.411   1.00 11.44 ? 1007 ALA A O   1 
ATOM   41  C  CB  . ALA A 1 7  ? 2.628   -0.666  9.040   1.00 11.70 ? 1007 ALA A CB  1 
ATOM   42  N  N   . LEU A 1 8  ? -0.031  -0.812  7.407   1.00 9.48  ? 1008 LEU A N   1 
ATOM   43  C  CA  . LEU A 1 8  ? -1.137  -0.164  6.720   1.00 9.92  ? 1008 LEU A CA  1 
ATOM   44  C  C   . LEU A 1 8  ? -2.488  -0.695  7.186   1.00 10.25 ? 1008 LEU A C   1 
ATOM   45  O  O   . LEU A 1 8  ? -3.388  0.059   7.530   1.00 11.12 ? 1008 LEU A O   1 
ATOM   46  C  CB  . LEU A 1 8  ? -0.980  -0.328  5.186   1.00 9.26  ? 1008 LEU A CB  1 
ATOM   47  C  CG  . LEU A 1 8  ? 0.181   0.453   4.577   1.00 9.74  ? 1008 LEU A CG  1 
ATOM   48  C  CD1 . LEU A 1 8  ? 0.404   -0.042  3.165   1.00 11.44 ? 1008 LEU A CD1 1 
ATOM   49  C  CD2 . LEU A 1 8  ? -0.082  1.961   4.602   1.00 11.40 ? 1008 LEU A CD2 1 
ATOM   50  N  N   . LYS A 1 9  ? -2.613  -2.010  7.190   1.00 10.42 ? 1009 LYS A N   1 
ATOM   51  C  CA  . LYS A 1 9  ? -3.882  -2.660  7.609   1.00 10.83 ? 1009 LYS A CA  1 
ATOM   52  C  C   . LYS A 1 9  ? -4.222  -2.293  9.035   1.00 11.83 ? 1009 LYS A C   1 
ATOM   53  O  O   . LYS A 1 9  ? -5.382  -2.054  9.353   1.00 12.65 ? 1009 LYS A O   1 
ATOM   54  C  CB  . LYS A 1 9  ? -3.789  -4.159  7.419   1.00 11.16 ? 1009 LYS A CB  1 
ATOM   55  C  CG  . LYS A 1 9  ? -5.082  -4.921  7.717   1.00 13.02 ? 1009 LYS A CG  1 
ATOM   56  C  CD  . LYS A 1 9  ? -4.962  -6.395  7.470   1.00 13.12 ? 1009 LYS A CD  1 
ATOM   57  C  CE  . LYS A 1 9  ? -6.267  -7.138  7.646   1.00 15.84 ? 1009 LYS A CE  1 
ATOM   58  N  NZ  . LYS A 1 9  ? -6.090  -8.557  7.268   1.00 18.26 ? 1009 LYS A NZ  1 
ATOM   59  N  N   . GLY A 1 10 ? -3.242  -2.310  9.927   1.00 11.87 ? 1010 GLY A N   1 
ATOM   60  C  CA  . GLY A 1 10 ? -3.467  -1.984  11.299  1.00 13.59 ? 1010 GLY A CA  1 
ATOM   61  C  C   . GLY A 1 10 ? -4.072  -0.603  11.423  1.00 13.27 ? 1010 GLY A C   1 
ATOM   62  O  O   . GLY A 1 10 ? -5.025  -0.337  12.185  1.00 15.25 ? 1010 GLY A O   1 
ATOM   63  N  N   . ARG A 1 11 ? -3.501  0.383   10.719  1.00 12.43 ? 1011 ARG A N   1 
ATOM   64  C  CA  . ARG A 1 11 ? -4.010  1.715   10.719  1.00 12.77 ? 1011 ARG A CA  1 
ATOM   65  C  C   . ARG A 1 11 ? -5.429  1.796   10.157  1.00 12.10 ? 1011 ARG A C   1 
ATOM   66  O  O   . ARG A 1 11 ? -6.291  2.464   10.738  1.00 14.20 ? 1011 ARG A O   1 
ATOM   67  C  CB  . ARG A 1 11 ? -3.087  2.641   9.940   1.00 12.27 ? 1011 ARG A CB  1 
ATOM   68  C  CG  . ARG A 1 11 ? -3.570  4.070   9.804   1.00 13.04 ? 1011 ARG A CG  1 
ATOM   69  C  CD  . ARG A 1 11 ? -3.718  4.795   11.116  1.00 15.23 ? 1011 ARG A CD  1 
ATOM   70  N  NE  . ARG A 1 11 ? -4.159  6.183   10.823  1.00 16.12 ? 1011 ARG A NE  1 
ATOM   71  C  CZ  . ARG A 1 11 ? -4.424  7.127   11.717  1.00 17.18 ? 1011 ARG A CZ  1 
ATOM   72  N  NH1 . ARG A 1 11 ? -4.306  6.824   13.010  1.00 21.56 ? 1011 ARG A NH1 1 
ATOM   73  N  NH2 . ARG A 1 11 ? -4.829  8.327   11.321  1.00 18.08 ? 1011 ARG A NH2 1 
ATOM   74  N  N   . ARG A 1 12 ? -5.676  1.120   9.049   1.00 11.95 ? 1012 ARG A N   1 
ATOM   75  C  CA  . ARG A 1 12 ? -7.007  1.070   8.475   1.00 12.36 ? 1012 ARG A CA  1 
ATOM   76  C  C   . ARG A 1 12 ? -8.009  0.553   9.516   1.00 13.11 ? 1012 ARG A C   1 
ATOM   77  O  O   . ARG A 1 12 ? -9.089  1.120   9.672   1.00 14.42 ? 1012 ARG A O   1 
ATOM   78  C  CB  . ARG A 1 12 ? -7.031  0.182   7.231   1.00 11.56 ? 1012 ARG A CB  1 
ATOM   79  C  CG  . ARG A 1 12 ? -8.439  0.106   6.608   1.00 12.13 ? 1012 ARG A CG  1 
ATOM   80  C  CD  . ARG A 1 12 ? -8.456  -0.819  5.411   1.00 11.68 ? 1012 ARG A CD  1 
ATOM   81  N  NE  . ARG A 1 12 ? -8.158  -2.193  5.525   1.00 11.47 ? 1012 ARG A NE  1 
ATOM   82  C  CZ  . ARG A 1 12 ? -8.915  -3.159  6.066   1.00 10.70 ? 1012 ARG A CZ  1 
ATOM   83  N  NH1 . ARG A 1 12 ? -8.488  -4.425  5.987   1.00 12.31 ? 1012 ARG A NH1 1 
ATOM   84  N  NH2 . ARG A 1 12 ? -10.057 -2.849  6.639   1.00 12.09 ? 1012 ARG A NH2 1 
ATOM   85  N  N   . GLU A 1 13 ? -7.619  -0.496  10.236  1.00 13.84 ? 1013 GLU A N   1 
ATOM   86  C  CA  . GLU A 1 13 ? -8.534  -1.115  11.197  1.00 15.65 ? 1013 GLU A CA  1 
ATOM   87  C  C   . GLU A 1 13 ? -8.728  -0.169  12.373  1.00 16.83 ? 1013 GLU A C   1 
ATOM   88  O  O   . GLU A 1 13 ? -9.870  -0.061  12.835  1.00 19.44 ? 1013 GLU A O   1 
ATOM   89  C  CB  . GLU A 1 13 ? -8.036  -2.470  11.578  1.00 17.03 ? 1013 GLU A CB  1 
ATOM   90  C  CG  . GLU A 1 13 ? -8.088  -3.528  10.493  1.00 19.89 ? 1013 GLU A CG  1 
ATOM   91  C  CD  . GLU A 1 13 ? -7.619  -4.876  10.976  1.00 23.32 ? 1013 GLU A CD  1 
ATOM   92  O  OE1 . GLU A 1 13 ? -6.407  -5.008  11.221  1.00 31.53 ? 1013 GLU A OE1 1 
ATOM   93  O  OE2 . GLU A 1 13 ? -8.470  -5.768  11.056  1.00 31.19 ? 1013 GLU A OE2 1 
ATOM   94  N  N   . ARG A 1 14 ? -7.684  0.485   12.844  1.00 17.01 ? 1014 ARG A N   1 
ATOM   95  C  CA  . ARG A 1 14 ? -7.845  1.483   13.940  1.00 20.02 ? 1014 ARG A CA  1 
ATOM   96  C  C   . ARG A 1 14 ? -8.733  2.636   13.562  1.00 18.13 ? 1014 ARG A C   1 
ATOM   97  O  O   . ARG A 1 14 ? -9.438  3.149   14.451  1.00 21.82 ? 1014 ARG A O   1 
ATOM   98  C  CB  . ARG A 1 14 ? -6.484  2.058   14.316  1.00 21.10 ? 1014 ARG A CB  1 
ATOM   99  C  CG  . ARG A 1 14 ? -5.695  0.974   15.040  1.00 24.79 ? 1014 ARG A CG  1 
ATOM   100 C  CD  . ARG A 1 14 ? -4.444  1.581   15.621  1.00 24.71 ? 1014 ARG A CD  1 
ATOM   101 N  NE  . ARG A 1 14 ? -3.473  2.189   14.728  1.00 23.35 ? 1014 ARG A NE  1 
ATOM   102 C  CZ  . ARG A 1 14 ? -2.532  1.508   14.068  1.00 21.18 ? 1014 ARG A CZ  1 
ATOM   103 N  NH1 . ARG A 1 14 ? -1.758  2.252   13.338  1.00 20.20 ? 1014 ARG A NH1 1 
ATOM   104 N  NH2 . ARG A 1 14 ? -2.390  0.195   14.153  1.00 25.88 ? 1014 ARG A NH2 1 
ATOM   105 N  N   . LEU A 1 15 ? -8.806  3.000   12.296  1.00 17.38 ? 1015 LEU A N   1 
ATOM   106 C  CA  . LEU A 1 15 ? -9.690  4.042   11.803  1.00 17.76 ? 1015 LEU A CA  1 
ATOM   107 C  C   . LEU A 1 15 ? -11.108 3.500   11.628  1.00 18.34 ? 1015 LEU A C   1 
ATOM   108 O  O   . LEU A 1 15 ? -12.006 4.317   11.334  1.00 21.76 ? 1015 LEU A O   1 
ATOM   109 C  CB  . LEU A 1 15 ? -9.198  4.594   10.483  1.00 17.14 ? 1015 LEU A CB  1 
ATOM   110 C  CG  . LEU A 1 15 ? -7.922  5.459   10.564  1.00 17.04 ? 1015 LEU A CG  1 
ATOM   111 C  CD1 . LEU A 1 15 ? -7.353  5.676   9.162   1.00 18.95 ? 1015 LEU A CD1 1 
ATOM   112 C  CD2 . LEU A 1 15 ? -8.205  6.745   11.275  1.00 20.80 ? 1015 LEU A CD2 1 
ATOM   113 N  N   . GLY A 1 16 ? -11.314 2.184   11.749  1.00 18.32 ? 1016 GLY A N   1 
ATOM   114 C  CA  . GLY A 1 16 ? -12.606 1.596   11.486  1.00 20.09 ? 1016 GLY A CA  1 
ATOM   115 C  C   . GLY A 1 16 ? -12.982 1.664   10.023  1.00 20.02 ? 1016 GLY A C   1 
ATOM   116 O  O   . GLY A 1 16 ? -14.135 1.563   9.674   1.00 24.36 ? 1016 GLY A O   1 
ATOM   117 N  N   . MET A 1 17 ? -12.008 1.806   9.126   1.00 16.72 ? 1017 MET A N   1 
ATOM   118 C  CA  . MET A 1 17 ? -12.232 1.944   7.709   1.00 15.89 ? 1017 MET A CA  1 
ATOM   119 C  C   . MET A 1 17 ? -12.295 0.581   7.020   1.00 14.40 ? 1017 MET A C   1 
ATOM   120 O  O   . MET A 1 17 ? -11.459 -0.261  7.179   1.00 16.79 ? 1017 MET A O   1 
ATOM   121 C  CB  . MET A 1 17 ? -11.117 2.814   7.107   1.00 15.34 ? 1017 MET A CB  1 
ATOM   122 C  CG  . MET A 1 17 ? -11.314 3.153   5.635   1.00 15.97 ? 1017 MET A CG  1 
ATOM   123 S  SD  . MET A 1 17 ? -9.959  4.061   4.882   1.00 18.00 ? 1017 MET A SD  1 
ATOM   124 C  CE  . MET A 1 17 ? -10.123 5.620   5.781   1.00 22.50 ? 1017 MET A CE  1 
ATOM   125 N  N   . THR A 1 18 ? -13.347 0.414   6.205   1.00 15.79 ? 1018 THR A N   1 
ATOM   126 C  CA  . THR A 1 18 ? -13.457 -0.863  5.453   1.00 14.64 ? 1018 THR A CA  1 
ATOM   127 C  C   . THR A 1 18 ? -12.617 -0.772  4.167   1.00 13.41 ? 1018 THR A C   1 
ATOM   128 O  O   . THR A 1 18 ? -12.213 0.292   3.708   1.00 13.53 ? 1018 THR A O   1 
ATOM   129 C  CB  . THR A 1 18 ? -14.868 -1.238  5.139   1.00 18.96 ? 1018 THR A CB  1 
ATOM   130 O  OG1 . THR A 1 18 ? -15.300 -0.165  4.327   1.00 18.64 ? 1018 THR A OG1 1 
ATOM   131 C  CG2 . THR A 1 18 ? -15.872 -1.226  6.238   1.00 22.38 ? 1018 THR A CG2 1 
ATOM   132 N  N   . LEU A 1 19 ? -12.343 -1.944  3.603   1.00 12.95 ? 1019 LEU A N   1 
ATOM   133 C  CA  . LEU A 1 19 ? -11.715 -2.049  2.284   1.00 12.54 ? 1019 LEU A CA  1 
ATOM   134 C  C   . LEU A 1 19 ? -12.518 -1.341  1.224   1.00 12.84 ? 1019 LEU A C   1 
ATOM   135 O  O   . LEU A 1 19 ? -11.962 -0.723  0.352   1.00 13.73 ? 1019 LEU A O   1 
ATOM   136 C  CB  . LEU A 1 19 ? -11.442 -3.478  1.903   1.00 12.09 ? 1019 LEU A CB  1 
ATOM   137 C  CG  . LEU A 1 19 ? -10.318 -4.152  2.670   1.00 12.30 ? 1019 LEU A CG  1 
ATOM   138 C  CD1 . LEU A 1 19 ? -10.431 -5.650  2.480   1.00 13.05 ? 1019 LEU A CD1 1 
ATOM   139 C  CD2 . LEU A 1 19 ? -8.972  -3.626  2.240   1.00 14.04 ? 1019 LEU A CD2 1 
ATOM   140 N  N   . THR A 1 20 ? -13.860 -1.440  1.355   1.00 15.33 ? 1020 THR A N   1 
ATOM   141 C  CA  . THR A 1 20 ? -14.676 -0.721  0.380   1.00 17.24 ? 1020 THR A CA  1 
ATOM   142 C  C   . THR A 1 20 ? -14.446 0.769   0.351   1.00 17.32 ? 1020 THR A C   1 
ATOM   143 O  O   . THR A 1 20 ? -14.291 1.453   -0.643  1.00 18.20 ? 1020 THR A O   1 
ATOM   144 C  CB  . THR A 1 20 ? -16.190 -1.020  0.650   1.00 20.48 ? 1020 THR A CB  1 
ATOM   145 O  OG1 . THR A 1 20 ? -16.413 -2.414  0.622   1.00 27.74 ? 1020 THR A OG1 1 
ATOM   146 C  CG2 . THR A 1 20 ? -17.058 -0.329  -0.382  1.00 25.34 ? 1020 THR A CG2 1 
ATOM   147 N  N   . GLU A 1 21 ? -14.407 1.432   1.444   1.00 17.63 ? 1021 GLU A N   1 
ATOM   148 C  CA  . GLU A 1 21 ? -14.102 2.789   1.730   1.00 17.76 ? 1021 GLU A CA  1 
ATOM   149 C  C   . GLU A 1 21 ? -12.684 3.113   1.222   1.00 15.96 ? 1021 GLU A C   1 
ATOM   150 O  O   . GLU A 1 21 ? -12.503 4.110   0.551   1.00 17.99 ? 1021 GLU A O   1 
ATOM   151 C  CB  . GLU A 1 21 ? -14.244 3.142   3.224   1.00 19.12 ? 1021 GLU A CB  1 
ATOM   152 N  N   . LEU A 1 22 ? -11.715 2.252   1.540   1.00 14.29 ? 1022 LEU A N   1 
ATOM   153 C  CA  . LEU A 1 22 ? -10.359 2.547   1.082   1.00 14.20 ? 1022 LEU A CA  1 
ATOM   154 C  C   . LEU A 1 22 ? -10.248 2.487   -0.421  1.00 13.86 ? 1022 LEU A C   1 
ATOM   155 O  O   . LEU A 1 22 ? -9.529  3.296   -1.015  1.00 14.45 ? 1022 LEU A O   1 
ATOM   156 C  CB  . LEU A 1 22 ? -9.391  1.577   1.799   1.00 13.14 ? 1022 LEU A CB  1 
ATOM   157 C  CG  . LEU A 1 22 ? -7.906  1.869   1.511   1.00 12.80 ? 1022 LEU A CG  1 
ATOM   158 C  CD1 . LEU A 1 22 ? -7.479  3.256   2.019   1.00 13.82 ? 1022 LEU A CD1 1 
ATOM   159 C  CD2 . LEU A 1 22 ? -7.059  0.812   2.172   1.00 12.99 ? 1022 LEU A CD2 1 
ATOM   160 N  N   . GLU A 1 23 ? -10.960 1.563   -1.053  1.00 13.27 ? 1023 GLU A N   1 
ATOM   161 C  CA  . GLU A 1 23 ? -10.971 1.552   -2.533  1.00 13.58 ? 1023 GLU A CA  1 
ATOM   162 C  C   . GLU A 1 23 ? -11.561 2.829   -3.079  1.00 15.92 ? 1023 GLU A C   1 
ATOM   163 O  O   . GLU A 1 23 ? -11.035 3.401   -4.051  1.00 17.46 ? 1023 GLU A O   1 
ATOM   164 C  CB  . GLU A 1 23 ? -11.790 0.344   -3.006  1.00 13.69 ? 1023 GLU A CB  1 
ATOM   165 C  CG  . GLU A 1 23 ? -12.062 0.218   -4.504  1.00 17.32 ? 1023 GLU A CG  1 
ATOM   166 C  CD  . GLU A 1 23 ? -12.843 -1.051  -4.755  1.00 20.03 ? 1023 GLU A CD  1 
ATOM   167 O  OE1 . GLU A 1 23 ? -12.389 -2.094  -5.015  1.00 22.91 ? 1023 GLU A OE1 1 
ATOM   168 O  OE2 . GLU A 1 23 ? -14.127 -1.124  -4.586  1.00 23.02 ? 1023 GLU A OE2 1 
ATOM   169 N  N   . GLN A 1 24 ? -12.628 3.308   -2.475  1.00 16.88 ? 1024 GLN A N   1 
ATOM   170 C  CA  . GLN A 1 24 ? -13.214 4.564   -2.870  1.00 18.58 ? 1024 GLN A CA  1 
ATOM   171 C  C   . GLN A 1 24 ? -12.226 5.702   -2.739  1.00 19.78 ? 1024 GLN A C   1 
ATOM   172 O  O   . GLN A 1 24 ? -12.207 6.568   -3.639  1.00 21.05 ? 1024 GLN A O   1 
ATOM   173 C  CB  . GLN A 1 24 ? -14.443 4.875   -2.010  1.00 21.21 ? 1024 GLN A CB  1 
ATOM   174 C  CG  . GLN A 1 24 ? -15.646 4.007   -2.430  1.00 23.11 ? 1024 GLN A CG  1 
ATOM   175 C  CD  . GLN A 1 24 ? -16.778 4.193   -1.413  1.00 25.98 ? 1024 GLN A CD  1 
ATOM   176 O  OE1 . GLN A 1 24 ? -16.644 4.848   -0.399  1.00 31.29 ? 1024 GLN A OE1 1 
ATOM   177 N  NE2 . GLN A 1 24 ? -17.883 3.533   -1.706  1.00 31.05 ? 1024 GLN A NE2 1 
ATOM   178 N  N   . ARG A 1 25 ? -11.520 5.791   -1.642  1.00 18.36 ? 1025 ARG A N   1 
ATOM   179 C  CA  . ARG A 1 25 ? -10.625 6.928   -1.346  1.00 20.80 ? 1025 ARG A CA  1 
ATOM   180 C  C   . ARG A 1 25 ? -9.337  6.861   -2.158  1.00 19.10 ? 1025 ARG A C   1 
ATOM   181 O  O   . ARG A 1 25 ? -8.757  7.923   -2.441  1.00 22.93 ? 1025 ARG A O   1 
ATOM   182 C  CB  . ARG A 1 25 ? -10.303 6.997   0.141   1.00 22.24 ? 1025 ARG A CB  1 
ATOM   183 C  CG  . ARG A 1 25 ? -11.405 7.461   1.062   1.00 28.76 ? 1025 ARG A CG  1 
ATOM   184 C  CD  . ARG A 1 25 ? -11.323 8.911   1.466   1.00 37.73 ? 1025 ARG A CD  1 
ATOM   185 N  NE  . ARG A 1 25 ? -10.279 9.821   1.095   1.00 42.59 ? 1025 ARG A NE  1 
ATOM   186 C  CZ  . ARG A 1 25 ? -9.374  10.509  1.777   1.00 45.65 ? 1025 ARG A CZ  1 
ATOM   187 N  NH1 . ARG A 1 25 ? -8.464  11.339  1.219   1.00 53.75 ? 1025 ARG A NH1 1 
ATOM   188 N  NH2 . ARG A 1 25 ? -9.318  10.407  3.116   1.00 55.31 ? 1025 ARG A NH2 1 
ATOM   189 N  N   . THR A 1 26 ? -8.855  5.678   -2.475  1.00 18.81 ? 1026 THR A N   1 
ATOM   190 C  CA  . THR A 1 26 ? -7.551  5.542   -3.125  1.00 16.97 ? 1026 THR A CA  1 
ATOM   191 C  C   . THR A 1 26 ? -7.677  5.374   -4.612  1.00 17.43 ? 1026 THR A C   1 
ATOM   192 O  O   . THR A 1 26 ? -6.729  5.594   -5.371  1.00 20.77 ? 1026 THR A O   1 
ATOM   193 C  CB  . THR A 1 26 ? -6.745  4.338   -2.625  1.00 15.11 ? 1026 THR A CB  1 
ATOM   194 O  OG1 . THR A 1 26 ? -7.555  3.144   -2.709  1.00 15.37 ? 1026 THR A OG1 1 
ATOM   195 C  CG2 . THR A 1 26 ? -6.447  4.444   -1.148  1.00 15.99 ? 1026 THR A CG2 1 
ATOM   196 N  N   . GLY A 1 27 ? -8.825  4.855   -5.073  1.00 17.88 ? 1027 GLY A N   1 
ATOM   197 C  CA  . GLY A 1 27 ? -8.963  4.418   -6.438  1.00 19.78 ? 1027 GLY A CA  1 
ATOM   198 C  C   . GLY A 1 27 ? -8.289  3.147   -6.839  1.00 18.29 ? 1027 GLY A C   1 
ATOM   199 O  O   . GLY A 1 27 ? -8.226  2.730   -8.000  1.00 23.48 ? 1027 GLY A O   1 
ATOM   200 N  N   . ILE A 1 28 ? -7.699  2.352   -6.051  1.00 16.90 ? 1028 ILE A N   1 
ATOM   201 C  CA  . ILE A 1 28 ? -7.052  1.087   -6.033  1.00 14.93 ? 1028 ILE A CA  1 
ATOM   202 C  C   . ILE A 1 28 ? -8.125  0.031   -5.702  1.00 13.76 ? 1028 ILE A C   1 
ATOM   203 O  O   . ILE A 1 28 ? -8.793  0.022   -4.691  1.00 16.02 ? 1028 ILE A O   1 
ATOM   204 C  CB  . ILE A 1 28 ? -5.878  0.989   -5.057  1.00 13.65 ? 1028 ILE A CB  1 
ATOM   205 C  CG1 . ILE A 1 28 ? -4.859  2.120   -5.284  1.00 14.49 ? 1028 ILE A CG1 1 
ATOM   206 C  CG2 . ILE A 1 28 ? -5.206  -0.368  -5.186  1.00 13.64 ? 1028 ILE A CG2 1 
ATOM   207 C  CD1 . ILE A 1 28 ? -3.846  2.253   -4.156  1.00 14.86 ? 1028 ILE A CD1 1 
ATOM   208 N  N   . LYS A 1 29 ? -8.195  -0.970  -6.575  1.00 14.40 ? 1029 LYS A N   1 
ATOM   209 C  CA  A LYS A 1 29 ? -9.183  -2.027  -6.405  0.50 13.89 ? 1029 LYS A CA  1 
ATOM   210 C  CA  B LYS A 1 29 ? -9.125  -2.084  -6.461  0.50 13.96 ? 1029 LYS A CA  1 
ATOM   211 C  C   . LYS A 1 29 ? -8.885  -2.828  -5.155  1.00 11.73 ? 1029 LYS A C   1 
ATOM   212 O  O   . LYS A 1 29 ? -7.728  -3.087  -4.790  1.00 10.39 ? 1029 LYS A O   1 
ATOM   213 C  CB  A LYS A 1 29 ? -9.209  -2.975  -7.601  0.50 17.29 ? 1029 LYS A CB  1 
ATOM   214 C  CB  B LYS A 1 29 ? -8.964  -3.032  -7.666  0.50 17.05 ? 1029 LYS A CB  1 
ATOM   215 C  CG  A LYS A 1 29 ? -9.976  -2.427  -8.803  0.50 19.56 ? 1029 LYS A CG  1 
ATOM   216 C  CG  B LYS A 1 29 ? -9.165  -2.399  -9.031  0.50 20.32 ? 1029 LYS A CG  1 
ATOM   217 C  CD  A LYS A 1 29 ? -10.025 -3.464  -9.910  0.50 21.45 ? 1029 LYS A CD  1 
ATOM   218 C  CD  B LYS A 1 29 ? -9.004  -3.227  -10.277 0.50 23.83 ? 1029 LYS A CD  1 
ATOM   219 C  CE  A LYS A 1 29 ? -10.695 -2.952  -11.191 0.50 24.51 ? 1029 LYS A CE  1 
ATOM   220 C  CE  B LYS A 1 29 ? -9.405  -2.502  -11.574 0.50 25.50 ? 1029 LYS A CE  1 
ATOM   221 N  NZ  A LYS A 1 29 ? -11.958 -3.724  -11.400 0.50 29.83 ? 1029 LYS A NZ  1 
ATOM   222 N  NZ  B LYS A 1 29 ? -9.755  -3.515  -12.603 0.50 30.91 ? 1029 LYS A NZ  1 
ATOM   223 N  N   . ARG A 1 30 ? -9.951  -3.300  -4.502  1.00 12.34 ? 1030 ARG A N   1 
ATOM   224 C  CA  . ARG A 1 30 ? -9.837  -4.023  -3.231  1.00 12.04 ? 1030 ARG A CA  1 
ATOM   225 C  C   . ARG A 1 30 ? -8.901  -5.204  -3.352  1.00 9.71  ? 1030 ARG A C   1 
ATOM   226 O  O   . ARG A 1 30 ? -8.183  -5.473  -2.407  1.00 10.93 ? 1030 ARG A O   1 
ATOM   227 C  CB  . ARG A 1 30 ? -11.173 -4.444  -2.557  1.00 14.08 ? 1030 ARG A CB  1 
ATOM   228 C  CG  . ARG A 1 30 ? -11.882 -5.498  -3.256  1.00 12.87 ? 1030 ARG A CG  1 
ATOM   229 C  CD  . ARG A 1 30 ? -13.189 -5.790  -2.622  1.00 11.61 ? 1030 ARG A CD  1 
ATOM   230 N  NE  . ARG A 1 30 ? -13.312 -6.155  -1.209  1.00 10.80 ? 1030 ARG A NE  1 
ATOM   231 C  CZ  . ARG A 1 30 ? -13.869 -5.451  -0.237  1.00 10.08 ? 1030 ARG A CZ  1 
ATOM   232 N  NH1 . ARG A 1 30 ? -14.302 -4.237  -0.443  1.00 10.94 ? 1030 ARG A NH1 1 
ATOM   233 N  NH2 . ARG A 1 30 ? -13.939 -5.988  1.001   1.00 11.11 ? 1030 ARG A NH2 1 
ATOM   234 N  N   . GLU A 1 31 ? -8.929  -5.933  -4.467  1.00 9.55  ? 1031 GLU A N   1 
ATOM   235 C  CA  . GLU A 1 31 ? -8.012  -7.066  -4.617  1.00 8.78  ? 1031 GLU A CA  1 
ATOM   236 C  C   . GLU A 1 31 ? -6.591  -6.636  -4.377  1.00 8.20  ? 1031 GLU A C   1 
ATOM   237 O  O   . GLU A 1 31 ? -5.798  -7.337  -3.737  1.00 8.58  ? 1031 GLU A O   1 
ATOM   238 C  CB  . GLU A 1 31 ? -8.158  -7.662  -6.017  1.00 9.01  ? 1031 GLU A CB  1 
ATOM   239 C  CG  . GLU A 1 31 ? -7.156  -8.732  -6.352  1.00 9.41  ? 1031 GLU A CG  1 
ATOM   240 C  CD  . GLU A 1 31 ? -7.127  -9.202  -7.778  1.00 9.31  ? 1031 GLU A CD  1 
ATOM   241 O  OE1 . GLU A 1 31 ? -7.978  -8.767  -8.571  1.00 11.32 ? 1031 GLU A OE1 1 
ATOM   242 O  OE2 . GLU A 1 31 ? -6.235  -10.000 -8.156  1.00 11.10 ? 1031 GLU A OE2 1 
ATOM   243 N  N   . MET A 1 32 ? -6.212  -5.509  -4.966  1.00 8.48  ? 1032 MET A N   1 
ATOM   244 C  CA  . MET A 1 32 ? -4.856  -5.026  -4.883  1.00 8.37  ? 1032 MET A CA  1 
ATOM   245 C  C   . MET A 1 32 ? -4.542  -4.473  -3.506  1.00 8.56  ? 1032 MET A C   1 
ATOM   246 O  O   . MET A 1 32 ? -3.440  -4.658  -3.003  1.00 8.90  ? 1032 MET A O   1 
ATOM   247 C  CB  . MET A 1 32 ? -4.573  -4.002  -5.987  1.00 9.74  ? 1032 MET A CB  1 
ATOM   248 C  CG  . MET A 1 32 ? -4.911  -4.500  -7.368  1.00 10.15 ? 1032 MET A CG  1 
ATOM   249 S  SD  . MET A 1 32 ? -4.117  -6.080  -7.740  1.00 10.95 ? 1032 MET A SD  1 
ATOM   250 C  CE  . MET A 1 32 ? -5.087  -6.571  -9.191  1.00 11.63 ? 1032 MET A CE  1 
ATOM   251 N  N   . LEU A 1 33 ? -5.514  -3.806  -2.869  1.00 8.61  ? 1033 LEU A N   1 
ATOM   252 C  CA  . LEU A 1 33 ? -5.329  -3.373  -1.488  1.00 9.16  ? 1033 LEU A CA  1 
ATOM   253 C  C   . LEU A 1 33 ? -5.056  -4.578  -0.585  1.00 8.61  ? 1033 LEU A C   1 
ATOM   254 O  O   . LEU A 1 33 ? -4.179  -4.494  0.286   1.00 8.88  ? 1033 LEU A O   1 
ATOM   255 C  CB  . LEU A 1 33 ? -6.576  -2.604  -0.984  1.00 10.23 ? 1033 LEU A CB  1 
ATOM   256 C  CG  . LEU A 1 33 ? -6.821  -1.267  -1.696  1.00 11.68 ? 1033 LEU A CG  1 
ATOM   257 C  CD1 . LEU A 1 33 ? -8.188  -0.690  -1.323  1.00 15.51 ? 1033 LEU A CD1 1 
ATOM   258 C  CD2 . LEU A 1 33 ? -5.734  -0.234  -1.385  1.00 11.98 ? 1033 LEU A CD2 1 
ATOM   259 N  N   . VAL A 1 34 ? -5.795  -5.664  -0.733  1.00 8.55  ? 1034 VAL A N   1 
ATOM   260 C  CA  . VAL A 1 34 ? -5.544  -6.866  0.070   1.00 8.70  ? 1034 VAL A CA  1 
ATOM   261 C  C   . VAL A 1 34 ? -4.208  -7.439  -0.223  1.00 8.02  ? 1034 VAL A C   1 
ATOM   262 O  O   . VAL A 1 34 ? -3.481  -7.869  0.668   1.00 8.73  ? 1034 VAL A O   1 
ATOM   263 C  CB  . VAL A 1 34 ? -6.709  -7.854  -0.100  1.00 9.45  ? 1034 VAL A CB  1 
ATOM   264 C  CG1 . VAL A 1 34 ? -6.385  -9.188  0.582   1.00 10.10 ? 1034 VAL A CG1 1 
ATOM   265 C  CG2 . VAL A 1 34 ? -8.003  -7.268  0.487   1.00 11.39 ? 1034 VAL A CG2 1 
ATOM   266 N  N   . HIS A 1 35 ? -3.803  -7.473  -1.527  1.00 8.19  ? 1035 HIS A N   1 
ATOM   267 C  CA  . HIS A 1 35 ? -2.429  -7.915  -1.822  1.00 8.09  ? 1035 HIS A CA  1 
ATOM   268 C  C   . HIS A 1 35 ? -1.405  -7.051  -1.086  1.00 8.00  ? 1035 HIS A C   1 
ATOM   269 O  O   . HIS A 1 35 ? -0.470  -7.607  -0.477  1.00 9.01  ? 1035 HIS A O   1 
ATOM   270 C  CB  . HIS A 1 35 ? -2.136  -7.946  -3.303  1.00 7.90  ? 1035 HIS A CB  1 
ATOM   271 C  CG  . HIS A 1 35 ? -2.855  -8.974  -4.101  1.00 7.59  ? 1035 HIS A CG  1 
ATOM   272 N  ND1 . HIS A 1 35 ? -3.024  -10.268 -3.644  1.00 8.16  ? 1035 HIS A ND1 1 
ATOM   273 C  CD2 . HIS A 1 35 ? -3.412  -8.957  -5.299  1.00 8.15  ? 1035 HIS A CD2 1 
ATOM   274 C  CE1 . HIS A 1 35 ? -3.691  -10.949 -4.580  1.00 8.43  ? 1035 HIS A CE1 1 
ATOM   275 N  NE2 . HIS A 1 35 ? -3.950  -10.188 -5.639  1.00 7.68  ? 1035 HIS A NE2 1 
ATOM   276 N  N   . ILE A 1 36 ? -1.574  -5.741  -1.092  1.00 8.42  ? 1036 ILE A N   1 
ATOM   277 C  CA  A ILE A 1 36 ? -0.598  -4.914  -0.348  0.50 8.52  ? 1036 ILE A CA  1 
ATOM   278 C  CA  B ILE A 1 36 ? -0.642  -4.859  -0.352  0.50 8.32  ? 1036 ILE A CA  1 
ATOM   279 C  C   . ILE A 1 36 ? -0.607  -5.223  1.126   1.00 8.42  ? 1036 ILE A C   1 
ATOM   280 O  O   . ILE A 1 36 ? 0.449   -5.326  1.747   1.00 8.90  ? 1036 ILE A O   1 
ATOM   281 C  CB  A ILE A 1 36 ? -0.890  -3.430  -0.633  0.50 9.13  ? 1036 ILE A CB  1 
ATOM   282 C  CB  B ILE A 1 36 ? -1.038  -3.393  -0.603  0.50 9.50  ? 1036 ILE A CB  1 
ATOM   283 C  CG1 A ILE A 1 36 ? -0.752  -3.182  -2.134  0.50 10.24 ? 1036 ILE A CG1 1 
ATOM   284 C  CG1 B ILE A 1 36 ? -0.774  -2.861  -2.017  0.50 9.63  ? 1036 ILE A CG1 1 
ATOM   285 C  CG2 A ILE A 1 36 ? -0.002  -2.527  0.216   0.50 9.23  ? 1036 ILE A CG2 1 
ATOM   286 C  CG2 B ILE A 1 36 ? -0.359  -2.496  0.436   0.50 8.35  ? 1036 ILE A CG2 1 
ATOM   287 C  CD1 A ILE A 1 36 ? -1.399  -1.960  -2.672  0.50 15.35 ? 1036 ILE A CD1 1 
ATOM   288 C  CD1 B ILE A 1 36 ? 0.664   -2.943  -2.528  0.50 9.01  ? 1036 ILE A CD1 1 
ATOM   289 N  N   . GLU A 1 37 ? -1.798  -5.398  1.734   1.00 8.89  ? 1037 GLU A N   1 
ATOM   290 C  CA  . GLU A 1 37 ? -1.882  -5.648  3.177   1.00 8.79  ? 1037 GLU A CA  1 
ATOM   291 C  C   . GLU A 1 37 ? -1.156  -6.941  3.550   1.00 9.10  ? 1037 GLU A C   1 
ATOM   292 O  O   . GLU A 1 37 ? -0.719  -7.082  4.679   1.00 10.36 ? 1037 GLU A O   1 
ATOM   293 C  CB  . GLU A 1 37 ? -3.344  -5.704  3.658   1.00 9.02  ? 1037 GLU A CB  1 
ATOM   294 C  CG  . GLU A 1 37 ? -4.012  -4.355  3.588   1.00 8.96  ? 1037 GLU A CG  1 
ATOM   295 C  CD  . GLU A 1 37 ? -5.429  -4.285  4.122   1.00 10.21 ? 1037 GLU A CD  1 
ATOM   296 O  OE1 . GLU A 1 37 ? -6.053  -5.314  4.391   1.00 10.98 ? 1037 GLU A OE1 1 
ATOM   297 O  OE2 . GLU A 1 37 ? -5.917  -3.128  4.248   1.00 11.39 ? 1037 GLU A OE2 1 
ATOM   298 N  N   . ASN A 1 38 ? -1.101  -7.864  2.580   1.00 8.83  ? 1038 ASN A N   1 
ATOM   299 C  CA  . ASN A 1 38 ? -0.482  -9.165  2.782   1.00 9.24  ? 1038 ASN A CA  1 
ATOM   300 C  C   . ASN A 1 38 ? 0.920   -9.248  2.201   1.00 9.18  ? 1038 ASN A C   1 
ATOM   301 O  O   . ASN A 1 38 ? 1.504   -10.356 2.156   1.00 10.14 ? 1038 ASN A O   1 
ATOM   302 C  CB  . ASN A 1 38 ? -1.410  -10.263 2.251   1.00 11.50 ? 1038 ASN A CB  1 
ATOM   303 C  CG  . ASN A 1 38 ? -2.632  -10.290 3.174   1.00 14.72 ? 1038 ASN A CG  1 
ATOM   304 O  OD1 . ASN A 1 38 ? -3.692  -9.678  2.908   1.00 17.30 ? 1038 ASN A OD1 1 
ATOM   305 N  ND2 . ASN A 1 38 ? -2.545  -10.853 4.341   1.00 16.56 ? 1038 ASN A ND2 1 
ATOM   306 N  N   . ASN A 1 39 ? 1.502   -8.133  1.780   1.00 8.80  ? 1039 ASN A N   1 
ATOM   307 C  CA  . ASN A 1 39 ? 2.855   -8.118  1.183   1.00 8.98  ? 1039 ASN A CA  1 
ATOM   308 C  C   . ASN A 1 39 ? 2.941   -9.030  -0.045  1.00 8.75  ? 1039 ASN A C   1 
ATOM   309 O  O   . ASN A 1 39 ? 4.012   -9.524  -0.398  1.00 10.41 ? 1039 ASN A O   1 
ATOM   310 C  CB  . ASN A 1 39 ? 3.966   -8.402  2.186   1.00 10.16 ? 1039 ASN A CB  1 
ATOM   311 C  CG  . ASN A 1 39 ? 4.421   -7.171  2.980   1.00 10.35 ? 1039 ASN A CG  1 
ATOM   312 O  OD1 . ASN A 1 39 ? 3.603   -6.456  3.527   1.00 11.29 ? 1039 ASN A OD1 1 
ATOM   313 N  ND2 . ASN A 1 39 ? 5.718   -6.971  3.087   1.00 10.61 ? 1039 ASN A ND2 1 
ATOM   314 N  N   . GLU A 1 40 ? 1.828   -9.203  -0.748  1.00 8.17  ? 1040 GLU A N   1 
ATOM   315 C  CA  . GLU A 1 40 ? 1.751   -10.042 -1.938  1.00 8.53  ? 1040 GLU A CA  1 
ATOM   316 C  C   . GLU A 1 40 ? 2.059   -9.244  -3.185  1.00 8.42  ? 1040 GLU A C   1 
ATOM   317 O  O   . GLU A 1 40 ? 1.272   -9.162  -4.149  1.00 8.52  ? 1040 GLU A O   1 
ATOM   318 C  CB  . GLU A 1 40 ? 0.368   -10.694 -2.030  1.00 8.91  ? 1040 GLU A CB  1 
ATOM   319 C  CG  . GLU A 1 40 ? 0.107   -11.706 -0.919  1.00 9.44  ? 1040 GLU A CG  1 
ATOM   320 C  CD  . GLU A 1 40 ? -1.337  -12.118 -0.750  1.00 9.71  ? 1040 GLU A CD  1 
ATOM   321 O  OE1 . GLU A 1 40 ? -2.256  -11.447 -1.247  1.00 9.66  ? 1040 GLU A OE1 1 
ATOM   322 O  OE2 . GLU A 1 40 ? -1.555  -13.146 -0.045  1.00 12.24 ? 1040 GLU A OE2 1 
ATOM   323 N  N   . PHE A 1 41 ? 3.227   -8.601  -3.215  1.00 9.00  ? 1041 PHE A N   1 
ATOM   324 C  CA  . PHE A 1 41 ? 3.525   -7.676  -4.312  1.00 9.45  ? 1041 PHE A CA  1 
ATOM   325 C  C   . PHE A 1 41 ? 3.660   -8.373  -5.656  1.00 8.80  ? 1041 PHE A C   1 
ATOM   326 O  O   . PHE A 1 41 ? 3.372   -7.771  -6.702  1.00 9.44  ? 1041 PHE A O   1 
ATOM   327 C  CB  . PHE A 1 41 ? 4.807   -6.885  -4.002  1.00 10.02 ? 1041 PHE A CB  1 
ATOM   328 C  CG  . PHE A 1 41 ? 4.725   -6.125  -2.702  1.00 9.98  ? 1041 PHE A CG  1 
ATOM   329 C  CD1 . PHE A 1 41 ? 5.491   -6.499  -1.629  1.00 10.40 ? 1041 PHE A CD1 1 
ATOM   330 C  CD2 . PHE A 1 41 ? 3.874   -5.071  -2.581  1.00 11.32 ? 1041 PHE A CD2 1 
ATOM   331 C  CE1 . PHE A 1 41 ? 5.411   -5.854  -0.417  1.00 11.97 ? 1041 PHE A CE1 1 
ATOM   332 C  CE2 . PHE A 1 41 ? 3.790   -4.395  -1.382  1.00 13.67 ? 1041 PHE A CE2 1 
ATOM   333 C  CZ  . PHE A 1 41 ? 4.544   -4.800  -0.304  1.00 12.79 ? 1041 PHE A CZ  1 
ATOM   334 N  N   . ASP A 1 42 ? 4.076   -9.647  -5.640  1.00 9.49  ? 1042 ASP A N   1 
ATOM   335 C  CA  . ASP A 1 42 ? 4.169   -10.378 -6.906  1.00 9.86  ? 1042 ASP A CA  1 
ATOM   336 C  C   . ASP A 1 42 ? 2.792   -10.726 -7.484  1.00 8.96  ? 1042 ASP A C   1 
ATOM   337 O  O   . ASP A 1 42 ? 2.735   -11.208 -8.617  1.00 10.86 ? 1042 ASP A O   1 
ATOM   338 C  CB  . ASP A 1 42 ? 4.991   -11.651 -6.759  1.00 12.69 ? 1042 ASP A CB  1 
ATOM   339 C  CG  . ASP A 1 42 ? 4.579   -12.564 -5.687  1.00 16.73 ? 1042 ASP A CG  1 
ATOM   340 O  OD1 . ASP A 1 42 ? 3.574   -12.367 -5.011  1.00 27.33 ? 1042 ASP A OD1 1 
ATOM   341 O  OD2 . ASP A 1 42 ? 5.323   -13.520 -5.398  1.00 29.89 ? 1042 ASP A OD2 1 
ATOM   342 N  N   . GLN A 1 43 ? 1.727   -10.476 -6.752  1.00 7.92  ? 1043 GLN A N   1 
ATOM   343 C  CA  . GLN A 1 43 ? 0.378   -10.691 -7.262  1.00 7.79  ? 1043 GLN A CA  1 
ATOM   344 C  C   . GLN A 1 43 ? -0.205  -9.394  -7.846  1.00 7.90  ? 1043 GLN A C   1 
ATOM   345 O  O   . GLN A 1 43 ? -1.340  -9.410  -8.345  1.00 8.84  ? 1043 GLN A O   1 
ATOM   346 C  CB  . GLN A 1 43 ? -0.493  -11.284 -6.170  1.00 7.91  ? 1043 GLN A CB  1 
ATOM   347 C  CG  . GLN A 1 43 ? 0.074   -12.591 -5.654  1.00 9.18  ? 1043 GLN A CG  1 
ATOM   348 C  CD  . GLN A 1 43 ? -0.857  -13.343 -4.740  1.00 11.28 ? 1043 GLN A CD  1 
ATOM   349 O  OE1 . GLN A 1 43 ? -0.375  -13.969 -3.775  1.00 18.19 ? 1043 GLN A OE1 1 
ATOM   350 N  NE2 . GLN A 1 43 ? -2.115  -13.426 -5.054  1.00 12.21 ? 1043 GLN A NE2 1 
ATOM   351 N  N   . LEU A 1 44 ? 0.530   -8.292  -7.830  1.00 7.74  ? 1044 LEU A N   1 
ATOM   352 C  CA  . LEU A 1 44 ? 0.098   -7.101  -8.526  1.00 8.02  ? 1044 LEU A CA  1 
ATOM   353 C  C   . LEU A 1 44 ? 0.374   -7.270  -10.019 1.00 8.05  ? 1044 LEU A C   1 
ATOM   354 O  O   . LEU A 1 44 ? 1.473   -7.689  -10.386 1.00 9.00  ? 1044 LEU A O   1 
ATOM   355 C  CB  . LEU A 1 44 ? 0.835   -5.895  -7.999  1.00 8.18  ? 1044 LEU A CB  1 
ATOM   356 C  CG  . LEU A 1 44 ? 0.649   -5.602  -6.495  1.00 8.91  ? 1044 LEU A CG  1 
ATOM   357 C  CD1 . LEU A 1 44 ? 1.566   -4.465  -6.097  1.00 10.71 ? 1044 LEU A CD1 1 
ATOM   358 C  CD2 . LEU A 1 44 ? -0.804  -5.365  -6.121  1.00 10.34 ? 1044 LEU A CD2 1 
ATOM   359 N  N   . PRO A 1 45 ? -0.549  -6.907  -10.893 1.00 8.17  ? 1045 PRO A N   1 
ATOM   360 C  CA  . PRO A 1 45 ? -0.258  -7.033  -12.334 1.00 8.41  ? 1045 PRO A CA  1 
ATOM   361 C  C   . PRO A 1 45 ? 0.997   -6.289  -12.758 1.00 7.69  ? 1045 PRO A C   1 
ATOM   362 O  O   . PRO A 1 45 ? 1.741   -6.803  -13.597 1.00 8.54  ? 1045 PRO A O   1 
ATOM   363 C  CB  . PRO A 1 45 ? -1.522  -6.475  -12.976 1.00 9.54  ? 1045 PRO A CB  1 
ATOM   364 C  CG  . PRO A 1 45 ? -2.593  -6.844  -12.007 1.00 10.39 ? 1045 PRO A CG  1 
ATOM   365 C  CD  . PRO A 1 45 ? -1.965  -6.571  -10.653 1.00 9.05  ? 1045 PRO A CD  1 
ATOM   366 N  N   . ASN A 1 46 ? 1.207   -5.095  -12.208 1.00 7.34  ? 1046 ASN A N   1 
ATOM   367 C  CA  . ASN A 1 46 ? 2.425   -4.338  -12.445 1.00 7.33  ? 1046 ASN A CA  1 
ATOM   368 C  C   . ASN A 1 46 ? 3.071   -4.070  -11.108 1.00 6.99  ? 1046 ASN A C   1 
ATOM   369 O  O   . ASN A 1 46 ? 2.674   -3.157  -10.370 1.00 7.61  ? 1046 ASN A O   1 
ATOM   370 C  CB  . ASN A 1 46 ? 2.170   -3.050  -13.208 1.00 8.10  ? 1046 ASN A CB  1 
ATOM   371 C  CG  . ASN A 1 46 ? 3.461   -2.414  -13.637 1.00 8.39  ? 1046 ASN A CG  1 
ATOM   372 O  OD1 . ASN A 1 46 ? 4.528   -2.717  -13.091 1.00 9.20  ? 1046 ASN A OD1 1 
ATOM   373 N  ND2 . ASN A 1 46 ? 3.400   -1.547  -14.655 1.00 9.88  ? 1046 ASN A ND2 1 
ATOM   374 N  N   . LYS A 1 47 ? 4.055   -4.893  -10.748 1.00 7.02  ? 1047 LYS A N   1 
ATOM   375 C  CA  . LYS A 1 47 ? 4.731   -4.798  -9.471  1.00 7.74  ? 1047 LYS A CA  1 
ATOM   376 C  C   . LYS A 1 47 ? 5.461   -3.500  -9.312  1.00 7.12  ? 1047 LYS A C   1 
ATOM   377 O  O   . LYS A 1 47 ? 5.760   -3.057  -8.197  1.00 8.25  ? 1047 LYS A O   1 
ATOM   378 C  CB  . LYS A 1 47 ? 5.639   -5.997  -9.325  1.00 8.69  ? 1047 LYS A CB  1 
ATOM   379 C  CG  . LYS A 1 47 ? 6.276   -6.169  -7.947  1.00 11.43 ? 1047 LYS A CG  1 
ATOM   380 C  CD  . LYS A 1 47 ? 7.310   -7.224  -7.862  1.00 20.50 ? 1047 LYS A CD  1 
ATOM   381 C  CE  . LYS A 1 47 ? 7.232   -8.528  -8.310  1.00 21.40 ? 1047 LYS A CE  1 
ATOM   382 N  NZ  . LYS A 1 47 ? 8.603   -9.132  -8.073  1.00 16.43 ? 1047 LYS A NZ  1 
ATOM   383 N  N   . ASN A 1 48 ? 5.800   -2.827  -10.435 1.00 7.38  ? 1048 ASN A N   1 
ATOM   384 C  CA  A ASN A 1 48 ? 6.430   -1.528  -10.353 0.50 7.59  ? 1048 ASN A CA  1 
ATOM   385 C  CA  B ASN A 1 48 ? 6.458   -1.535  -10.314 0.50 7.94  ? 1048 ASN A CA  1 
ATOM   386 C  C   . ASN A 1 48 ? 5.600   -0.483  -9.633  1.00 7.70  ? 1048 ASN A C   1 
ATOM   387 O  O   . ASN A 1 48 ? 6.153   0.517   -9.161  1.00 8.32  ? 1048 ASN A O   1 
ATOM   388 C  CB  A ASN A 1 48 ? 6.752   -0.970  -11.745 0.50 7.72  ? 1048 ASN A CB  1 
ATOM   389 C  CB  B ASN A 1 48 ? 6.917   -1.009  -11.685 0.50 7.62  ? 1048 ASN A CB  1 
ATOM   390 C  CG  A ASN A 1 48 ? 7.909   -1.710  -12.377 0.50 8.75  ? 1048 ASN A CG  1 
ATOM   391 C  CG  B ASN A 1 48 ? 7.813   -2.031  -12.361 0.50 7.91  ? 1048 ASN A CG  1 
ATOM   392 O  OD1 A ASN A 1 48 ? 8.755   -2.252  -11.678 0.50 9.16  ? 1048 ASN A OD1 1 
ATOM   393 O  OD1 B ASN A 1 48 ? 8.969   -2.166  -11.952 0.50 7.97  ? 1048 ASN A OD1 1 
ATOM   394 N  ND2 A ASN A 1 48 ? 7.940   -1.600  -13.670 0.50 9.95  ? 1048 ASN A ND2 1 
ATOM   395 N  ND2 B ASN A 1 48 ? 7.341   -2.676  -13.362 0.50 8.26  ? 1048 ASN A ND2 1 
ATOM   396 N  N   . TYR A 1 49 ? 4.292   -0.706  -9.584  1.00 7.35  ? 1049 TYR A N   1 
ATOM   397 C  CA  . TYR A 1 49 ? 3.349   0.205   -8.902  1.00 8.09  ? 1049 TYR A CA  1 
ATOM   398 C  C   . TYR A 1 49 ? 3.281   -0.011  -7.403  1.00 7.52  ? 1049 TYR A C   1 
ATOM   399 O  O   . TYR A 1 49 ? 2.528   0.676   -6.744  1.00 8.54  ? 1049 TYR A O   1 
ATOM   400 C  CB  . TYR A 1 49 ? 1.950   0.090   -9.531  1.00 8.62  ? 1049 TYR A CB  1 
ATOM   401 C  CG  . TYR A 1 49 ? 1.833   0.438   -10.974 1.00 9.08  ? 1049 TYR A CG  1 
ATOM   402 C  CD1 . TYR A 1 49 ? 0.681   0.022   -11.672 1.00 11.02 ? 1049 TYR A CD1 1 
ATOM   403 C  CD2 . TYR A 1 49 ? 2.792   1.125   -11.666 1.00 10.78 ? 1049 TYR A CD2 1 
ATOM   404 C  CE1 . TYR A 1 49 ? 0.517   0.310   -12.993 1.00 12.26 ? 1049 TYR A CE1 1 
ATOM   405 C  CE2 . TYR A 1 49 ? 2.607   1.418   -13.026 1.00 12.68 ? 1049 TYR A CE2 1 
ATOM   406 C  CZ  . TYR A 1 49 ? 1.472   1.016   -13.677 1.00 12.56 ? 1049 TYR A CZ  1 
ATOM   407 O  OH  . TYR A 1 49 ? 1.280   1.266   -15.029 1.00 14.82 ? 1049 TYR A OH  1 
ATOM   408 N  N   . SER A 1 50 ? 4.039   -0.987  -6.883  1.00 7.46  ? 1050 SER A N   1 
ATOM   409 C  CA  . SER A 1 50 ? 3.945   -1.288  -5.443  1.00 7.18  ? 1050 SER A CA  1 
ATOM   410 C  C   . SER A 1 50 ? 4.110   -0.057  -4.583  1.00 7.38  ? 1050 SER A C   1 
ATOM   411 O  O   . SER A 1 50 ? 3.290   0.204   -3.672  1.00 7.75  ? 1050 SER A O   1 
ATOM   412 C  CB  . SER A 1 50 ? 4.980   -2.340  -5.058  1.00 7.82  ? 1050 SER A CB  1 
ATOM   413 O  OG  . SER A 1 50 ? 4.790   -3.593  -5.624  1.00 8.14  ? 1050 SER A OG  1 
ATOM   414 N  N   . GLU A 1 51 ? 5.182   0.689   -4.799  1.00 7.60  ? 1051 GLU A N   1 
ATOM   415 C  CA  . GLU A 1 51 ? 5.403   1.889   -3.989  1.00 7.83  ? 1051 GLU A CA  1 
ATOM   416 C  C   . GLU A 1 51 ? 4.298   2.891   -4.157  1.00 8.00  ? 1051 GLU A C   1 
ATOM   417 O  O   . GLU A 1 51 ? 3.825   3.471   -3.170  1.00 8.63  ? 1051 GLU A O   1 
ATOM   418 C  CB  . GLU A 1 51 ? 6.769   2.515   -4.330  1.00 9.25  ? 1051 GLU A CB  1 
ATOM   419 C  CG  . GLU A 1 51 ? 7.012   3.736   -3.482  1.00 10.81 ? 1051 GLU A CG  1 
ATOM   420 C  CD  . GLU A 1 51 ? 8.378   4.349   -3.625  1.00 13.65 ? 1051 GLU A CD  1 
ATOM   421 O  OE1 . GLU A 1 51 ? 9.282   3.798   -4.209  1.00 30.18 ? 1051 GLU A OE1 1 
ATOM   422 O  OE2 . GLU A 1 51 ? 8.587   5.397   -3.070  1.00 10.41 ? 1051 GLU A OE2 1 
ATOM   423 N  N   . GLY A 1 52 ? 3.870   3.148   -5.415  1.00 8.70  ? 1052 GLY A N   1 
ATOM   424 C  CA  . GLY A 1 52 ? 2.816   4.110   -5.608  1.00 9.36  ? 1052 GLY A CA  1 
ATOM   425 C  C   . GLY A 1 52 ? 1.507   3.705   -4.936  1.00 8.69  ? 1052 GLY A C   1 
ATOM   426 O  O   . GLY A 1 52 ? 0.789   4.592   -4.427  1.00 9.66  ? 1052 GLY A O   1 
ATOM   427 N  N   . PHE A 1 53 ? 1.187   2.440   -4.932  1.00 8.60  ? 1053 PHE A N   1 
ATOM   428 C  CA  . PHE A 1 53 ? -0.008  1.968   -4.213  1.00 8.72  ? 1053 PHE A CA  1 
ATOM   429 C  C   . PHE A 1 53 ? 0.143   2.188   -2.712  1.00 8.53  ? 1053 PHE A C   1 
ATOM   430 O  O   . PHE A 1 53 ? -0.799  2.642   -2.036  1.00 9.30  ? 1053 PHE A O   1 
ATOM   431 C  CB  . PHE A 1 53 ? -0.299  0.522   -4.496  1.00 9.40  ? 1053 PHE A CB  1 
ATOM   432 C  CG  . PHE A 1 53 ? -0.759  0.172   -5.866  1.00 9.91  ? 1053 PHE A CG  1 
ATOM   433 C  CD1 . PHE A 1 53 ? -0.661  -1.114  -6.338  1.00 14.38 ? 1053 PHE A CD1 1 
ATOM   434 C  CD2 . PHE A 1 53 ? -1.330  1.082   -6.703  1.00 15.37 ? 1053 PHE A CD2 1 
ATOM   435 C  CE1 . PHE A 1 53 ? -1.191  -1.509  -7.544  1.00 15.13 ? 1053 PHE A CE1 1 
ATOM   436 C  CE2 . PHE A 1 53 ? -1.866  0.681   -7.932  1.00 16.37 ? 1053 PHE A CE2 1 
ATOM   437 C  CZ  . PHE A 1 53 ? -1.774  -0.607  -8.350  1.00 13.84 ? 1053 PHE A CZ  1 
ATOM   438 N  N   . ILE A 1 54 ? 1.296   1.803   -2.161  1.00 8.24  ? 1054 ILE A N   1 
ATOM   439 C  CA  . ILE A 1 54 ? 1.553   2.034   -0.728  1.00 8.21  ? 1054 ILE A CA  1 
ATOM   440 C  C   . ILE A 1 54 ? 1.421   3.506   -0.406  1.00 8.30  ? 1054 ILE A C   1 
ATOM   441 O  O   . ILE A 1 54 ? 0.858   3.871   0.623   1.00 8.84  ? 1054 ILE A O   1 
ATOM   442 C  CB  . ILE A 1 54 ? 2.939   1.474   -0.359  1.00 8.12  ? 1054 ILE A CB  1 
ATOM   443 C  CG1 . ILE A 1 54 ? 2.929   -0.062  -0.343  1.00 8.94  ? 1054 ILE A CG1 1 
ATOM   444 C  CG2 . ILE A 1 54 ? 3.416   2.001   0.992   1.00 9.35  ? 1054 ILE A CG2 1 
ATOM   445 C  CD1 . ILE A 1 54 ? 4.303   -0.676  -0.343  1.00 9.74  ? 1054 ILE A CD1 1 
ATOM   446 N  N   . ARG A 1 55 ? 1.977   4.360   -1.243  1.00 8.64  ? 1055 ARG A N   1 
ATOM   447 C  CA  . ARG A 1 55 ? 1.941   5.805   -1.030  1.00 9.14  ? 1055 ARG A CA  1 
ATOM   448 C  C   . ARG A 1 55 ? 0.512   6.339   -0.983  1.00 9.33  ? 1055 ARG A C   1 
ATOM   449 O  O   . ARG A 1 55 ? 0.169   7.146   -0.108  1.00 10.19 ? 1055 ARG A O   1 
ATOM   450 C  CB  . ARG A 1 55 ? 2.743   6.496   -2.127  1.00 10.01 ? 1055 ARG A CB  1 
ATOM   451 C  CG  . ARG A 1 55 ? 2.815   7.966   -2.079  1.00 10.79 ? 1055 ARG A CG  1 
ATOM   452 C  CD  . ARG A 1 55 ? 3.716   8.540   -3.183  1.00 12.14 ? 1055 ARG A CD  1 
ATOM   453 N  NE  . ARG A 1 55 ? 5.092   7.994   -3.046  1.00 11.35 ? 1055 ARG A NE  1 
ATOM   454 C  CZ  . ARG A 1 55 ? 5.966   8.446   -2.148  1.00 10.12 ? 1055 ARG A CZ  1 
ATOM   455 N  NH1 . ARG A 1 55 ? 7.124   7.873   -2.062  1.00 10.41 ? 1055 ARG A NH1 1 
ATOM   456 N  NH2 . ARG A 1 55 ? 5.665   9.447   -1.359  1.00 10.55 ? 1055 ARG A NH2 1 
ATOM   457 N  N   . LYS A 1 56 ? -0.323  5.897   -1.915  1.00 9.31  ? 1056 LYS A N   1 
ATOM   458 C  CA  A LYS A 1 56 ? -1.687  6.392   -1.931  0.50 10.42 ? 1056 LYS A CA  1 
ATOM   459 C  CA  B LYS A 1 56 ? -1.710  6.341   -1.974  0.50 10.17 ? 1056 LYS A CA  1 
ATOM   460 C  C   . LYS A 1 56 ? -2.454  5.893   -0.715  1.00 9.69  ? 1056 LYS A C   1 
ATOM   461 O  O   . LYS A 1 56 ? -3.214  6.640   -0.098  1.00 11.12 ? 1056 LYS A O   1 
ATOM   462 C  CB  A LYS A 1 56 ? -2.349  5.971   -3.243  0.50 11.81 ? 1056 LYS A CB  1 
ATOM   463 C  CB  B LYS A 1 56 ? -2.369  5.845   -3.264  0.50 11.89 ? 1056 LYS A CB  1 
ATOM   464 C  CG  A LYS A 1 56 ? -3.735  6.558   -3.385  0.50 13.24 ? 1056 LYS A CG  1 
ATOM   465 C  CG  B LYS A 1 56 ? -1.957  6.507   -4.559  0.50 14.48 ? 1056 LYS A CG  1 
ATOM   466 C  CD  A LYS A 1 56 ? -3.761  8.073   -3.351  0.50 19.46 ? 1056 LYS A CD  1 
ATOM   467 C  CD  B LYS A 1 56 ? -2.709  6.073   -5.794  0.50 21.79 ? 1056 LYS A CD  1 
ATOM   468 C  CE  A LYS A 1 56 ? -5.145  8.645   -3.588  0.50 24.37 ? 1056 LYS A CE  1 
ATOM   469 C  CE  B LYS A 1 56 ? -1.947  6.329   -7.091  0.50 24.29 ? 1056 LYS A CE  1 
ATOM   470 N  NZ  A LYS A 1 56 ? -5.044  10.120  -3.802  0.50 30.64 ? 1056 LYS A NZ  1 
ATOM   471 N  NZ  B LYS A 1 56 ? -1.628  5.016   -7.730  0.50 32.06 ? 1056 LYS A NZ  1 
ATOM   472 N  N   . TYR A 1 57 ? -2.293  4.608   -0.374  1.00 9.27  ? 1057 TYR A N   1 
ATOM   473 C  CA  . TYR A 1 57 ? -2.897  4.051   0.833   1.00 8.86  ? 1057 TYR A CA  1 
ATOM   474 C  C   . TYR A 1 57 ? -2.484  4.881   2.036   1.00 9.07  ? 1057 TYR A C   1 
ATOM   475 O  O   . TYR A 1 57 ? -3.319  5.370   2.818   1.00 9.76  ? 1057 TYR A O   1 
ATOM   476 C  CB  . TYR A 1 57 ? -2.556  2.576   0.886   1.00 8.50  ? 1057 TYR A CB  1 
ATOM   477 C  CG  . TYR A 1 57 ? -3.187  1.699   1.912   1.00 8.59  ? 1057 TYR A CG  1 
ATOM   478 C  CD1 . TYR A 1 57 ? -3.636  2.117   3.165   1.00 9.79  ? 1057 TYR A CD1 1 
ATOM   479 C  CD2 . TYR A 1 57 ? -3.311  0.340   1.655   1.00 8.81  ? 1057 TYR A CD2 1 
ATOM   480 C  CE1 . TYR A 1 57 ? -4.177  1.295   4.076   1.00 10.18 ? 1057 TYR A CE1 1 
ATOM   481 C  CE2 . TYR A 1 57 ? -3.862  -0.542  2.582   1.00 9.41  ? 1057 TYR A CE2 1 
ATOM   482 C  CZ  . TYR A 1 57 ? -4.288  -0.079  3.795   1.00 9.62  ? 1057 TYR A CZ  1 
ATOM   483 O  OH  . TYR A 1 57 ? -4.848  -0.854  4.743   1.00 11.06 ? 1057 TYR A OH  1 
ATOM   484 N  N   . ALA A 1 58 ? -1.166  5.000   2.233   1.00 9.43  ? 1058 ALA A N   1 
ATOM   485 C  CA  . ALA A 1 58 ? -0.623  5.725   3.386   1.00 9.74  ? 1058 ALA A CA  1 
ATOM   486 C  C   . ALA A 1 58 ? -1.217  7.109   3.481   1.00 9.98  ? 1058 ALA A C   1 
ATOM   487 O  O   . ALA A 1 58 ? -1.618  7.588   4.539   1.00 10.73 ? 1058 ALA A O   1 
ATOM   488 C  CB  . ALA A 1 58 ? 0.893   5.756   3.320   1.00 9.99  ? 1058 ALA A CB  1 
ATOM   489 N  N   . SER A 1 59 ? -1.248  7.833   2.356   1.00 11.17 ? 1059 SER A N   1 
ATOM   490 C  CA  A SER A 1 59 ? -1.735  9.210   2.409   0.50 12.85 ? 1059 SER A CA  1 
ATOM   491 C  CA  B SER A 1 59 ? -1.754  9.200   2.355   0.50 12.39 ? 1059 SER A CA  1 
ATOM   492 C  C   . SER A 1 59 ? -3.181  9.253   2.834   1.00 12.67 ? 1059 SER A C   1 
ATOM   493 O  O   . SER A 1 59 ? -3.571  10.098  3.658   1.00 14.84 ? 1059 SER A O   1 
ATOM   494 C  CB  A SER A 1 59 ? -1.491  9.883   1.050   0.50 15.02 ? 1059 SER A CB  1 
ATOM   495 C  CB  B SER A 1 59 ? -1.556  9.765   0.933   0.50 13.14 ? 1059 SER A CB  1 
ATOM   496 O  OG  A SER A 1 59 ? -2.417  9.433   0.092   0.50 22.20 ? 1059 SER A OG  1 
ATOM   497 O  OG  B SER A 1 59 ? -0.170  10.033  0.724   0.50 13.03 ? 1059 SER A OG  1 
ATOM   498 N  N   . VAL A 1 60 ? -4.049  8.339   2.360   1.00 11.79 ? 1060 VAL A N   1 
ATOM   499 C  CA  . VAL A 1 60 ? -5.435  8.328   2.768   1.00 12.51 ? 1060 VAL A CA  1 
ATOM   500 C  C   . VAL A 1 60 ? -5.611  8.075   4.259   1.00 11.77 ? 1060 VAL A C   1 
ATOM   501 O  O   . VAL A 1 60 ? -6.539  8.636   4.883   1.00 14.83 ? 1060 VAL A O   1 
ATOM   502 C  CB  . VAL A 1 60 ? -6.226  7.277   1.926   1.00 13.90 ? 1060 VAL A CB  1 
ATOM   503 C  CG1 . VAL A 1 60 ? -7.579  6.984   2.547   1.00 15.28 ? 1060 VAL A CG1 1 
ATOM   504 C  CG2 . VAL A 1 60 ? -6.366  7.813   0.519   1.00 14.89 ? 1060 VAL A CG2 1 
ATOM   505 N  N   . VAL A 1 61 ? -4.768  7.265   4.852   1.00 11.18 ? 1061 VAL A N   1 
ATOM   506 C  CA  . VAL A 1 61 ? -4.877  6.906   6.232   1.00 11.28 ? 1061 VAL A CA  1 
ATOM   507 C  C   . VAL A 1 61 ? -3.923  7.713   7.142   1.00 11.30 ? 1061 VAL A C   1 
ATOM   508 O  O   . VAL A 1 61 ? -3.710  7.379   8.303   1.00 12.68 ? 1061 VAL A O   1 
ATOM   509 C  CB  . VAL A 1 61 ? -4.739  5.402   6.492   1.00 11.07 ? 1061 VAL A CB  1 
ATOM   510 C  CG1 . VAL A 1 61 ? -5.839  4.669   5.737   1.00 12.32 ? 1061 VAL A CG1 1 
ATOM   511 C  CG2 . VAL A 1 61 ? -3.370  4.850   6.142   1.00 11.58 ? 1061 VAL A CG2 1 
ATOM   512 N  N   A ASN A 1 62 ? -3.331  8.791   6.637   0.50 11.31 ? 1062 ASN A N   1 
ATOM   513 N  N   B ASN A 1 62 ? -3.410  8.804   6.591   0.50 11.10 ? 1062 ASN A N   1 
ATOM   514 C  CA  A ASN A 1 62 ? -2.466  9.728   7.374   0.50 12.29 ? 1062 ASN A CA  1 
ATOM   515 C  CA  B ASN A 1 62 ? -2.675  9.781   7.382   0.50 13.85 ? 1062 ASN A CA  1 
ATOM   516 C  C   A ASN A 1 62 ? -1.318  9.002   8.087   0.50 10.71 ? 1062 ASN A C   1 
ATOM   517 C  C   B ASN A 1 62 ? -1.242  9.344   7.686   0.50 12.74 ? 1062 ASN A C   1 
ATOM   518 O  O   A ASN A 1 62 ? -0.924  9.135   9.260   0.50 9.87  ? 1062 ASN A O   1 
ATOM   519 O  O   B ASN A 1 62 ? -0.652  10.169  8.409   0.50 12.77 ? 1062 ASN A O   1 
ATOM   520 C  CB  A ASN A 1 62 ? -3.282  10.679  8.278   0.50 14.48 ? 1062 ASN A CB  1 
ATOM   521 C  CB  B ASN A 1 62 ? -3.407  10.173  8.708   0.50 15.08 ? 1062 ASN A CB  1 
ATOM   522 C  CG  A ASN A 1 62 ? -4.098  11.718  7.513   0.50 15.89 ? 1062 ASN A CG  1 
ATOM   523 C  CG  B ASN A 1 62 ? -4.879  10.502  8.542   0.50 16.32 ? 1062 ASN A CG  1 
ATOM   524 O  OD1 A ASN A 1 62 ? -3.592  12.791  7.035   0.50 16.66 ? 1062 ASN A OD1 1 
ATOM   525 O  OD1 B ASN A 1 62 ? -5.773  9.751   9.028   0.50 19.34 ? 1062 ASN A OD1 1 
ATOM   526 N  ND2 A ASN A 1 62 ? -5.390  11.439  7.442   0.50 16.03 ? 1062 ASN A ND2 1 
ATOM   527 N  ND2 B ASN A 1 62 ? -5.163  11.586  7.840   0.50 15.70 ? 1062 ASN A ND2 1 
ATOM   528 N  N   . ILE A 1 63 ? -0.665  8.241   7.195   1.00 10.61 ? 1063 ILE A N   1 
ATOM   529 C  CA  . ILE A 1 63 ? 0.666   7.783   7.453   1.00 9.88  ? 1063 ILE A CA  1 
ATOM   530 C  C   . ILE A 1 63 ? 1.605   8.491   6.479   1.00 9.56  ? 1063 ILE A C   1 
ATOM   531 O  O   . ILE A 1 63 ? 1.383   8.438   5.271   1.00 10.46 ? 1063 ILE A O   1 
ATOM   532 C  CB  . ILE A 1 63 ? 0.794   6.251   7.326   1.00 10.40 ? 1063 ILE A CB  1 
ATOM   533 C  CG1 . ILE A 1 63 ? -0.014  5.530   8.415   1.00 12.25 ? 1063 ILE A CG1 1 
ATOM   534 C  CG2 . ILE A 1 63 ? 2.250   5.807   7.379   1.00 11.36 ? 1063 ILE A CG2 1 
ATOM   535 C  CD1 . ILE A 1 63 ? -0.080  4.027   8.212   1.00 14.19 ? 1063 ILE A CD1 1 
ATOM   536 N  N   . GLU A 1 64 ? 2.660   9.143   6.988   1.00 8.69  ? 1064 GLU A N   1 
ATOM   537 C  CA  . GLU A 1 64 ? 3.619   9.822   6.130   1.00 8.52  ? 1064 GLU A CA  1 
ATOM   538 C  C   . GLU A 1 64 ? 4.282   8.762   5.221   1.00 7.87  ? 1064 GLU A C   1 
ATOM   539 O  O   . GLU A 1 64 ? 4.935   7.848   5.737   1.00 8.15  ? 1064 GLU A O   1 
ATOM   540 C  CB  . GLU A 1 64 ? 4.624   10.604  6.952   1.00 9.11  ? 1064 GLU A CB  1 
ATOM   541 C  CG  . GLU A 1 64 ? 5.385   11.649  6.136   1.00 12.13 ? 1064 GLU A CG  1 
ATOM   542 C  CD  . GLU A 1 64 ? 6.430   11.070  5.154   1.00 12.41 ? 1064 GLU A CD  1 
ATOM   543 O  OE1 . GLU A 1 64 ? 6.345   11.213  3.918   1.00 15.08 ? 1064 GLU A OE1 1 
ATOM   544 O  OE2 . GLU A 1 64 ? 7.253   10.299  5.574   1.00 13.99 ? 1064 GLU A OE2 1 
ATOM   545 N  N   . PRO A 1 65 ? 4.171   8.904   3.915   1.00 8.33  ? 1065 PRO A N   1 
ATOM   546 C  CA  . PRO A 1 65 ? 4.592   7.763   3.065   1.00 8.32  ? 1065 PRO A CA  1 
ATOM   547 C  C   . PRO A 1 65 ? 6.065   7.561   2.939   1.00 7.71  ? 1065 PRO A C   1 
ATOM   548 O  O   . PRO A 1 65 ? 6.512   6.411   2.922   1.00 8.37  ? 1065 PRO A O   1 
ATOM   549 C  CB  . PRO A 1 65 ? 3.934   8.092   1.713   1.00 9.51  ? 1065 PRO A CB  1 
ATOM   550 C  CG  . PRO A 1 65 ? 3.800   9.541   1.740   1.00 13.24 ? 1065 PRO A CG  1 
ATOM   551 C  CD  . PRO A 1 65 ? 3.388   9.879   3.147   1.00 9.33  ? 1065 PRO A CD  1 
ATOM   552 N  N   . ASN A 1 66 ? 6.866   8.608   2.747   1.00 8.43  ? 1066 ASN A N   1 
ATOM   553 C  CA  . ASN A 1 66 ? 8.274   8.387   2.490   1.00 8.13  ? 1066 ASN A CA  1 
ATOM   554 C  C   . ASN A 1 66 ? 8.964   7.640   3.634   1.00 8.50  ? 1066 ASN A C   1 
ATOM   555 O  O   . ASN A 1 66 ? 9.780   6.760   3.397   1.00 8.65  ? 1066 ASN A O   1 
ATOM   556 C  CB  . ASN A 1 66 ? 9.019   9.681   2.216   1.00 8.39  ? 1066 ASN A CB  1 
ATOM   557 C  CG  . ASN A 1 66 ? 8.693   10.307  0.891   1.00 7.89  ? 1066 ASN A CG  1 
ATOM   558 O  OD1 . ASN A 1 66 ? 8.111   9.688   -0.015  1.00 9.28  ? 1066 ASN A OD1 1 
ATOM   559 N  ND2 . ASN A 1 66 ? 9.108   11.549  0.758   1.00 9.21  ? 1066 ASN A ND2 1 
ATOM   560 N  N   . GLN A 1 67 ? 8.640   8.017   4.864   1.00 9.95  ? 1067 GLN A N   1 
ATOM   561 C  CA  . GLN A 1 67 ? 9.371   7.363   5.958   1.00 12.03 ? 1067 GLN A CA  1 
ATOM   562 C  C   . GLN A 1 67 ? 8.812   5.967   6.204   1.00 10.67 ? 1067 GLN A C   1 
ATOM   563 O  O   . GLN A 1 67 ? 9.549   5.113   6.638   1.00 10.41 ? 1067 GLN A O   1 
ATOM   564 C  CB  . GLN A 1 67 ? 9.566   8.169   7.205   1.00 11.02 ? 1067 GLN A CB  1 
ATOM   565 C  CG  . GLN A 1 67 ? 8.293   8.216   7.963   1.00 14.32 ? 1067 GLN A CG  1 
ATOM   566 C  CD  . GLN A 1 67 ? 8.212   9.246   9.114   1.00 12.24 ? 1067 GLN A CD  1 
ATOM   567 O  OE1 . GLN A 1 67 ? 9.101   10.095  9.272   1.00 13.93 ? 1067 GLN A OE1 1 
ATOM   568 N  NE2 . GLN A 1 67 ? 7.136   9.281   9.844   1.00 11.66 ? 1067 GLN A NE2 1 
ATOM   569 N  N   . LEU A 1 68 ? 7.521   5.679   5.896   1.00 9.83  ? 1068 LEU A N   1 
ATOM   570 C  CA  . LEU A 1 68 ? 7.023   4.293   5.939   1.00 9.40  ? 1068 LEU A CA  1 
ATOM   571 C  C   . LEU A 1 68 ? 7.778   3.447   4.937   1.00 8.93  ? 1068 LEU A C   1 
ATOM   572 O  O   . LEU A 1 68 ? 8.237   2.342   5.262   1.00 9.64  ? 1068 LEU A O   1 
ATOM   573 C  CB  . LEU A 1 68 ? 5.526   4.299   5.625   1.00 9.62  ? 1068 LEU A CB  1 
ATOM   574 C  CG  . LEU A 1 68 ? 4.869   2.906   5.602   1.00 9.73  ? 1068 LEU A CG  1 
ATOM   575 C  CD1 . LEU A 1 68 ? 4.748   2.344   7.023   1.00 11.22 ? 1068 LEU A CD1 1 
ATOM   576 C  CD2 . LEU A 1 68 ? 3.509   2.914   4.894   1.00 11.48 ? 1068 LEU A CD2 1 
ATOM   577 N  N   . ILE A 1 69 ? 7.868   3.928   3.703   1.00 8.60  ? 1069 ILE A N   1 
ATOM   578 C  CA  . ILE A 1 69 ? 8.561   3.196   2.638   1.00 8.31  ? 1069 ILE A CA  1 
ATOM   579 C  C   . ILE A 1 69 ? 10.016  2.943   3.030   1.00 8.43  ? 1069 ILE A C   1 
ATOM   580 O  O   . ILE A 1 69 ? 10.530  1.841   2.891   1.00 9.51  ? 1069 ILE A O   1 
ATOM   581 C  CB  . ILE A 1 69 ? 8.370   3.924   1.298   1.00 8.34  ? 1069 ILE A CB  1 
ATOM   582 C  CG1 . ILE A 1 69 ? 6.899   3.867   0.865   1.00 8.96  ? 1069 ILE A CG1 1 
ATOM   583 C  CG2 . ILE A 1 69 ? 9.314   3.385   0.231   1.00 9.08  ? 1069 ILE A CG2 1 
ATOM   584 C  CD1 . ILE A 1 69 ? 6.490   4.970   -0.065  1.00 10.26 ? 1069 ILE A CD1 1 
ATOM   585 N  N   . GLN A 1 70 ? 10.679  3.988   3.548   1.00 8.68  ? 1070 GLN A N   1 
ATOM   586 C  CA  . GLN A 1 70 ? 12.070  3.859   3.979   1.00 9.37  ? 1070 GLN A CA  1 
ATOM   587 C  C   . GLN A 1 70 ? 12.236  2.801   5.078   1.00 9.87  ? 1070 GLN A C   1 
ATOM   588 O  O   . GLN A 1 70 ? 13.179  2.052   5.071   1.00 11.43 ? 1070 GLN A O   1 
ATOM   589 C  CB  . GLN A 1 70 ? 12.523  5.241   4.488   1.00 9.77  ? 1070 GLN A CB  1 
ATOM   590 C  CG  . GLN A 1 70 ? 13.911  5.287   4.997   1.00 11.53 ? 1070 GLN A CG  1 
ATOM   591 C  CD  . GLN A 1 70 ? 14.253  6.693   5.449   1.00 11.33 ? 1070 GLN A CD  1 
ATOM   592 O  OE1 . GLN A 1 70 ? 15.141  7.447   4.957   1.00 14.69 ? 1070 GLN A OE1 1 
ATOM   593 N  NE2 . GLN A 1 70 ? 13.561  7.023   6.485   1.00 9.89  ? 1070 GLN A NE2 1 
ATOM   594 N  N   . ALA A 1 71 ? 11.298  2.747   6.017   1.00 10.59 ? 1071 ALA A N   1 
ATOM   595 C  CA  . ALA A 1 71 ? 11.394  1.793   7.126   1.00 13.06 ? 1071 ALA A CA  1 
ATOM   596 C  C   . ALA A 1 71 ? 11.171  0.355   6.663   1.00 13.15 ? 1071 ALA A C   1 
ATOM   597 O  O   . ALA A 1 71 ? 11.451  -0.582  7.397   1.00 20.61 ? 1071 ALA A O   1 
ATOM   598 C  CB  . ALA A 1 71 ? 10.361  2.148   8.195   1.00 17.12 ? 1071 ALA A CB  1 
ATOM   599 N  N   . HIS A 1 72 ? 10.579  0.158   5.516   1.00 9.45  ? 1072 HIS A N   1 
ATOM   600 C  CA  . HIS A 1 72 ? 10.228  -1.137  5.010   1.00 9.04  ? 1072 HIS A CA  1 
ATOM   601 C  C   . HIS A 1 72 ? 10.817  -1.413  3.623   1.00 8.66  ? 1072 HIS A C   1 
ATOM   602 O  O   . HIS A 1 72 ? 10.323  -2.289  2.907   1.00 9.91  ? 1072 HIS A O   1 
ATOM   603 C  CB  . HIS A 1 72 ? 8.691   -1.296  4.953   1.00 9.13  ? 1072 HIS A CB  1 
ATOM   604 C  CG  . HIS A 1 72 ? 8.028   -1.232  6.285   1.00 9.01  ? 1072 HIS A CG  1 
ATOM   605 N  ND1 . HIS A 1 72 ? 7.928   -2.332  7.111   1.00 9.97  ? 1072 HIS A ND1 1 
ATOM   606 C  CD2 . HIS A 1 72 ? 7.494   -0.200  6.956   1.00 10.74 ? 1072 HIS A CD2 1 
ATOM   607 C  CE1 . HIS A 1 72 ? 7.319   -1.955  8.231   1.00 10.55 ? 1072 HIS A CE1 1 
ATOM   608 N  NE2 . HIS A 1 72 ? 7.051   -0.681  8.167   1.00 11.06 ? 1072 HIS A NE2 1 
ATOM   609 N  N   . GLN A 1 73 ? 11.836  -0.685  3.269   1.00 9.46  ? 1073 GLN A N   1 
ATOM   610 C  CA  . GLN A 1 73 ? 12.297  -0.662  1.866   1.00 10.46 ? 1073 GLN A CA  1 
ATOM   611 C  C   . GLN A 1 73 ? 12.717  -2.032  1.394   1.00 9.56  ? 1073 GLN A C   1 
ATOM   612 O  O   . GLN A 1 73 ? 12.552  -2.331  0.216   1.00 10.77 ? 1073 GLN A O   1 
ATOM   613 C  CB  . GLN A 1 73 ? 13.363  0.376   1.738   1.00 12.40 ? 1073 GLN A CB  1 
ATOM   614 C  CG  . GLN A 1 73 ? 14.591  0.126   2.541   1.00 17.84 ? 1073 GLN A CG  1 
ATOM   615 C  CD  . GLN A 1 73 ? 15.402  1.434   2.440   1.00 18.11 ? 1073 GLN A CD  1 
ATOM   616 O  OE1 . GLN A 1 73 ? 15.559  2.297   3.391   1.00 17.48 ? 1073 GLN A OE1 1 
ATOM   617 N  NE2 . GLN A 1 73 ? 15.937  1.689   1.253   1.00 18.21 ? 1073 GLN A NE2 1 
ATOM   618 N  N   . ASP A 1 74 ? 13.283  -2.892  2.259   1.00 9.37  ? 1074 ASP A N   1 
ATOM   619 C  CA  . ASP A 1 74 ? 13.721  -4.199  1.791   1.00 9.78  ? 1074 ASP A CA  1 
ATOM   620 C  C   . ASP A 1 74 ? 12.568  -5.115  1.445   1.00 8.54  ? 1074 ASP A C   1 
ATOM   621 O  O   . ASP A 1 74 ? 12.769  -6.120  0.750   1.00 9.12  ? 1074 ASP A O   1 
ATOM   622 C  CB  . ASP A 1 74 ? 14.619  -4.889  2.816   1.00 13.46 ? 1074 ASP A CB  1 
ATOM   623 C  CG  . ASP A 1 74 ? 15.854  -4.092  3.141   1.00 21.71 ? 1074 ASP A CG  1 
ATOM   624 O  OD1 . ASP A 1 74 ? 16.369  -4.270  4.251   1.00 29.79 ? 1074 ASP A OD1 1 
ATOM   625 O  OD2 . ASP A 1 74 ? 16.329  -3.343  2.248   1.00 29.20 ? 1074 ASP A OD2 1 
ATOM   626 N  N   . GLU A 1 75 ? 11.342  -4.821  1.911   1.00 8.33  ? 1075 GLU A N   1 
ATOM   627 C  CA  . GLU A 1 75 ? 10.161  -5.570  1.598   1.00 8.31  ? 1075 GLU A CA  1 
ATOM   628 C  C   . GLU A 1 75 ? 9.538   -5.151  0.249   1.00 7.91  ? 1075 GLU A C   1 
ATOM   629 O  O   . GLU A 1 75 ? 8.813   -5.923  -0.366  1.00 8.70  ? 1075 GLU A O   1 
ATOM   630 C  CB  . GLU A 1 75 ? 9.061   -5.352  2.642   1.00 7.73  ? 1075 GLU A CB  1 
ATOM   631 C  CG  . GLU A 1 75 ? 9.479   -5.647  4.068   1.00 8.88  ? 1075 GLU A CG  1 
ATOM   632 C  CD  . GLU A 1 75 ? 8.461   -5.108  5.060   1.00 9.19  ? 1075 GLU A CD  1 
ATOM   633 O  OE1 . GLU A 1 75 ? 7.249   -5.050  4.743   1.00 10.64 ? 1075 GLU A OE1 1 
ATOM   634 O  OE2 . GLU A 1 75 ? 8.862   -4.712  6.175   1.00 10.22 ? 1075 GLU A OE2 1 
ATOM   635 N  N   . ILE A 1 76 ? 9.740   -3.889  -0.109  1.00 7.98  ? 1076 ILE A N   1 
ATOM   636 C  CA  . ILE A 1 76 ? 8.959   -3.247  -1.137  1.00 7.92  ? 1076 ILE A CA  1 
ATOM   637 C  C   . ILE A 1 76 ? 9.700   -3.281  -2.441  1.00 7.76  ? 1076 ILE A C   1 
ATOM   638 O  O   . ILE A 1 76 ? 10.833  -2.774  -2.523  1.00 8.61  ? 1076 ILE A O   1 
ATOM   639 C  CB  . ILE A 1 76 ? 8.645   -1.794  -0.754  1.00 8.10  ? 1076 ILE A CB  1 
ATOM   640 C  CG1 . ILE A 1 76 ? 7.833   -1.728  0.543   1.00 8.70  ? 1076 ILE A CG1 1 
ATOM   641 C  CG2 . ILE A 1 76 ? 7.928   -1.075  -1.904  1.00 9.56  ? 1076 ILE A CG2 1 
ATOM   642 C  CD1 . ILE A 1 76 ? 7.782   -0.349  1.151   1.00 9.84  ? 1076 ILE A CD1 1 
ATOM   643 N  N   . PRO A 1 77 ? 9.127   -3.824  -3.510  1.00 8.07  ? 1077 PRO A N   1 
ATOM   644 C  CA  . PRO A 1 77 ? 9.803   -3.770  -4.823  1.00 9.13  ? 1077 PRO A CA  1 
ATOM   645 C  C   . PRO A 1 77 ? 9.839   -2.327  -5.299  1.00 8.22  ? 1077 PRO A C   1 
ATOM   646 O  O   . PRO A 1 77 ? 8.785   -1.752  -5.528  1.00 9.90  ? 1077 PRO A O   1 
ATOM   647 C  CB  . PRO A 1 77 ? 8.961   -4.667  -5.724  1.00 12.71 ? 1077 PRO A CB  1 
ATOM   648 C  CG  . PRO A 1 77 ? 7.850   -5.165  -4.938  1.00 12.12 ? 1077 PRO A CG  1 
ATOM   649 C  CD  . PRO A 1 77 ? 7.843   -4.520  -3.594  1.00 8.92  ? 1077 PRO A CD  1 
ATOM   650 N  N   . SER A 1 78 ? 11.021  -1.777  -5.473  1.00 9.13  ? 1078 SER A N   1 
ATOM   651 C  CA  . SER A 1 78 ? 11.143  -0.470  -6.087  1.00 8.79  ? 1078 SER A CA  1 
ATOM   652 C  C   . SER A 1 78 ? 10.802  -0.556  -7.575  1.00 8.06  ? 1078 SER A C   1 
ATOM   653 O  O   . SER A 1 78 ? 10.873  -1.575  -8.220  1.00 10.01 ? 1078 SER A O   1 
ATOM   654 C  CB  . SER A 1 78 ? 12.538  0.141   -5.863  1.00 10.77 ? 1078 SER A CB  1 
ATOM   655 O  OG  . SER A 1 78 ? 13.537  -0.709  -6.465  1.00 12.70 ? 1078 SER A OG  1 
ATOM   656 N  N   . ASN A 1 79 ? 10.478  0.589   -8.129  1.00 7.95  ? 1079 ASN A N   1 
ATOM   657 C  CA  . ASN A 1 79 ? 10.088  0.768   -9.531  1.00 7.93  ? 1079 ASN A CA  1 
ATOM   658 C  C   . ASN A 1 79 ? 11.286  0.482   -10.415 1.00 7.75  ? 1079 ASN A C   1 
ATOM   659 O  O   . ASN A 1 79 ? 12.272  1.208   -10.408 1.00 9.44  ? 1079 ASN A O   1 
ATOM   660 C  CB  . ASN A 1 79 ? 9.623   2.205   -9.683  1.00 8.58  ? 1079 ASN A CB  1 
ATOM   661 C  CG  . ASN A 1 79 ? 9.215   2.539   -11.088 1.00 8.62  ? 1079 ASN A CG  1 
ATOM   662 O  OD1 . ASN A 1 79 ? 8.964   1.662   -11.922 1.00 9.48  ? 1079 ASN A OD1 1 
ATOM   663 N  ND2 . ASN A 1 79 ? 9.101   3.871   -11.348 1.00 10.35 ? 1079 ASN A ND2 1 
ATOM   664 N  N   . GLN A 1 80 ? 11.203  -0.590  -11.200 1.00 7.55  ? 1080 GLN A N   1 
ATOM   665 C  CA  . GLN A 1 80 ? 12.293  -1.070  -12.063 1.00 8.57  ? 1080 GLN A CA  1 
ATOM   666 C  C   . GLN A 1 80 ? 12.252  -0.431  -13.420 1.00 10.06 ? 1080 GLN A C   1 
ATOM   667 O  O   . GLN A 1 80 ? 12.352  -1.087  -14.474 1.00 10.94 ? 1080 GLN A O   1 
ATOM   668 C  CB  . GLN A 1 80 ? 12.263  -2.607  -12.102 1.00 8.79  ? 1080 GLN A CB  1 
ATOM   669 C  CG  . GLN A 1 80 ? 12.663  -3.247  -10.811 1.00 8.64  ? 1080 GLN A CG  1 
ATOM   670 C  CD  . GLN A 1 80 ? 14.165  -3.399  -10.666 1.00 8.78  ? 1080 GLN A CD  1 
ATOM   671 O  OE1 . GLN A 1 80 ? 14.940  -3.236  -11.601 1.00 10.02 ? 1080 GLN A OE1 1 
ATOM   672 N  NE2 . GLN A 1 80 ? 14.467  -3.740  -9.428  1.00 10.43 ? 1080 GLN A NE2 1 
ATOM   673 N  N   . ALA A 1 81 ? 12.271  0.925   -13.420 1.00 12.04 ? 1081 ALA A N   1 
ATOM   674 C  CA  . ALA A 1 81 ? 12.140  1.722   -14.661 1.00 12.43 ? 1081 ALA A CA  1 
ATOM   675 C  C   . ALA A 1 81 ? 13.486  1.938   -15.289 1.00 12.33 ? 1081 ALA A C   1 
ATOM   676 O  O   . ALA A 1 81 ? 14.061  3.013   -15.348 1.00 14.62 ? 1081 ALA A O   1 
ATOM   677 C  CB  . ALA A 1 81 ? 11.425  3.036   -14.322 1.00 14.58 ? 1081 ALA A CB  1 
ATOM   678 N  N   . GLU A 1 82 ? 14.047  0.840   -15.788 1.00 13.61 ? 1082 GLU A N   1 
ATOM   679 C  CA  . GLU A 1 82 ? 15.426  0.843   -16.187 1.00 14.87 ? 1082 GLU A CA  1 
ATOM   680 C  C   . GLU A 1 82 ? 15.609  1.373   -17.599 1.00 16.15 ? 1082 GLU A C   1 
ATOM   681 O  O   . GLU A 1 82 ? 16.551  2.129   -17.871 1.00 17.38 ? 1082 GLU A O   1 
ATOM   682 C  CB  . GLU A 1 82 ? 15.988  -0.583  -16.031 1.00 21.02 ? 1082 GLU A CB  1 
ATOM   683 C  CG  . GLU A 1 82 ? 17.419  -0.614  -15.609 1.00 26.23 ? 1082 GLU A CG  1 
ATOM   684 C  CD  . GLU A 1 82 ? 18.782  -0.306  -15.664 1.00 22.51 ? 1082 GLU A CD  1 
ATOM   685 O  OE1 . GLU A 1 82 ? 19.506  -1.057  -14.882 1.00 24.10 ? 1082 GLU A OE1 1 
ATOM   686 O  OE2 . GLU A 1 82 ? 19.269  0.425   -16.541 1.00 36.82 ? 1082 GLU A OE2 1 
ATOM   687 N  N   . TRP A 1 83 ? 14.758  0.919   -18.517 1.00 20.05 ? 1083 TRP A N   1 
ATOM   688 C  CA  . TRP A 1 83 ? 14.914  1.239   -19.943 1.00 24.22 ? 1083 TRP A CA  1 
ATOM   689 C  C   . TRP A 1 83 ? 13.682  1.965   -20.431 1.00 27.13 ? 1083 TRP A C   1 
ATOM   690 O  O   . TRP A 1 83 ? 12.629  1.320   -20.387 1.00 34.41 ? 1083 TRP A O   1 
ATOM   691 C  CB  . TRP A 1 83 ? 15.267  -0.024  -20.731 1.00 31.18 ? 1083 TRP A CB  1 
ATOM   692 C  CG  . TRP A 1 83 ? 16.401  -0.714  -20.008 1.00 33.05 ? 1083 TRP A CG  1 
ATOM   693 C  CD1 . TRP A 1 83 ? 16.259  -1.917  -19.352 1.00 36.49 ? 1083 TRP A CD1 1 
ATOM   694 C  CD2 . TRP A 1 83 ? 17.764  -0.303  -19.834 1.00 33.09 ? 1083 TRP A CD2 1 
ATOM   695 N  NE1 . TRP A 1 83 ? 17.464  -2.290  -18.779 1.00 37.50 ? 1083 TRP A NE1 1 
ATOM   696 C  CE2 . TRP A 1 83 ? 18.388  -1.312  -19.076 1.00 34.74 ? 1083 TRP A CE2 1 
ATOM   697 C  CE3 . TRP A 1 83 ? 18.550  0.782   -20.233 1.00 33.56 ? 1083 TRP A CE3 1 
ATOM   698 C  CZ2 . TRP A 1 83 ? 19.726  -1.242  -18.730 1.00 34.72 ? 1083 TRP A CZ2 1 
ATOM   699 C  CZ3 . TRP A 1 83 ? 19.894  0.866   -19.887 1.00 34.45 ? 1083 TRP A CZ3 1 
ATOM   700 C  CH2 . TRP A 1 83 ? 20.475  -0.163  -19.125 1.00 34.82 ? 1083 TRP A CH2 1 
HETATM 701 ZN ZN  . ZN  B 2 .  ? -4.775  -10.887 -7.288  1.00 8.45  ? 2001 ZN  A ZN  1 
HETATM 702 O  O   . HOH C 3 .  ? 7.329   0.256   -6.593  1.00 8.73  ? 3001 HOH A O   1 
HETATM 703 O  O   . HOH C 3 .  ? 5.132   -6.921  -12.509 1.00 8.50  ? 3002 HOH A O   1 
HETATM 704 O  O   . HOH C 3 .  ? 14.659  -6.525  -1.269  1.00 9.56  ? 3003 HOH A O   1 
HETATM 705 O  O   . HOH C 3 .  ? 11.202  6.577   0.884   1.00 9.39  ? 3004 HOH A O   1 
HETATM 706 O  O   . HOH C 3 .  ? -6.382  -10.024 -2.830  1.00 9.53  ? 3005 HOH A O   1 
HETATM 707 O  O   . HOH C 3 .  ? 5.409   2.840   -7.862  1.00 9.42  ? 3006 HOH A O   1 
HETATM 708 O  O   . HOH C 3 .  ? -6.826  -8.869  -11.124 1.00 10.99 ? 3007 HOH A O   1 
HETATM 709 O  O   . HOH C 3 .  ? 9.028   -4.882  -10.921 1.00 10.61 ? 3008 HOH A O   1 
HETATM 710 O  O   . HOH C 3 .  ? 3.953   -8.933  -11.019 1.00 11.14 ? 3009 HOH A O   1 
HETATM 711 O  O   . HOH C 3 .  ? -4.994  -11.967 -1.312  1.00 10.51 ? 3010 HOH A O   1 
HETATM 712 O  O   . HOH C 3 .  ? 1.980   -9.615  -13.373 1.00 11.08 ? 3011 HOH A O   1 
HETATM 713 O  O   . HOH C 3 .  ? -0.282  -3.504  -10.385 1.00 10.10 ? 3012 HOH A O   1 
HETATM 714 O  O   . HOH C 3 .  ? -10.894 -5.849  -6.672  1.00 11.59 ? 3013 HOH A O   1 
HETATM 715 O  O   . HOH C 3 .  ? 11.851  5.592   8.055   1.00 13.86 ? 3014 HOH A O   1 
HETATM 716 O  O   . HOH C 3 .  ? 10.895  11.433  7.767   1.00 11.74 ? 3015 HOH A O   1 
HETATM 717 O  O   . HOH C 3 .  ? 10.225  2.827   -6.283  1.00 12.83 ? 3016 HOH A O   1 
HETATM 718 O  O   . HOH C 3 .  ? -6.020  -8.000  4.241   1.00 13.73 ? 3017 HOH A O   1 
HETATM 719 O  O   . HOH C 3 .  ? 7.590   4.527   -7.363  1.00 15.24 ? 3018 HOH A O   1 
HETATM 720 O  O   . HOH C 3 .  ? 14.362  -0.313  -9.162  1.00 12.30 ? 3019 HOH A O   1 
HETATM 721 O  O   . HOH C 3 .  ? 8.440   -8.660  -0.565  1.00 15.32 ? 3020 HOH A O   1 
HETATM 722 O  O   . HOH C 3 .  ? 15.341  -1.056  -4.426  1.00 14.22 ? 3021 HOH A O   1 
HETATM 723 O  O   . HOH C 3 .  ? -12.990 -4.009  -6.751  1.00 15.81 ? 3022 HOH A O   1 
HETATM 724 O  O   . HOH C 3 .  ? 11.531  -4.416  6.622   1.00 16.45 ? 3023 HOH A O   1 
HETATM 725 O  O   . HOH C 3 .  ? 9.613   11.533  5.457   1.00 17.52 ? 3024 HOH A O   1 
HETATM 726 O  O   . HOH C 3 .  ? -0.826  12.883  7.825   1.00 18.03 ? 3025 HOH A O   1 
HETATM 727 O  O   . HOH C 3 .  ? -14.814 -5.889  -5.888  1.00 14.32 ? 3026 HOH A O   1 
HETATM 728 O  O   . HOH C 3 .  ? -2.160  -2.200  -11.858 1.00 16.98 ? 3027 HOH A O   1 
HETATM 729 O  O   . HOH C 3 .  ? 1.941   -8.154  5.181   1.00 15.36 ? 3028 HOH A O   1 
HETATM 730 O  O   . HOH C 3 .  ? 13.230  -2.823  5.153   1.00 17.23 ? 3029 HOH A O   1 
HETATM 731 O  O   . HOH C 3 .  ? 0.053   0.930   11.828  1.00 21.21 ? 3030 HOH A O   1 
HETATM 732 O  O   . HOH C 3 .  ? 0.198   11.024  4.954   1.00 17.52 ? 3031 HOH A O   1 
HETATM 733 O  O   . HOH C 3 .  ? 5.800   0.141   -15.154 1.00 18.42 ? 3032 HOH A O   1 
HETATM 734 O  O   . HOH C 3 .  ? 15.507  1.942   -1.360  1.00 26.46 ? 3033 HOH A O   1 
HETATM 735 O  O   . HOH C 3 .  ? 1.010   7.218   -5.426  1.00 21.01 ? 3034 HOH A O   1 
HETATM 736 O  O   . HOH C 3 .  ? -4.590  10.090  13.419  1.00 23.24 ? 3035 HOH A O   1 
HETATM 737 O  O   . HOH C 3 .  ? -1.101  7.381   11.616  1.00 19.22 ? 3036 HOH A O   1 
HETATM 738 O  O   . HOH C 3 .  ? 3.619   11.423  -1.467  1.00 20.82 ? 3037 HOH A O   1 
HETATM 739 O  O   . HOH C 3 .  ? 8.452   5.278   -13.851 1.00 21.38 ? 3038 HOH A O   1 
HETATM 740 O  O   . HOH C 3 .  ? -15.405 -2.948  -2.863  1.00 20.43 ? 3039 HOH A O   1 
HETATM 741 O  O   . HOH C 3 .  ? 19.986  -2.260  -12.864 1.00 26.10 ? 3040 HOH A O   1 
HETATM 742 O  O   . HOH C 3 .  ? 6.298   -10.518 -10.357 0.50 21.65 ? 3041 HOH A O   1 
HETATM 743 O  O   . HOH C 3 .  ? 5.864   4.775   9.448   1.00 25.19 ? 3042 HOH A O   1 
HETATM 744 O  O   . HOH C 3 .  ? 14.367  -0.851  -1.805  1.00 22.88 ? 3043 HOH A O   1 
HETATM 745 O  O   . HOH C 3 .  ? 2.435   -13.555 -2.997  1.00 23.84 ? 3044 HOH A O   1 
HETATM 746 O  O   . HOH C 3 .  ? 15.550  4.293   1.188   1.00 21.86 ? 3045 HOH A O   1 
HETATM 747 O  O   . HOH C 3 .  ? 15.594  -3.796  -14.400 1.00 23.23 ? 3046 HOH A O   1 
HETATM 748 O  O   . HOH C 3 .  ? 16.318  -2.641  -0.260  1.00 25.58 ? 3047 HOH A O   1 
HETATM 749 O  O   . HOH C 3 .  ? 6.084   0.772   10.262  1.00 17.65 ? 3048 HOH A O   1 
HETATM 750 O  O   . HOH C 3 .  ? 14.219  -0.415  5.963   1.00 20.00 ? 3049 HOH A O   1 
HETATM 751 O  O   . HOH C 3 .  ? -6.174  -1.008  -9.097  1.00 24.20 ? 3050 HOH A O   1 
HETATM 752 O  O   . HOH C 3 .  ? 17.455  5.651   3.188   1.00 29.94 ? 3051 HOH A O   1 
HETATM 753 O  O   . HOH C 3 .  ? 4.295   2.833   10.509  1.00 22.27 ? 3052 HOH A O   1 
HETATM 754 O  O   . HOH C 3 .  ? 5.021   13.436  3.109   1.00 22.15 ? 3053 HOH A O   1 
HETATM 755 O  O   . HOH C 3 .  ? -8.086  8.774   7.223   1.00 24.75 ? 3054 HOH A O   1 
HETATM 756 O  O   . HOH C 3 .  ? 11.734  -0.165  -2.282  1.00 24.66 ? 3055 HOH A O   1 
HETATM 757 O  O   . HOH C 3 .  ? -17.649 1.563   -3.978  1.00 23.73 ? 3056 HOH A O   1 
HETATM 758 O  O   . HOH C 3 .  ? 8.478   2.243   11.309  1.00 23.78 ? 3057 HOH A O   1 
HETATM 759 O  O   . HOH C 3 .  ? -2.789  -14.901 -1.820  1.00 20.90 ? 3058 HOH A O   1 
HETATM 760 O  O   . HOH C 3 .  ? 5.194   -10.888 -2.996  1.00 25.73 ? 3059 HOH A O   1 
HETATM 761 O  O   . HOH C 3 .  ? 16.723  -1.112  4.819   1.00 29.74 ? 3060 HOH A O   1 
HETATM 762 O  O   . HOH C 3 .  ? 7.174   -9.252  -3.303  1.00 26.95 ? 3061 HOH A O   1 
HETATM 763 O  O   . HOH C 3 .  ? 16.956  -4.755  -18.471 1.00 33.76 ? 3062 HOH A O   1 
HETATM 764 O  O   . HOH C 3 .  ? -1.868  -8.085  7.008   1.00 29.24 ? 3063 HOH A O   1 
HETATM 765 O  O   . HOH C 3 .  ? 6.373   2.255   -13.083 1.00 27.90 ? 3064 HOH A O   1 
HETATM 766 O  O   . HOH C 3 .  ? -3.386  -14.343 1.672   1.00 32.79 ? 3065 HOH A O   1 
HETATM 767 O  O   . HOH C 3 .  ? -15.508 -1.288  -6.982  1.00 33.06 ? 3066 HOH A O   1 
HETATM 768 O  O   . HOH C 3 .  ? 0.834   12.076  2.004   1.00 28.12 ? 3067 HOH A O   1 
HETATM 769 O  O   . HOH C 3 .  ? 3.281   2.324   -16.284 1.00 30.25 ? 3068 HOH A O   1 
HETATM 770 O  O   . HOH C 3 .  ? -15.304 0.826   -3.433  1.00 35.53 ? 3069 HOH A O   1 
HETATM 771 O  O   . HOH C 3 .  ? -2.169  12.278  4.291   1.00 28.81 ? 3070 HOH A O   1 
HETATM 772 O  O   . HOH C 3 .  ? -4.576  -3.022  -10.461 1.00 31.05 ? 3071 HOH A O   1 
HETATM 773 O  O   . HOH C 3 .  ? -1.870  -5.350  11.308  1.00 32.44 ? 3072 HOH A O   1 
HETATM 774 O  O   . HOH C 3 .  ? 0.028   9.401   -4.091  1.00 39.85 ? 3073 HOH A O   1 
HETATM 775 O  O   . HOH C 3 .  ? 3.361   7.501   -6.834  1.00 33.37 ? 3074 HOH A O   1 
HETATM 776 O  O   . HOH C 3 .  ? 15.321  -5.993  6.198   1.00 31.95 ? 3075 HOH A O   1 
HETATM 777 O  O   . HOH C 3 .  ? 0.915   10.895  -1.719  1.00 31.57 ? 3076 HOH A O   1 
HETATM 778 O  O   . HOH C 3 .  ? -8.036  -10.289 8.009   1.00 38.80 ? 3077 HOH A O   1 
HETATM 779 O  O   . HOH C 3 .  ? 2.467   -15.401 -5.942  1.00 31.40 ? 3078 HOH A O   1 
HETATM 780 O  O   . HOH C 3 .  ? 10.296  1.890   -3.432  1.00 21.11 ? 3079 HOH A O   1 
HETATM 781 O  O   . HOH C 3 .  ? -4.891  -11.245 5.827   1.00 40.48 ? 3080 HOH A O   1 
HETATM 782 O  O   . HOH C 3 .  ? 5.301   4.633   -11.938 1.00 36.81 ? 3081 HOH A O   1 
HETATM 783 O  O   . HOH C 3 .  ? 3.212   -12.335 1.581   1.00 33.26 ? 3082 HOH A O   1 
HETATM 784 O  O   . HOH C 3 .  ? 19.397  -4.105  -16.373 1.00 41.61 ? 3083 HOH A O   1 
HETATM 785 O  O   . HOH C 3 .  ? -13.824 -3.831  -9.551  1.00 38.88 ? 3084 HOH A O   1 
HETATM 786 O  O   . HOH C 3 .  ? 11.170  -0.832  10.217  1.00 31.13 ? 3085 HOH A O   1 
HETATM 787 O  O   . HOH C 3 .  ? -10.814 -2.436  -14.722 1.00 31.89 ? 3086 HOH A O   1 
HETATM 788 O  O   . HOH C 3 .  ? 2.798   -13.890 -9.843  1.00 32.72 ? 3087 HOH A O   1 
HETATM 789 O  O   . HOH C 3 .  ? -5.064  1.347   -9.318  1.00 31.72 ? 3088 HOH A O   1 
HETATM 790 O  O   . HOH C 3 .  ? 17.683  -6.746  3.870   1.00 32.92 ? 3089 HOH A O   1 
HETATM 791 O  O   . HOH C 3 .  ? -11.581 8.676   4.236   1.00 51.33 ? 3090 HOH A O   1 
HETATM 792 O  O   . HOH C 3 .  ? -2.464  -17.356 -1.007  1.00 33.02 ? 3091 HOH A O   1 
HETATM 793 O  O   . HOH C 3 .  ? -13.074 6.208   -6.185  1.00 44.48 ? 3092 HOH A O   1 
HETATM 794 O  O   . HOH C 3 .  ? -0.445  -12.360 5.539   1.00 40.09 ? 3093 HOH A O   1 
HETATM 795 O  O   . HOH C 3 .  ? -8.937  10.535  -1.097  1.00 37.24 ? 3094 HOH A O   1 
HETATM 796 O  O   . HOH C 3 .  ? 0.473   -14.471 1.108   1.00 36.86 ? 3095 HOH A O   1 
HETATM 797 O  O   . HOH C 3 .  ? -17.048 3.774   -5.798  1.00 44.64 ? 3096 HOH A O   1 
HETATM 798 O  O   . HOH C 3 .  ? -5.219  4.263   17.317  1.00 43.46 ? 3097 HOH A O   1 
HETATM 799 O  O   . HOH C 3 .  ? 18.912  -2.719  2.034   1.00 38.21 ? 3098 HOH A O   1 
HETATM 800 O  O   . HOH C 3 .  ? 15.688  -0.459  0.017   1.00 42.22 ? 3099 HOH A O   1 
HETATM 801 O  O   . HOH C 3 .  ? 5.931   11.332  1.721   1.00 26.72 ? 3100 HOH A O   1 
HETATM 802 O  O   . HOH C 3 .  ? -3.474  -10.828 -8.798  1.00 8.60  ? 3101 HOH A O   1 
HETATM 803 O  O   . HOH C 3 .  ? -18.053 -2.509  2.629   1.00 24.39 ? 3102 HOH A O   1 
HETATM 804 O  O   . HOH C 3 .  ? 4.621   -12.109 -10.250 1.00 36.05 ? 3103 HOH A O   1 
HETATM 805 O  O   . HOH C 3 .  ? 8.178   4.683   10.384  1.00 33.79 ? 3104 HOH A O   1 
HETATM 806 O  O   . HOH C 3 .  ? 8.056   1.643   -14.519 1.00 41.24 ? 3105 HOH A O   1 
HETATM 807 O  O   . HOH C 3 .  ? -12.988 -3.871  -15.010 1.00 37.98 ? 3106 HOH A O   1 
HETATM 808 O  O   . HOH C 3 .  ? -2.252  4.831   14.273  1.00 36.77 ? 3107 HOH A O   1 
HETATM 809 O  O   . HOH C 3 .  ? -5.765  -7.625  12.281  1.00 47.73 ? 3108 HOH A O   1 
HETATM 810 O  O   . HOH C 3 .  ? -15.391 6.947   0.782   1.00 34.24 ? 3109 HOH A O   1 
HETATM 811 O  O   . HOH C 3 .  ? 6.858   -6.263  16.123  1.00 52.15 ? 3110 HOH A O   1 
HETATM 812 O  O   . HOH C 3 .  ? 3.882   4.278   -9.425  1.00 31.62 ? 3111 HOH A O   1 
HETATM 813 O  O   . HOH C 3 .  ? -0.692  -15.670 -1.349  1.00 36.70 ? 3112 HOH A O   1 
HETATM 814 O  O   . HOH C 3 .  ? 1.166   4.666   -11.381 1.00 46.19 ? 3113 HOH A O   1 
HETATM 815 O  O   . HOH C 3 .  ? -3.416  -15.604 -4.955  1.00 18.85 ? 3114 HOH A O   1 
HETATM 816 O  O   . HOH C 3 .  ? 8.259   -12.865 -4.734  1.00 41.43 ? 3115 HOH A O   1 
HETATM 817 O  O   . HOH C 3 .  ? 9.640   -3.940  -8.642  1.00 39.26 ? 3116 HOH A O   1 
HETATM 818 O  O   . HOH C 3 .  ? -4.255  -1.735  15.404  1.00 45.80 ? 3117 HOH A O   1 
HETATM 819 O  O   . HOH C 3 .  ? -10.693 8.433   7.886   1.00 41.88 ? 3118 HOH A O   1 
HETATM 820 O  O   . HOH C 3 .  ? 2.830   -10.878 5.466   1.00 40.13 ? 3119 HOH A O   1 
HETATM 821 O  O   . HOH C 3 .  ? -13.390 6.579   5.067   1.00 48.02 ? 3120 HOH A O   1 
HETATM 822 O  O   . HOH C 3 .  ? 2.964   -14.153 -0.187  1.00 40.83 ? 3121 HOH A O   1 
HETATM 823 O  O   . HOH C 3 .  ? -15.506 4.790   5.343   1.00 39.63 ? 3122 HOH A O   1 
HETATM 824 O  O   . HOH C 3 .  ? -7.240  11.320  4.156   1.00 47.68 ? 3123 HOH A O   1 
HETATM 825 O  O   . HOH C 3 .  ? -5.278  -8.810  10.787  1.00 52.91 ? 3124 HOH A O   1 
HETATM 826 O  O   . HOH C 3 .  ? 2.225   11.400  -4.003  1.00 47.75 ? 3125 HOH A O   1 
HETATM 827 O  O   . HOH C 3 .  ? 2.085   0.469   12.833  1.00 40.09 ? 3126 HOH A O   1 
HETATM 828 O  O   . HOH C 3 .  ? -2.203  -7.836  9.704   1.00 35.98 ? 3127 HOH A O   1 
HETATM 829 O  O   . HOH C 3 .  ? 13.787  1.890   -8.541  1.00 55.00 ? 3128 HOH A O   1 
HETATM 830 O  O   . HOH C 3 .  ? 5.230   -11.912 -0.082  1.00 44.21 ? 3129 HOH A O   1 
HETATM 831 O  O   . HOH C 3 .  ? -7.983  10.602  11.202  1.00 44.53 ? 3130 HOH A O   1 
HETATM 832 O  O   . HOH C 3 .  ? -15.400 2.785   5.895   1.00 27.00 ? 3131 HOH A O   1 
HETATM 833 O  O   . HOH C 3 .  ? -11.184 8.666   12.838  0.54 35.11 ? 3133 HOH A O   1 
HETATM 834 O  O   . HOH C 3 .  ? -9.409  2.321   17.222  0.62 35.19 ? 3134 HOH A O   1 
HETATM 835 O  O   . HOH C 3 .  ? -14.718 -2.415  -11.235 0.97 51.94 ? 3135 HOH A O   1 
HETATM 836 O  O   . HOH C 3 .  ? 1.969   -12.453 3.625   0.25 26.06 ? 3136 HOH A O   1 
HETATM 837 O  O   . HOH C 3 .  ? 4.891   -10.318 10.082  0.62 34.06 ? 3137 HOH A O   1 
HETATM 838 O  O   . HOH C 3 .  ? -7.775  0.147   -11.391 0.57 33.69 ? 3138 HOH A O   1 
HETATM 839 O  O   . HOH C 3 .  ? -13.432 -0.134  -9.073  0.79 36.39 ? 3139 HOH A O   1 
HETATM 840 O  O   . HOH C 3 .  ? -12.404 2.998   -6.996  0.59 35.40 ? 3140 HOH A O   1 
HETATM 841 O  O   . HOH C 3 .  ? -2.383  6.852   15.775  0.24 21.17 ? 3141 HOH A O   1 
HETATM 842 O  O   . HOH C 3 .  ? -7.099  7.788   15.139  0.77 36.89 ? 3142 HOH A O   1 
HETATM 843 O  O   . HOH C 3 .  ? -18.418 1.318   6.973   0.38 26.32 ? 3143 HOH A O   1 
HETATM 844 O  O   . HOH C 3 .  ? -13.064 2.324   15.206  0.90 45.87 ? 3144 HOH A O   1 
HETATM 845 O  O   . HOH C 3 .  ? 6.838   -16.830 -3.323  0.26 21.91 ? 3145 HOH A O   1 
HETATM 846 O  O   . HOH C 3 .  ? -6.039  6.721   -9.521  0.70 43.72 ? 3147 HOH A O   1 
# 
loop_
_atom_site_anisotrop.id 
_atom_site_anisotrop.type_symbol 
_atom_site_anisotrop.pdbx_label_atom_id 
_atom_site_anisotrop.pdbx_label_alt_id 
_atom_site_anisotrop.pdbx_label_comp_id 
_atom_site_anisotrop.pdbx_label_asym_id 
_atom_site_anisotrop.pdbx_label_seq_id 
_atom_site_anisotrop.pdbx_PDB_ins_code 
_atom_site_anisotrop.U[1][1] 
_atom_site_anisotrop.U[2][2] 
_atom_site_anisotrop.U[3][3] 
_atom_site_anisotrop.U[1][2] 
_atom_site_anisotrop.U[1][3] 
_atom_site_anisotrop.U[2][3] 
_atom_site_anisotrop.pdbx_auth_seq_id 
_atom_site_anisotrop.pdbx_auth_comp_id 
_atom_site_anisotrop.pdbx_auth_asym_id 
_atom_site_anisotrop.pdbx_auth_atom_id 
1   N  N   . LYS A 2  ? 0.3398 0.3589 0.1226 0.0319  -0.0354 0.0120  1002 LYS A N   
2   C  CA  . LYS A 2  ? 0.2685 0.2802 0.1137 0.0098  0.0156  0.0083  1002 LYS A CA  
3   C  C   . LYS A 2  ? 0.1889 0.1585 0.1138 0.0186  0.0056  0.0221  1002 LYS A C   
4   O  O   . LYS A 2  ? 0.1949 0.1544 0.1285 0.0015  -0.0156 0.0029  1002 LYS A O   
5   C  CB  . LYS A 2  ? 0.2782 0.3614 0.1452 0.0293  0.0619  -0.0302 1002 LYS A CB  
6   C  CG  . LYS A 2  ? 0.4110 0.3294 0.3492 0.1017  0.0838  0.0279  1002 LYS A CG  
7   C  CD  . LYS A 2  ? 0.6329 0.3675 0.3152 0.1222  0.0760  -0.0285 1002 LYS A CD  
8   C  CE  . LYS A 2  ? 0.8268 0.3051 0.3296 0.1145  0.0450  0.0649  1002 LYS A CE  
9   N  NZ  . LYS A 2  ? 1.0046 0.3502 0.5754 0.1983  -0.0604 -0.0905 1002 LYS A NZ  
10  N  N   . THR A 3  ? 0.1628 0.1644 0.1173 -0.0012 0.0061  0.0249  1003 THR A N   
11  C  CA  . THR A 3  ? 0.1474 0.1410 0.1177 -0.0031 0.0151  0.0070  1003 THR A CA  
12  C  C   . THR A 3  ? 0.1218 0.1401 0.0877 -0.0108 0.0031  -0.0020 1003 THR A C   
13  O  O   . THR A 3  ? 0.1356 0.1377 0.0940 -0.0070 0.0080  -0.0005 1003 THR A O   
14  C  CB  . THR A 3  ? 0.1489 0.1342 0.1305 -0.0111 0.0163  0.0090  1003 THR A CB  
15  O  OG1 . THR A 3  ? 0.1641 0.1569 0.1424 -0.0205 0.0266  -0.0081 1003 THR A OG1 
16  C  CG2 . THR A 3  ? 0.1945 0.1420 0.1789 0.0018  0.0153  0.0077  1003 THR A CG2 
17  N  N   . VAL A 4  ? 0.1243 0.1149 0.1014 -0.0165 0.0131  -0.0064 1004 VAL A N   
18  C  CA  . VAL A 4  ? 0.1143 0.1219 0.0922 -0.0131 0.0065  -0.0073 1004 VAL A CA  
19  C  C   . VAL A 4  ? 0.1264 0.1245 0.0814 -0.0152 0.0131  -0.0112 1004 VAL A C   
20  O  O   . VAL A 4  ? 0.1268 0.1248 0.0971 -0.0154 0.0133  -0.0078 1004 VAL A O   
21  C  CB  . VAL A 4  ? 0.1273 0.1273 0.1005 -0.0280 0.0146  -0.0012 1004 VAL A CB  
22  C  CG1 . VAL A 4  ? 0.1494 0.1207 0.0969 -0.0145 0.0311  -0.0001 1004 VAL A CG1 
23  C  CG2 . VAL A 4  ? 0.1628 0.1172 0.1111 -0.0266 0.0251  -0.0041 1004 VAL A CG2 
24  N  N   . GLY A 5  ? 0.1127 0.1242 0.1014 -0.0211 0.0014  -0.0117 1005 GLY A N   
25  C  CA  . GLY A 5  ? 0.1343 0.1501 0.1214 -0.0366 0.0107  -0.0242 1005 GLY A CA  
26  C  C   . GLY A 5  ? 0.1335 0.1223 0.1140 -0.0323 0.0111  -0.0126 1005 GLY A C   
27  O  O   . GLY A 5  ? 0.1396 0.1379 0.1394 -0.0217 0.0113  -0.0197 1005 GLY A O   
28  N  N   . GLU A 6  ? 0.1370 0.1316 0.1253 -0.0340 0.0162  -0.0118 1006 GLU A N   
29  C  CA  . GLU A 6  ? 0.1421 0.1600 0.1264 -0.0419 0.0278  0.0019  1006 GLU A CA  
30  C  C   . GLU A 6  ? 0.1540 0.1687 0.1002 -0.0220 0.0247  0.0034  1006 GLU A C   
31  O  O   . GLU A 6  ? 0.1560 0.1724 0.1270 -0.0027 0.0329  0.0086  1006 GLU A O   
32  C  CB  . GLU A 6  ? 0.2061 0.1760 0.1479 -0.0177 0.0313  0.0301  1006 GLU A CB  
33  C  CG  . GLU A 6  ? 0.2009 0.1829 0.2451 -0.0192 0.0447  0.0186  1006 GLU A CG  
34  C  CD  . GLU A 6  ? 0.2394 0.1994 0.3245 -0.0068 0.0409  0.0812  1006 GLU A CD  
35  O  OE1 . GLU A 6  ? 0.2206 0.2573 0.3374 -0.0237 0.0249  0.1337  1006 GLU A OE1 
36  O  OE2 . GLU A 6  ? 0.3548 0.1973 0.6525 -0.0090 -0.0428 0.0794  1006 GLU A OE2 
37  N  N   . ALA A 7  ? 0.1463 0.1428 0.1033 -0.0148 0.0135  -0.0045 1007 ALA A N   
38  C  CA  . ALA A 7  ? 0.1514 0.1574 0.1123 -0.0179 0.0049  -0.0154 1007 ALA A CA  
39  C  C   . ALA A 7  ? 0.1448 0.1211 0.1185 -0.0323 0.0080  -0.0210 1007 ALA A C   
40  O  O   . ALA A 7  ? 0.1598 0.1530 0.1221 -0.0192 0.0176  -0.0256 1007 ALA A O   
41  C  CB  . ALA A 7  ? 0.1463 0.1653 0.1328 -0.0270 0.0018  -0.0341 1007 ALA A CB  
42  N  N   . LEU A 8  ? 0.1248 0.1251 0.1101 -0.0233 0.0072  -0.0108 1008 LEU A N   
43  C  CA  . LEU A 8  ? 0.1213 0.1315 0.1241 -0.0259 0.0081  -0.0120 1008 LEU A CA  
44  C  C   . LEU A 8  ? 0.1268 0.1470 0.1155 -0.0190 0.0209  -0.0227 1008 LEU A C   
45  O  O   . LEU A 8  ? 0.1292 0.1517 0.1415 -0.0250 0.0264  -0.0325 1008 LEU A O   
46  C  CB  . LEU A 8  ? 0.1243 0.1173 0.1102 -0.0189 0.0055  -0.0087 1008 LEU A CB  
47  C  CG  . LEU A 8  ? 0.1167 0.1269 0.1264 -0.0300 0.0042  0.0039  1008 LEU A CG  
48  C  CD1 . LEU A 8  ? 0.1468 0.1621 0.1258 -0.0353 0.0204  0.0048  1008 LEU A CD1 
49  C  CD2 . LEU A 8  ? 0.1491 0.1254 0.1584 -0.0219 -0.0090 0.0115  1008 LEU A CD2 
50  N  N   . LYS A 9  ? 0.1218 0.1420 0.1322 -0.0376 0.0130  -0.0131 1009 LYS A N   
51  C  CA  . LYS A 9  ? 0.1169 0.1584 0.1363 -0.0271 0.0218  -0.0062 1009 LYS A CA  
52  C  C   . LYS A 9  ? 0.1338 0.1666 0.1491 -0.0450 0.0247  -0.0139 1009 LYS A C   
53  O  O   . LYS A 9  ? 0.1447 0.1790 0.1569 -0.0412 0.0478  -0.0274 1009 LYS A O   
54  C  CB  . LYS A 9  ? 0.1368 0.1558 0.1316 -0.0543 0.0048  -0.0101 1009 LYS A CB  
55  C  CG  . LYS A 9  ? 0.1465 0.1701 0.1781 -0.0489 0.0188  -0.0079 1009 LYS A CG  
56  C  CD  . LYS A 9  ? 0.1885 0.1621 0.1480 -0.0632 0.0079  -0.0001 1009 LYS A CD  
57  C  CE  . LYS A 9  ? 0.2038 0.1913 0.2068 -0.0786 0.0137  -0.0043 1009 LYS A CE  
58  N  NZ  . LYS A 9  ? 0.2314 0.1707 0.2916 -0.0781 -0.0293 0.0195  1009 LYS A NZ  
59  N  N   . GLY A 10 ? 0.1625 0.1567 0.1316 -0.0451 0.0215  -0.0069 1010 GLY A N   
60  C  CA  . GLY A 10 ? 0.1953 0.1909 0.1300 -0.0601 0.0374  -0.0135 1010 GLY A CA  
61  C  C   . GLY A 10 ? 0.1779 0.2006 0.1258 -0.0524 0.0453  -0.0260 1010 GLY A C   
62  O  O   . GLY A 10 ? 0.1883 0.2475 0.1437 -0.0681 0.0572  -0.0457 1010 GLY A O   
63  N  N   . ARG A 11 ? 0.1410 0.1993 0.1320 -0.0376 0.0264  -0.0155 1011 ARG A N   
64  C  CA  . ARG A 11 ? 0.1452 0.1953 0.1445 -0.0499 0.0201  -0.0417 1011 ARG A CA  
65  C  C   . ARG A 11 ? 0.1310 0.1726 0.1563 -0.0436 0.0346  -0.0400 1011 ARG A C   
66  O  O   . ARG A 11 ? 0.1465 0.2328 0.1604 -0.0480 0.0467  -0.0693 1011 ARG A O   
67  C  CB  . ARG A 11 ? 0.1366 0.1930 0.1367 -0.0479 0.0104  -0.0320 1011 ARG A CB  
68  C  CG  . ARG A 11 ? 0.1330 0.1914 0.1709 -0.0345 -0.0007 -0.0430 1011 ARG A CG  
69  C  CD  . ARG A 11 ? 0.1974 0.2172 0.1639 -0.0252 -0.0101 -0.0467 1011 ARG A CD  
70  N  NE  . ARG A 11 ? 0.2173 0.2079 0.1873 -0.0243 -0.0037 -0.0705 1011 ARG A NE  
71  C  CZ  . ARG A 11 ? 0.2651 0.2017 0.1860 -0.0502 0.0228  -0.0624 1011 ARG A CZ  
72  N  NH1 . ARG A 11 ? 0.3595 0.2680 0.1917 0.0371  -0.0237 -0.0882 1011 ARG A NH1 
73  N  NH2 . ARG A 11 ? 0.2481 0.2334 0.2052 0.0051  0.0159  -0.0786 1011 ARG A NH2 
74  N  N   . ARG A 12 ? 0.1204 0.1864 0.1472 -0.0312 0.0243  -0.0392 1012 ARG A N   
75  C  CA  . ARG A 12 ? 0.1205 0.1737 0.1752 -0.0351 0.0218  -0.0387 1012 ARG A CA  
76  C  C   . ARG A 12 ? 0.1286 0.1893 0.1800 -0.0343 0.0412  -0.0523 1012 ARG A C   
77  O  O   . ARG A 12 ? 0.1366 0.2174 0.1938 -0.0282 0.0382  -0.0666 1012 ARG A O   
78  C  CB  . ARG A 12 ? 0.1189 0.1761 0.1444 -0.0155 0.0168  -0.0256 1012 ARG A CB  
79  C  CG  . ARG A 12 ? 0.1309 0.1539 0.1761 -0.0175 0.0020  -0.0355 1012 ARG A CG  
80  C  CD  . ARG A 12 ? 0.1346 0.1475 0.1617 -0.0278 0.0100  -0.0288 1012 ARG A CD  
81  N  NE  . ARG A 12 ? 0.1223 0.1482 0.1652 -0.0189 0.0181  -0.0287 1012 ARG A NE  
82  C  CZ  . ARG A 12 ? 0.1076 0.1490 0.1500 -0.0247 0.0114  -0.0302 1012 ARG A CZ  
83  N  NH1 . ARG A 12 ? 0.1295 0.1569 0.1814 -0.0136 0.0024  -0.0210 1012 ARG A NH1 
84  N  NH2 . ARG A 12 ? 0.1217 0.1706 0.1670 -0.0305 0.0227  -0.0324 1012 ARG A NH2 
85  N  N   . GLU A 13 ? 0.1338 0.2113 0.1809 -0.0464 0.0492  -0.0277 1013 GLU A N   
86  C  CA  . GLU A 13 ? 0.1674 0.2451 0.1822 -0.0609 0.0653  -0.0314 1013 GLU A CA  
87  C  C   . GLU A 13 ? 0.1992 0.2490 0.1912 -0.0743 0.0910  -0.0315 1013 GLU A C   
88  O  O   . GLU A 13 ? 0.2114 0.2826 0.2448 -0.0741 0.1189  -0.0578 1013 GLU A O   
89  C  CB  . GLU A 13 ? 0.1920 0.2406 0.2145 -0.0669 0.0743  -0.0115 1013 GLU A CB  
90  C  CG  . GLU A 13 ? 0.2700 0.2366 0.2492 -0.0693 0.1210  -0.0287 1013 GLU A CG  
91  C  CD  . GLU A 13 ? 0.3595 0.2565 0.2701 -0.0364 0.1070  -0.0210 1013 GLU A CD  
92  O  OE1 . GLU A 13 ? 0.3922 0.4075 0.3982 0.0251  0.0528  0.0489  1013 GLU A OE1 
93  O  OE2 . GLU A 13 ? 0.5189 0.2499 0.4162 -0.1107 -0.0111 0.0256  1013 GLU A OE2 
94  N  N   . ARG A 14 ? 0.1981 0.2654 0.1827 -0.0557 0.0776  -0.0532 1014 ARG A N   
95  C  CA  . ARG A 14 ? 0.2375 0.3326 0.1905 -0.0422 0.0580  -0.0862 1014 ARG A CA  
96  C  C   . ARG A 14 ? 0.1970 0.2890 0.2031 -0.0695 0.0917  -0.0986 1014 ARG A C   
97  O  O   . ARG A 14 ? 0.2275 0.3830 0.2187 -0.0406 0.0736  -0.1485 1014 ARG A O   
98  C  CB  . ARG A 14 ? 0.2570 0.3778 0.1670 -0.0523 0.0285  -0.0849 1014 ARG A CB  
99  C  CG  . ARG A 14 ? 0.2835 0.4028 0.2554 -0.0255 0.0023  -0.0791 1014 ARG A CG  
100 C  CD  . ARG A 14 ? 0.2659 0.4153 0.2577 -0.0309 0.0058  -0.0362 1014 ARG A CD  
101 N  NE  . ARG A 14 ? 0.2817 0.4113 0.1941 -0.0255 -0.0200 -0.0219 1014 ARG A NE  
102 C  CZ  . ARG A 14 ? 0.3133 0.3355 0.1559 -0.0441 -0.0098 -0.0106 1014 ARG A CZ  
103 N  NH1 . ARG A 14 ? 0.2966 0.2987 0.1720 -0.0254 -0.0154 -0.0030 1014 ARG A NH1 
104 N  NH2 . ARG A 14 ? 0.4177 0.3373 0.2282 -0.0451 0.0518  0.0315  1014 ARG A NH2 
105 N  N   . LEU A 15 ? 0.1676 0.2815 0.2113 -0.0481 0.0756  -0.1002 1015 LEU A N   
106 C  CA  . LEU A 15 ? 0.1818 0.2724 0.2206 -0.0373 0.0627  -0.1292 1015 LEU A CA  
107 C  C   . LEU A 15 ? 0.1782 0.2816 0.2370 -0.0256 0.0663  -0.1270 1015 LEU A C   
108 O  O   . LEU A 15 ? 0.1963 0.3058 0.3245 0.0008  0.0355  -0.1563 1015 LEU A O   
109 C  CB  . LEU A 15 ? 0.1669 0.2537 0.2305 -0.0107 0.0514  -0.1146 1015 LEU A CB  
110 C  CG  . LEU A 15 ? 0.1787 0.2325 0.2363 -0.0125 0.0492  -0.0819 1015 LEU A CG  
111 C  CD1 . LEU A 15 ? 0.2247 0.2515 0.2439 0.0120  0.0702  -0.0638 1015 LEU A CD1 
112 C  CD2 . LEU A 15 ? 0.2312 0.2505 0.3087 -0.0613 0.1104  -0.1207 1015 LEU A CD2 
113 N  N   . GLY A 16 ? 0.1851 0.2982 0.2126 -0.0559 0.0520  -0.0955 1016 GLY A N   
114 C  CA  . GLY A 16 ? 0.1688 0.3114 0.2833 -0.0429 0.0594  -0.1091 1016 GLY A CA  
115 C  C   . GLY A 16 ? 0.1550 0.3177 0.2881 -0.0588 0.0386  -0.1229 1016 GLY A C   
116 O  O   . GLY A 16 ? 0.1511 0.4643 0.3101 -0.0780 0.0530  -0.0892 1016 GLY A O   
117 N  N   . MET A 17 ? 0.1242 0.2489 0.2622 -0.0205 0.0166  -0.1300 1017 MET A N   
118 C  CA  . MET A 17 ? 0.1419 0.1948 0.2669 -0.0132 0.0085  -0.1132 1017 MET A CA  
119 C  C   . MET A 17 ? 0.1439 0.1659 0.2372 -0.0059 0.0101  -0.0761 1017 MET A C   
120 O  O   . MET A 17 ? 0.1311 0.2010 0.3057 0.0032  0.0027  -0.0884 1017 MET A O   
121 C  CB  . MET A 17 ? 0.1266 0.1883 0.2678 -0.0082 -0.0210 -0.0922 1017 MET A CB  
122 C  CG  . MET A 17 ? 0.1530 0.1785 0.2753 -0.0144 -0.0356 -0.0744 1017 MET A CG  
123 S  SD  . MET A 17 ? 0.1922 0.1959 0.2960 -0.0245 0.0226  -0.0988 1017 MET A SD  
124 C  CE  . MET A 17 ? 0.2757 0.2279 0.3513 -0.0932 0.1185  -0.1548 1017 MET A CE  
125 N  N   . THR A 18 ? 0.1427 0.1990 0.2584 0.0043  -0.0002 -0.1156 1018 THR A N   
126 C  CA  . THR A 18 ? 0.1492 0.1598 0.2472 -0.0285 0.0274  -0.0852 1018 THR A CA  
127 C  C   . THR A 18 ? 0.1045 0.1650 0.2399 -0.0298 0.0081  -0.0951 1018 THR A C   
128 O  O   . THR A 18 ? 0.1220 0.1584 0.2338 -0.0125 0.0095  -0.0832 1018 THR A O   
129 C  CB  . THR A 18 ? 0.1351 0.2289 0.3565 -0.0253 0.0516  -0.1377 1018 THR A CB  
130 O  OG1 . THR A 18 ? 0.1097 0.2978 0.3009 -0.0238 0.0087  -0.1423 1018 THR A OG1 
131 C  CG2 . THR A 18 ? 0.1729 0.3216 0.3556 -0.0580 0.0731  -0.1268 1018 THR A CG2 
132 N  N   . LEU A 19 ? 0.1127 0.1545 0.2248 -0.0253 0.0167  -0.0689 1019 LEU A N   
133 C  CA  . LEU A 19 ? 0.1056 0.1635 0.2075 -0.0084 -0.0007 -0.0678 1019 LEU A CA  
134 C  C   . LEU A 19 ? 0.1093 0.1451 0.2336 -0.0056 -0.0205 -0.0777 1019 LEU A C   
135 O  O   . LEU A 19 ? 0.1222 0.1339 0.2656 0.0094  -0.0395 -0.0435 1019 LEU A O   
136 C  CB  . LEU A 19 ? 0.1240 0.1478 0.1877 -0.0109 -0.0037 -0.0432 1019 LEU A CB  
137 C  CG  . LEU A 19 ? 0.1093 0.1841 0.1740 -0.0001 0.0045  -0.0393 1019 LEU A CG  
138 C  CD1 . LEU A 19 ? 0.1631 0.1734 0.1593 0.0097  0.0171  -0.0232 1019 LEU A CD1 
139 C  CD2 . LEU A 19 ? 0.1175 0.2032 0.2126 -0.0026 0.0152  -0.0185 1019 LEU A CD2 
140 N  N   . THR A 20 ? 0.1053 0.1782 0.2991 -0.0028 -0.0223 -0.0990 1020 THR A N   
141 C  CA  . THR A 20 ? 0.1187 0.2039 0.3325 0.0081  -0.0520 -0.1190 1020 THR A CA  
142 C  C   . THR A 20 ? 0.1244 0.1879 0.3461 0.0363  -0.0502 -0.1197 1020 THR A C   
143 O  O   . THR A 20 ? 0.1576 0.1916 0.3422 0.0469  -0.0864 -0.1053 1020 THR A O   
144 C  CB  . THR A 20 ? 0.1115 0.2273 0.4391 0.0101  -0.0585 -0.1680 1020 THR A CB  
145 O  OG1 . THR A 20 ? 0.1323 0.2452 0.6766 -0.0233 -0.0300 -0.2195 1020 THR A OG1 
146 C  CG2 . THR A 20 ? 0.1418 0.4057 0.4151 0.0377  -0.0889 -0.1737 1020 THR A CG2 
147 N  N   . GLU A 21 ? 0.1280 0.1903 0.3515 0.0188  -0.0328 -0.1236 1021 GLU A N   
148 C  CA  . GLU A 21 ? 0.1411 0.1725 0.3612 0.0274  -0.0416 -0.1222 1021 GLU A CA  
149 C  C   . GLU A 21 ? 0.1598 0.1395 0.3072 0.0367  -0.0404 -0.0961 1021 GLU A C   
150 O  O   . GLU A 21 ? 0.1716 0.1526 0.3592 0.0454  -0.0524 -0.0663 1021 GLU A O   
151 C  CB  . GLU A 21 ? 0.1601 0.1955 0.3707 0.0186  -0.0068 -0.1287 1021 GLU A CB  
152 N  N   . LEU A 22 ? 0.1319 0.1408 0.2702 0.0147  -0.0483 -0.0782 1022 LEU A N   
153 C  CA  . LEU A 22 ? 0.1401 0.1359 0.2635 0.0053  -0.0502 -0.0683 1022 LEU A CA  
154 C  C   . LEU A 22 ? 0.1348 0.1283 0.2636 0.0135  -0.0583 -0.0421 1022 LEU A C   
155 O  O   . LEU A 22 ? 0.1569 0.1224 0.2698 0.0108  -0.0654 -0.0246 1022 LEU A O   
156 C  CB  . LEU A 22 ? 0.1262 0.1428 0.2303 0.0039  -0.0280 -0.0522 1022 LEU A CB  
157 C  CG  . LEU A 22 ? 0.1322 0.1486 0.2053 -0.0083 -0.0320 -0.0321 1022 LEU A CG  
158 C  CD1 . LEU A 22 ? 0.1452 0.1567 0.2231 -0.0273 -0.0174 -0.0444 1022 LEU A CD1 
159 C  CD2 . LEU A 22 ? 0.1186 0.1649 0.2101 -0.0088 -0.0043 -0.0079 1022 LEU A CD2 
160 N  N   . GLU A 23 ? 0.1358 0.1324 0.2362 0.0201  -0.0518 -0.0391 1023 GLU A N   
161 C  CA  . GLU A 23 ? 0.1475 0.1344 0.2341 0.0151  -0.0565 -0.0069 1023 GLU A CA  
162 C  C   . GLU A 23 ? 0.1794 0.1337 0.2917 0.0146  -0.0720 -0.0020 1023 GLU A C   
163 O  O   . GLU A 23 ? 0.2196 0.1429 0.3007 0.0055  -0.0937 0.0314  1023 GLU A O   
164 C  CB  . GLU A 23 ? 0.1626 0.1370 0.2204 0.0197  -0.0650 -0.0230 1023 GLU A CB  
165 C  CG  . GLU A 23 ? 0.2437 0.1925 0.2221 0.0701  -0.0971 -0.0220 1023 GLU A CG  
166 C  CD  . GLU A 23 ? 0.2559 0.2453 0.2600 0.0478  -0.1220 -0.0816 1023 GLU A CD  
167 O  OE1 . GLU A 23 ? 0.1898 0.2120 0.4685 0.0194  -0.0896 -0.0426 1023 GLU A OE1 
168 O  OE2 . GLU A 23 ? 0.2776 0.2205 0.3764 0.0395  -0.0193 0.0037  1023 GLU A OE2 
169 N  N   . GLN A 24 ? 0.1901 0.1348 0.3163 0.0387  -0.0949 -0.0240 1024 GLN A N   
170 C  CA  . GLN A 24 ? 0.2049 0.1434 0.3576 0.0376  -0.1186 -0.0112 1024 GLN A CA  
171 C  C   . GLN A 24 ? 0.2357 0.1289 0.3871 0.0374  -0.1178 -0.0124 1024 GLN A C   
172 O  O   . GLN A 24 ? 0.2525 0.1726 0.3747 0.0233  -0.0677 0.0036  1024 GLN A O   
173 C  CB  . GLN A 24 ? 0.2142 0.1775 0.4141 0.0629  -0.1060 -0.0496 1024 GLN A CB  
174 C  CG  . GLN A 24 ? 0.1912 0.1895 0.4975 0.0729  -0.0831 -0.0648 1024 GLN A CG  
175 C  CD  . GLN A 24 ? 0.2179 0.2388 0.5304 0.0706  -0.0555 -0.0991 1024 GLN A CD  
176 O  OE1 . GLN A 24 ? 0.2509 0.3866 0.5512 0.0999  -0.0703 -0.1624 1024 GLN A OE1 
177 N  NE2 . GLN A 24 ? 0.2160 0.4520 0.5119 0.0090  -0.0729 -0.0695 1024 GLN A NE2 
178 N  N   . ARG A 25 ? 0.2051 0.1253 0.3673 0.0334  -0.0824 -0.0410 1025 ARG A N   
179 C  CA  . ARG A 25 ? 0.2105 0.1239 0.4560 0.0307  -0.0895 -0.0572 1025 ARG A CA  
180 C  C   . ARG A 25 ? 0.2248 0.1155 0.3855 0.0087  -0.0994 -0.0321 1025 ARG A C   
181 O  O   . ARG A 25 ? 0.2737 0.1324 0.4652 0.0034  -0.0768 -0.0151 1025 ARG A O   
182 C  CB  . ARG A 25 ? 0.1810 0.2169 0.4471 -0.0232 -0.0490 -0.1122 1025 ARG A CB  
183 C  CG  . ARG A 25 ? 0.2673 0.2868 0.5385 0.0511  0.0094  -0.1187 1025 ARG A CG  
184 C  CD  . ARG A 25 ? 0.4610 0.2811 0.6914 0.1120  0.0339  -0.1410 1025 ARG A CD  
185 N  NE  . ARG A 25 ? 0.5916 0.2230 0.8035 0.0472  0.0153  -0.1403 1025 ARG A NE  
186 C  CZ  . ARG A 25 ? 0.6355 0.2895 0.8093 0.0145  0.0128  -0.1746 1025 ARG A CZ  
187 N  NH1 . ARG A 25 ? 0.6324 0.3469 1.0632 -0.0277 0.0190  -0.1251 1025 ARG A NH1 
188 N  NH2 . ARG A 25 ? 0.7831 0.5242 0.7939 0.1102  0.0119  -0.2596 1025 ARG A NH2 
189 N  N   . THR A 26 ? 0.2075 0.1413 0.3659 0.0129  -0.0654 -0.0260 1026 THR A N   
190 C  CA  . THR A 26 ? 0.2007 0.1242 0.3200 -0.0058 -0.0763 0.0067  1026 THR A CA  
191 C  C   . THR A 26 ? 0.2269 0.1222 0.3131 -0.0131 -0.0871 0.0305  1026 THR A C   
192 O  O   . THR A 26 ? 0.2835 0.1695 0.3362 -0.0435 -0.0518 0.0371  1026 THR A O   
193 C  CB  . THR A 26 ? 0.1802 0.1260 0.2680 -0.0023 -0.0845 -0.0237 1026 THR A CB  
194 O  OG1 . THR A 26 ? 0.2191 0.1082 0.2567 0.0001  -0.0929 -0.0096 1026 THR A OG1 
195 C  CG2 . THR A 26 ? 0.1799 0.1681 0.2597 -0.0082 -0.0675 -0.0387 1026 THR A CG2 
196 N  N   . GLY A 27 ? 0.2398 0.1280 0.3114 0.0000  -0.1040 0.0367  1027 GLY A N   
197 C  CA  . GLY A 27 ? 0.2764 0.1593 0.3156 0.0095  -0.1424 0.0409  1027 GLY A CA  
198 C  C   . GLY A 27 ? 0.2500 0.1675 0.2776 -0.0045 -0.1221 0.0336  1027 GLY A C   
199 O  O   . GLY A 27 ? 0.3364 0.2715 0.2844 0.0070  -0.1162 0.0014  1027 GLY A O   
200 N  N   . ILE A 28 ? 0.2192 0.1253 0.2976 -0.0124 -0.0983 0.0168  1028 ILE A N   
201 C  CA  . ILE A 28 ? 0.1805 0.1270 0.2597 -0.0146 -0.0533 0.0034  1028 ILE A CA  
202 C  C   . ILE A 28 ? 0.1630 0.1235 0.2366 -0.0069 -0.0719 0.0029  1028 ILE A C   
203 O  O   . ILE A 28 ? 0.1710 0.1420 0.2955 -0.0093 -0.0332 -0.0129 1028 ILE A O   
204 C  CB  . ILE A 28 ? 0.1559 0.1201 0.2425 -0.0149 -0.0370 -0.0131 1028 ILE A CB  
205 C  CG1 . ILE A 28 ? 0.1621 0.1235 0.2650 -0.0154 -0.0316 -0.0149 1028 ILE A CG1 
206 C  CG2 . ILE A 28 ? 0.1557 0.1239 0.2388 -0.0149 -0.0492 -0.0245 1028 ILE A CG2 
207 C  CD1 . ILE A 28 ? 0.1662 0.1327 0.2655 -0.0269 -0.0401 -0.0093 1028 ILE A CD1 
208 N  N   . LYS A 29 ? 0.1916 0.1235 0.2318 -0.0161 -0.0793 0.0143  1029 LYS A N   
209 C  CA  A LYS A 29 ? 0.1552 0.1390 0.2334 -0.0091 -0.0899 -0.0024 1029 LYS A CA  
210 C  CA  B LYS A 29 ? 0.1573 0.1358 0.2373 -0.0099 -0.0902 0.0017  1029 LYS A CA  
211 C  C   . LYS A 29 ? 0.1329 0.1036 0.2093 0.0030  -0.0415 -0.0154 1029 LYS A C   
212 O  O   . LYS A 29 ? 0.1217 0.1125 0.1606 0.0013  -0.0232 -0.0077 1029 LYS A O   
213 C  CB  A LYS A 29 ? 0.2751 0.1676 0.2142 -0.0452 -0.1038 0.0058  1029 LYS A CB  
214 C  CB  B LYS A 29 ? 0.2695 0.1610 0.2174 -0.0385 -0.1111 0.0037  1029 LYS A CB  
215 C  CG  A LYS A 29 ? 0.3277 0.2019 0.2134 -0.0588 -0.1048 0.0383  1029 LYS A CG  
216 C  CG  B LYS A 29 ? 0.3157 0.2270 0.2294 -0.0618 -0.1182 0.0314  1029 LYS A CG  
217 C  CD  A LYS A 29 ? 0.3569 0.2523 0.2057 -0.0686 -0.1141 0.0194  1029 LYS A CD  
218 C  CD  B LYS A 29 ? 0.3897 0.2860 0.2297 -0.0693 -0.1179 0.0085  1029 LYS A CD  
219 C  CE  A LYS A 29 ? 0.4052 0.2904 0.2356 -0.0461 -0.1506 0.0172  1029 LYS A CE  
220 C  CE  B LYS A 29 ? 0.4415 0.2926 0.2349 -0.0544 -0.1281 0.0060  1029 LYS A CE  
221 N  NZ  A LYS A 29 ? 0.3268 0.4687 0.3380 -0.0461 -0.1612 0.1045  1029 LYS A NZ  
222 N  NZ  B LYS A 29 ? 0.5568 0.2931 0.3244 0.0034  -0.2820 -0.0133 1029 LYS A NZ  
223 N  N   . ARG A 30 ? 0.1074 0.1227 0.2385 0.0128  -0.0398 -0.0381 1030 ARG A N   
224 C  CA  . ARG A 30 ? 0.1246 0.1276 0.2054 0.0006  0.0019  -0.0426 1030 ARG A CA  
225 C  C   . ARG A 30 ? 0.1082 0.1260 0.1348 -0.0044 0.0176  -0.0185 1030 ARG A C   
226 O  O   . ARG A 30 ? 0.0925 0.1776 0.1452 -0.0071 0.0012  -0.0553 1030 ARG A O   
227 C  CB  . ARG A 30 ? 0.1116 0.1465 0.2768 0.0260  0.0135  -0.0475 1030 ARG A CB  
228 C  CG  . ARG A 30 ? 0.1096 0.1833 0.1961 -0.0026 -0.0064 0.0005  1030 ARG A CG  
229 C  CD  . ARG A 30 ? 0.1407 0.1344 0.1662 -0.0142 0.0202  -0.0193 1030 ARG A CD  
230 N  NE  . ARG A 30 ? 0.1079 0.1449 0.1575 0.0153  -0.0106 -0.0384 1030 ARG A NE  
231 C  CZ  . ARG A 30 ? 0.1042 0.1179 0.1611 -0.0031 -0.0117 -0.0271 1030 ARG A CZ  
232 N  NH1 . ARG A 30 ? 0.1272 0.1123 0.1762 -0.0002 -0.0121 -0.0210 1030 ARG A NH1 
233 N  NH2 . ARG A 30 ? 0.1357 0.1277 0.1588 -0.0106 -0.0235 -0.0206 1030 ARG A NH2 
234 N  N   . GLU A 31 ? 0.1070 0.1200 0.1357 0.0011  -0.0062 -0.0163 1031 GLU A N   
235 C  CA  . GLU A 31 ? 0.0963 0.1159 0.1214 -0.0050 0.0013  -0.0140 1031 GLU A CA  
236 C  C   . GLU A 31 ? 0.0994 0.0994 0.1126 -0.0074 0.0007  -0.0164 1031 GLU A C   
237 O  O   . GLU A 31 ? 0.1005 0.1112 0.1143 -0.0071 -0.0054 -0.0065 1031 GLU A O   
238 C  CB  . GLU A 31 ? 0.0982 0.1241 0.1199 -0.0047 -0.0006 -0.0124 1031 GLU A CB  
239 C  CG  . GLU A 31 ? 0.1101 0.1190 0.1287 -0.0076 -0.0022 -0.0172 1031 GLU A CG  
240 C  CD  . GLU A 31 ? 0.1025 0.1232 0.1280 -0.0117 -0.0047 -0.0156 1031 GLU A CD  
241 O  OE1 . GLU A 31 ? 0.1191 0.1780 0.1331 0.0199  -0.0056 -0.0260 1031 GLU A OE1 
242 O  OE2 . GLU A 31 ? 0.1311 0.1551 0.1357 0.0085  -0.0098 -0.0441 1031 GLU A OE2 
243 N  N   . MET A 32 ? 0.1017 0.1007 0.1198 -0.0018 -0.0027 -0.0056 1032 MET A N   
244 C  CA  . MET A 32 ? 0.0973 0.1026 0.1182 -0.0100 0.0021  0.0026  1032 MET A CA  
245 C  C   . MET A 32 ? 0.1056 0.0973 0.1221 -0.0113 0.0015  -0.0085 1032 MET A C   
246 O  O   . MET A 32 ? 0.0995 0.1160 0.1225 -0.0054 0.0010  -0.0048 1032 MET A O   
247 C  CB  . MET A 32 ? 0.1242 0.1234 0.1226 -0.0103 -0.0094 0.0111  1032 MET A CB  
248 C  CG  . MET A 32 ? 0.1278 0.1317 0.1260 -0.0146 -0.0151 0.0134  1032 MET A CG  
249 S  SD  . MET A 32 ? 0.1431 0.1534 0.1195 -0.0011 0.0006  -0.0055 1032 MET A SD  
250 C  CE  . MET A 32 ? 0.1212 0.1752 0.1454 -0.0401 0.0114  -0.0143 1032 MET A CE  
251 N  N   . LEU A 33 ? 0.0982 0.1021 0.1269 -0.0092 -0.0093 -0.0091 1033 LEU A N   
252 C  CA  . LEU A 33 ? 0.1173 0.1025 0.1281 -0.0101 -0.0036 -0.0228 1033 LEU A CA  
253 C  C   . LEU A 33 ? 0.1013 0.1137 0.1120 -0.0066 0.0076  -0.0179 1033 LEU A C   
254 O  O   . LEU A 33 ? 0.1075 0.1073 0.1227 -0.0135 0.0031  -0.0145 1033 LEU A O   
255 C  CB  . LEU A 33 ? 0.1249 0.1177 0.1459 0.0025  -0.0194 -0.0314 1033 LEU A CB  
256 C  CG  . LEU A 33 ? 0.1497 0.1189 0.1750 0.0135  -0.0413 -0.0394 1033 LEU A CG  
257 C  CD1 . LEU A 33 ? 0.1379 0.1342 0.3171 0.0230  -0.0728 -0.0726 1033 LEU A CD1 
258 C  CD2 . LEU A 33 ? 0.1515 0.1130 0.1908 0.0026  -0.0238 -0.0355 1033 LEU A CD2 
259 N  N   . VAL A 34 ? 0.0925 0.1143 0.1180 -0.0093 0.0026  -0.0180 1034 VAL A N   
260 C  CA  . VAL A 34 ? 0.1024 0.1171 0.1112 -0.0147 0.0070  -0.0142 1034 VAL A CA  
261 C  C   . VAL A 34 ? 0.1101 0.0914 0.1033 -0.0161 0.0047  -0.0036 1034 VAL A C   
262 O  O   . VAL A 34 ? 0.1064 0.1185 0.1067 -0.0119 0.0025  -0.0007 1034 VAL A O   
263 C  CB  . VAL A 34 ? 0.1047 0.1181 0.1361 -0.0168 0.0154  -0.0215 1034 VAL A CB  
264 C  CG1 . VAL A 34 ? 0.1315 0.1162 0.1360 -0.0271 0.0196  -0.0164 1034 VAL A CG1 
265 C  CG2 . VAL A 34 ? 0.1167 0.1396 0.1765 -0.0178 0.0452  -0.0413 1034 VAL A CG2 
266 N  N   . HIS A 35 ? 0.1000 0.1026 0.1086 -0.0085 0.0055  -0.0033 1035 HIS A N   
267 C  CA  . HIS A 35 ? 0.1012 0.1038 0.1024 -0.0099 0.0008  -0.0068 1035 HIS A CA  
268 C  C   . HIS A 35 ? 0.0969 0.1093 0.0978 -0.0089 0.0088  -0.0083 1035 HIS A C   
269 O  O   . HIS A 35 ? 0.1070 0.1225 0.1130 -0.0034 -0.0133 -0.0164 1035 HIS A O   
270 C  CB  . HIS A 35 ? 0.0982 0.1003 0.1018 -0.0117 -0.0015 0.0011  1035 HIS A CB  
271 C  CG  . HIS A 35 ? 0.0941 0.0957 0.0985 -0.0086 -0.0006 0.0049  1035 HIS A CG  
272 N  ND1 . HIS A 35 ? 0.1044 0.1047 0.1011 -0.0123 0.0002  -0.0050 1035 HIS A ND1 
273 C  CD2 . HIS A 35 ? 0.1115 0.0945 0.1035 -0.0168 0.0014  0.0000  1035 HIS A CD2 
274 C  CE1 . HIS A 35 ? 0.1091 0.0961 0.1150 -0.0138 -0.0074 0.0008  1035 HIS A CE1 
275 N  NE2 . HIS A 35 ? 0.0982 0.0943 0.0994 -0.0158 0.0090  -0.0098 1035 HIS A NE2 
276 N  N   . ILE A 36 ? 0.0970 0.1110 0.1120 -0.0131 0.0017  -0.0153 1036 ILE A N   
277 C  CA  A ILE A 36 ? 0.0958 0.1218 0.1060 -0.0156 -0.0032 -0.0113 1036 ILE A CA  
278 C  CA  B ILE A 36 ? 0.0887 0.1190 0.1084 -0.0124 -0.0005 -0.0089 1036 ILE A CA  
279 C  C   . ILE A 36 ? 0.1070 0.1093 0.1036 -0.0162 0.0027  -0.0156 1036 ILE A C   
280 O  O   . ILE A 36 ? 0.1030 0.1204 0.1146 -0.0134 -0.0060 -0.0098 1036 ILE A O   
281 C  CB  A ILE A 36 ? 0.1162 0.1142 0.1166 -0.0246 0.0021  -0.0027 1036 ILE A CB  
282 C  CB  B ILE A 36 ? 0.1158 0.1093 0.1358 -0.0221 0.0087  0.0044  1036 ILE A CB  
283 C  CG1 A ILE A 36 ? 0.1343 0.1393 0.1155 -0.0504 -0.0115 0.0005  1036 ILE A CG1 
284 C  CG1 B ILE A 36 ? 0.1234 0.1111 0.1312 -0.0322 -0.0090 -0.0028 1036 ILE A CG1 
285 C  CG2 A ILE A 36 ? 0.1165 0.1313 0.1031 -0.0424 0.0289  -0.0253 1036 ILE A CG2 
286 C  CG2 B ILE A 36 ? 0.0926 0.1042 0.1203 -0.0087 0.0148  0.0080  1036 ILE A CG2 
287 C  CD1 A ILE A 36 ? 0.2523 0.1696 0.1614 -0.0290 -0.0075 0.0531  1036 ILE A CD1 
288 C  CD1 B ILE A 36 ? 0.1379 0.1091 0.0954 -0.0089 0.0038  -0.0112 1036 ILE A CD1 
289 N  N   . GLU A 37 ? 0.0972 0.1368 0.1038 -0.0191 -0.0025 -0.0062 1037 GLU A N   
290 C  CA  . GLU A 37 ? 0.1132 0.1149 0.1059 -0.0175 0.0125  -0.0090 1037 GLU A CA  
291 C  C   . GLU A 37 ? 0.1052 0.1282 0.1123 -0.0223 -0.0028 -0.0006 1037 GLU A C   
292 O  O   . GLU A 37 ? 0.1479 0.1393 0.1064 -0.0062 -0.0122 -0.0074 1037 GLU A O   
293 C  CB  . GLU A 37 ? 0.1118 0.1195 0.1114 -0.0208 0.0091  -0.0120 1037 GLU A CB  
294 C  CG  . GLU A 37 ? 0.1226 0.1111 0.1069 -0.0189 0.0178  -0.0190 1037 GLU A CG  
295 C  CD  . GLU A 37 ? 0.1236 0.1198 0.1447 -0.0126 0.0150  -0.0084 1037 GLU A CD  
296 O  OE1 . GLU A 37 ? 0.1189 0.1214 0.1770 -0.0205 0.0234  0.0024  1037 GLU A OE1 
297 O  OE2 . GLU A 37 ? 0.1325 0.1215 0.1788 -0.0108 0.0310  -0.0214 1037 GLU A OE2 
298 N  N   . ASN A 38 ? 0.1133 0.1137 0.1083 -0.0082 0.0032  -0.0024 1038 ASN A N   
299 C  CA  . ASN A 38 ? 0.1244 0.1174 0.1091 -0.0090 -0.0010 0.0102  1038 ASN A CA  
300 C  C   . ASN A 38 ? 0.1272 0.1165 0.1053 0.0000  -0.0062 -0.0010 1038 ASN A C   
301 O  O   . ASN A 38 ? 0.1397 0.1057 0.1397 0.0020  -0.0127 -0.0038 1038 ASN A O   
302 C  CB  . ASN A 38 ? 0.1535 0.1194 0.1638 -0.0208 -0.0228 0.0175  1038 ASN A CB  
303 C  CG  . ASN A 38 ? 0.1380 0.1746 0.2468 -0.0488 -0.0087 0.0751  1038 ASN A CG  
304 O  OD1 . ASN A 38 ? 0.1667 0.2405 0.2502 -0.0203 0.0029  0.0560  1038 ASN A OD1 
305 N  ND2 . ASN A 38 ? 0.1565 0.2265 0.2464 -0.0157 0.0301  0.0810  1038 ASN A ND2 
306 N  N   . ASN A 39 ? 0.1132 0.1079 0.1132 -0.0069 -0.0023 0.0004  1039 ASN A N   
307 C  CA  . ASN A 39 ? 0.1252 0.1089 0.1073 -0.0041 -0.0077 -0.0045 1039 ASN A CA  
308 C  C   . ASN A 39 ? 0.1078 0.1205 0.1040 -0.0006 -0.0015 -0.0002 1039 ASN A C   
309 O  O   . ASN A 39 ? 0.1056 0.1574 0.1324 -0.0057 0.0065  -0.0258 1039 ASN A O   
310 C  CB  . ASN A 39 ? 0.1249 0.1306 0.1304 0.0125  -0.0149 -0.0186 1039 ASN A CB  
311 C  CG  . ASN A 39 ? 0.1348 0.1333 0.1253 -0.0081 -0.0120 -0.0092 1039 ASN A CG  
312 O  OD1 . ASN A 39 ? 0.1301 0.1626 0.1362 -0.0147 0.0086  -0.0492 1039 ASN A OD1 
313 N  ND2 . ASN A 39 ? 0.1301 0.1480 0.1249 0.0043  -0.0030 -0.0061 1039 ASN A ND2 
314 N  N   . GLU A 40 ? 0.1033 0.1095 0.0976 -0.0032 0.0013  -0.0035 1040 GLU A N   
315 C  CA  . GLU A 40 ? 0.1136 0.1015 0.1090 -0.0074 -0.0042 -0.0025 1040 GLU A CA  
316 C  C   . GLU A 40 ? 0.0974 0.1242 0.0983 -0.0049 -0.0018 -0.0037 1040 GLU A C   
317 O  O   . GLU A 40 ? 0.1021 0.1209 0.1008 -0.0057 -0.0021 -0.0010 1040 GLU A O   
318 C  CB  . GLU A 40 ? 0.1143 0.1011 0.1232 -0.0131 -0.0025 -0.0044 1040 GLU A CB  
319 C  CG  . GLU A 40 ? 0.1172 0.1057 0.1358 -0.0085 -0.0072 -0.0037 1040 GLU A CG  
320 C  CD  . GLU A 40 ? 0.1280 0.1148 0.1262 -0.0228 -0.0068 0.0121  1040 GLU A CD  
321 O  OE1 . GLU A 40 ? 0.1068 0.1367 0.1236 -0.0221 -0.0040 0.0206  1040 GLU A OE1 
322 O  OE2 . GLU A 40 ? 0.1543 0.1345 0.1761 -0.0348 -0.0094 0.0357  1040 GLU A OE2 
323 N  N   . PHE A 41 ? 0.1095 0.1226 0.1097 -0.0238 -0.0111 0.0021  1041 PHE A N   
324 C  CA  . PHE A 41 ? 0.1127 0.1383 0.1079 -0.0302 -0.0150 0.0028  1041 PHE A CA  
325 C  C   . PHE A 41 ? 0.0859 0.1314 0.1171 -0.0199 -0.0117 0.0050  1041 PHE A C   
326 O  O   . PHE A 41 ? 0.1065 0.1368 0.1154 -0.0202 -0.0143 0.0029  1041 PHE A O   
327 C  CB  . PHE A 41 ? 0.1213 0.1444 0.1149 -0.0433 -0.0180 0.0121  1041 PHE A CB  
328 C  CG  . PHE A 41 ? 0.1222 0.1352 0.1218 -0.0383 -0.0232 0.0079  1041 PHE A CG  
329 C  CD1 . PHE A 41 ? 0.1337 0.1439 0.1173 -0.0394 -0.0198 0.0168  1041 PHE A CD1 
330 C  CD2 . PHE A 41 ? 0.1644 0.1273 0.1382 -0.0236 -0.0421 0.0015  1041 PHE A CD2 
331 C  CE1 . PHE A 41 ? 0.1628 0.1720 0.1199 -0.0569 -0.0172 0.0104  1041 PHE A CE1 
332 C  CE2 . PHE A 41 ? 0.2270 0.1364 0.1561 -0.0301 -0.0441 -0.0254 1041 PHE A CE2 
333 C  CZ  . PHE A 41 ? 0.1640 0.1841 0.1378 -0.0545 -0.0182 -0.0362 1041 PHE A CZ  
334 N  N   . ASP A 42 ? 0.0967 0.1393 0.1247 -0.0073 -0.0088 0.0047  1042 ASP A N   
335 C  CA  . ASP A 42 ? 0.0947 0.1480 0.1321 0.0040  -0.0041 -0.0027 1042 ASP A CA  
336 C  C   . ASP A 42 ? 0.0930 0.1336 0.1139 0.0029  0.0059  -0.0047 1042 ASP A C   
337 O  O   . ASP A 42 ? 0.0999 0.1748 0.1381 0.0024  0.0158  -0.0402 1042 ASP A O   
338 C  CB  . ASP A 42 ? 0.1139 0.1929 0.1752 0.0442  -0.0078 -0.0130 1042 ASP A CB  
339 C  CG  . ASP A 42 ? 0.2293 0.1790 0.2272 0.0457  -0.0046 0.0265  1042 ASP A CG  
340 O  OD1 . ASP A 42 ? 0.2323 0.3420 0.4642 0.0429  0.1170  0.1913  1042 ASP A OD1 
341 O  OD2 . ASP A 42 ? 0.4129 0.2570 0.4656 0.1567  0.0264  0.1091  1042 ASP A OD2 
342 N  N   . GLN A 43 ? 0.0884 0.1109 0.1018 -0.0085 -0.0045 -0.0086 1043 GLN A N   
343 C  CA  . GLN A 43 ? 0.0863 0.1026 0.1071 -0.0101 -0.0004 -0.0086 1043 GLN A CA  
344 C  C   . GLN A 43 ? 0.0869 0.1174 0.0958 -0.0077 0.0082  0.0034  1043 GLN A C   
345 O  O   . GLN A 43 ? 0.0910 0.1205 0.1243 -0.0144 -0.0084 0.0117  1043 GLN A O   
346 C  CB  . GLN A 43 ? 0.0961 0.1012 0.1034 -0.0107 -0.0008 -0.0058 1043 GLN A CB  
347 C  CG  . GLN A 43 ? 0.1250 0.1064 0.1173 -0.0084 -0.0106 -0.0036 1043 GLN A CG  
348 C  CD  . GLN A 43 ? 0.1857 0.0970 0.1458 -0.0458 -0.0154 0.0082  1043 GLN A CD  
349 O  OE1 . GLN A 43 ? 0.2922 0.2029 0.1961 -0.0868 -0.0655 0.0697  1043 GLN A OE1 
350 N  NE2 . GLN A 43 ? 0.1523 0.1075 0.2042 -0.0003 0.0583  0.0368  1043 GLN A NE2 
351 N  N   . LEU A 44 ? 0.0836 0.1160 0.0945 -0.0108 -0.0089 0.0073  1044 LEU A N   
352 C  CA  . LEU A 44 ? 0.0937 0.1175 0.0935 -0.0096 -0.0001 0.0056  1044 LEU A CA  
353 C  C   . LEU A 44 ? 0.0955 0.1116 0.0986 -0.0174 -0.0009 0.0103  1044 LEU A C   
354 O  O   . LEU A 44 ? 0.1145 0.1232 0.1043 0.0005  0.0105  0.0020  1044 LEU A O   
355 C  CB  . LEU A 44 ? 0.0996 0.1119 0.0994 -0.0055 -0.0052 0.0006  1044 LEU A CB  
356 C  CG  . LEU A 44 ? 0.1200 0.1178 0.1009 -0.0168 -0.0067 -0.0083 1044 LEU A CG  
357 C  CD1 . LEU A 44 ? 0.1378 0.1336 0.1353 -0.0366 0.0016  -0.0177 1044 LEU A CD1 
358 C  CD2 . LEU A 44 ? 0.1267 0.1592 0.1069 -0.0302 0.0105  -0.0220 1044 LEU A CD2 
359 N  N   . PRO A 45 ? 0.1060 0.1135 0.0912 -0.0093 -0.0007 0.0065  1045 PRO A N   
360 C  CA  . PRO A 45 ? 0.1118 0.1160 0.0915 -0.0217 0.0026  -0.0115 1045 PRO A CA  
361 C  C   . PRO A 45 ? 0.1042 0.0972 0.0908 -0.0145 -0.0003 -0.0062 1045 PRO A C   
362 O  O   . PRO A 45 ? 0.1176 0.1062 0.1006 -0.0124 0.0103  -0.0146 1045 PRO A O   
363 C  CB  . PRO A 45 ? 0.1097 0.1574 0.0952 -0.0247 -0.0089 0.0053  1045 PRO A CB  
364 C  CG  . PRO A 45 ? 0.1106 0.1758 0.1082 -0.0107 -0.0013 0.0215  1045 PRO A CG  
365 C  CD  . PRO A 45 ? 0.0936 0.1459 0.1041 -0.0112 0.0015  0.0143  1045 PRO A CD  
366 N  N   . ASN A 46 ? 0.0920 0.0946 0.0923 -0.0030 -0.0038 -0.0069 1046 ASN A N   
367 C  CA  . ASN A 46 ? 0.0878 0.0992 0.0917 -0.0068 -0.0014 -0.0067 1046 ASN A CA  
368 C  C   . ASN A 46 ? 0.0905 0.0837 0.0913 -0.0080 -0.0014 -0.0028 1046 ASN A C   
369 O  O   . ASN A 46 ? 0.1001 0.0915 0.0974 0.0016  0.0006  -0.0117 1046 ASN A O   
370 C  CB  . ASN A 46 ? 0.1019 0.1055 0.1002 0.0020  -0.0080 -0.0002 1046 ASN A CB  
371 C  CG  . ASN A 46 ? 0.1150 0.1075 0.0964 -0.0104 -0.0095 -0.0037 1046 ASN A CG  
372 O  OD1 . ASN A 46 ? 0.1156 0.1278 0.1061 -0.0212 -0.0127 0.0128  1046 ASN A OD1 
373 N  ND2 . ASN A 46 ? 0.1285 0.1448 0.1021 -0.0245 -0.0190 0.0168  1046 ASN A ND2 
374 N  N   . LYS A 47 ? 0.0945 0.0883 0.0840 -0.0036 -0.0001 -0.0037 1047 LYS A N   
375 C  CA  . LYS A 47 ? 0.1038 0.1062 0.0840 -0.0011 -0.0022 0.0076  1047 LYS A CA  
376 C  C   . LYS A 47 ? 0.0794 0.1056 0.0856 0.0074  -0.0043 0.0010  1047 LYS A C   
377 O  O   . LYS A 47 ? 0.1116 0.1129 0.0890 0.0069  -0.0052 -0.0100 1047 LYS A O   
378 C  CB  . LYS A 47 ? 0.1262 0.1030 0.1011 0.0170  -0.0057 -0.0039 1047 LYS A CB  
379 C  CG  . LYS A 47 ? 0.1846 0.1302 0.1195 0.0059  -0.0457 0.0166  1047 LYS A CG  
380 C  CD  . LYS A 47 ? 0.3584 0.2188 0.2017 0.1262  -0.1385 0.0043  1047 LYS A CD  
381 C  CE  . LYS A 47 ? 0.2745 0.2469 0.2919 0.1240  -0.0187 -0.0333 1047 LYS A CE  
382 N  NZ  . LYS A 47 ? 0.2234 0.1769 0.2238 0.0796  0.0526  -0.0216 1047 LYS A NZ  
383 N  N   . ASN A 48 ? 0.0939 0.1001 0.0863 -0.0003 -0.0015 -0.0091 1048 ASN A N   
384 C  CA  A ASN A 48 ? 0.0911 0.1010 0.0965 -0.0016 -0.0082 -0.0034 1048 ASN A CA  
385 C  CA  B ASN A 48 ? 0.0989 0.1063 0.0963 -0.0075 0.0074  -0.0068 1048 ASN A CA  
386 C  C   . ASN A 48 ? 0.1198 0.0966 0.0760 -0.0007 -0.0038 -0.0033 1048 ASN A C   
387 O  O   . ASN A 48 ? 0.1183 0.0983 0.0997 -0.0142 0.0012  -0.0099 1048 ASN A O   
388 C  CB  A ASN A 48 ? 0.1033 0.0927 0.0973 -0.0044 0.0021  -0.0048 1048 ASN A CB  
389 C  CB  B ASN A 48 ? 0.0885 0.1076 0.0936 -0.0079 0.0028  -0.0036 1048 ASN A CB  
390 C  CG  A ASN A 48 ? 0.1187 0.1007 0.1131 0.0082  0.0133  0.0036  1048 ASN A CG  
391 C  CG  B ASN A 48 ? 0.0965 0.1170 0.0869 0.0020  0.0002  -0.0121 1048 ASN A CG  
392 O  OD1 A ASN A 48 ? 0.0889 0.1108 0.1483 -0.0114 0.0123  0.0317  1048 ASN A OD1 
393 O  OD1 B ASN A 48 ? 0.0839 0.1152 0.1037 -0.0136 0.0087  0.0124  1048 ASN A OD1 
394 N  ND2 A ASN A 48 ? 0.1090 0.1520 0.1169 0.0155  0.0047  -0.0178 1048 ASN A ND2 
395 N  ND2 B ASN A 48 ? 0.0892 0.1052 0.1193 -0.0156 0.0113  -0.0110 1048 ASN A ND2 
396 N  N   . TYR A 49 ? 0.1025 0.0918 0.0848 0.0026  -0.0094 -0.0095 1049 TYR A N   
397 C  CA  . TYR A 49 ? 0.1204 0.1008 0.0860 0.0114  -0.0078 -0.0118 1049 TYR A CA  
398 C  C   . TYR A 49 ? 0.0908 0.1048 0.0903 -0.0016 -0.0128 -0.0140 1049 TYR A C   
399 O  O   . TYR A 49 ? 0.1200 0.1138 0.0908 0.0071  -0.0003 -0.0264 1049 TYR A O   
400 C  CB  . TYR A 49 ? 0.1079 0.1124 0.1071 0.0151  -0.0172 -0.0156 1049 TYR A CB  
401 C  CG  . TYR A 49 ? 0.1121 0.1206 0.1123 0.0326  -0.0170 -0.0177 1049 TYR A CG  
402 C  CD1 . TYR A 49 ? 0.1469 0.1352 0.1367 0.0274  -0.0460 -0.0145 1049 TYR A CD1 
403 C  CD2 . TYR A 49 ? 0.1479 0.1536 0.1080 0.0225  -0.0169 0.0001  1049 TYR A CD2 
404 C  CE1 . TYR A 49 ? 0.1867 0.1402 0.1389 0.0266  -0.0585 -0.0059 1049 TYR A CE1 
405 C  CE2 . TYR A 49 ? 0.1736 0.1970 0.1112 0.0230  -0.0154 0.0105  1049 TYR A CE2 
406 C  CZ  . TYR A 49 ? 0.1972 0.1633 0.1168 0.0439  -0.0402 -0.0095 1049 TYR A CZ  
407 O  OH  . TYR A 49 ? 0.2248 0.2289 0.1093 0.0641  -0.0434 0.0001  1049 TYR A OH  
408 N  N   . SER A 50 ? 0.0991 0.1041 0.0805 -0.0088 -0.0071 -0.0111 1050 SER A N   
409 C  CA  . SER A 50 ? 0.0977 0.0945 0.0803 -0.0112 -0.0010 0.0005  1050 SER A CA  
410 C  C   . SER A 50 ? 0.1010 0.0951 0.0842 -0.0131 -0.0045 -0.0011 1050 SER A C   
411 O  O   . SER A 50 ? 0.1064 0.1021 0.0860 -0.0094 0.0078  -0.0110 1050 SER A O   
412 C  CB  . SER A 50 ? 0.1126 0.1006 0.0840 -0.0089 -0.0061 -0.0079 1050 SER A CB  
413 O  OG  . SER A 50 ? 0.1131 0.0980 0.0983 -0.0092 -0.0035 -0.0038 1050 SER A OG  
414 N  N   . GLU A 51 ? 0.0990 0.0997 0.0899 -0.0153 0.0032  -0.0155 1051 GLU A N   
415 C  CA  . GLU A 51 ? 0.1013 0.1041 0.0924 -0.0263 0.0013  -0.0066 1051 GLU A CA  
416 C  C   . GLU A 51 ? 0.1112 0.0963 0.0965 -0.0228 0.0015  -0.0163 1051 GLU A C   
417 O  O   . GLU A 51 ? 0.1156 0.1068 0.1057 -0.0160 0.0083  -0.0205 1051 GLU A O   
418 C  CB  . GLU A 51 ? 0.1058 0.1337 0.1120 -0.0381 0.0092  -0.0190 1051 GLU A CB  
419 C  CG  . GLU A 51 ? 0.1511 0.1403 0.1194 -0.0619 0.0305  -0.0319 1051 GLU A CG  
420 C  CD  . GLU A 51 ? 0.2023 0.1852 0.1311 -0.1134 0.0677  -0.0535 1051 GLU A CD  
421 O  OE1 . GLU A 51 ? 0.2931 0.3850 0.4687 -0.2366 0.2608  -0.3074 1051 GLU A OE1 
422 O  OE2 . GLU A 51 ? 0.1380 0.1280 0.1294 -0.0358 -0.0032 -0.0093 1051 GLU A OE2 
423 N  N   . GLY A 52 ? 0.1225 0.1049 0.1030 -0.0087 0.0013  -0.0050 1052 GLY A N   
424 C  CA  . GLY A 52 ? 0.1310 0.1150 0.1094 -0.0017 -0.0025 -0.0070 1052 GLY A CA  
425 C  C   . GLY A 52 ? 0.1255 0.1031 0.1014 -0.0005 -0.0008 -0.0071 1052 GLY A C   
426 O  O   . GLY A 52 ? 0.1295 0.1095 0.1279 0.0077  -0.0086 -0.0172 1052 GLY A O   
427 N  N   . PHE A 53 ? 0.1134 0.1088 0.1046 -0.0005 -0.0030 -0.0191 1053 PHE A N   
428 C  CA  . PHE A 53 ? 0.1080 0.1059 0.1175 -0.0057 -0.0073 -0.0223 1053 PHE A CA  
429 C  C   . PHE A 53 ? 0.1117 0.0983 0.1140 -0.0062 -0.0065 -0.0247 1053 PHE A C   
430 O  O   . PHE A 53 ? 0.1130 0.1178 0.1226 -0.0108 0.0033  -0.0297 1053 PHE A O   
431 C  CB  . PHE A 53 ? 0.1105 0.1147 0.1318 -0.0058 -0.0149 -0.0367 1053 PHE A CB  
432 C  CG  . PHE A 53 ? 0.1007 0.1427 0.1330 0.0021  -0.0101 -0.0431 1053 PHE A CG  
433 C  CD1 . PHE A 53 ? 0.2802 0.1348 0.1313 0.0148  -0.0215 -0.0398 1053 PHE A CD1 
434 C  CD2 . PHE A 53 ? 0.2588 0.1657 0.1596 0.0305  -0.0709 -0.0393 1053 PHE A CD2 
435 C  CE1 . PHE A 53 ? 0.2981 0.1438 0.1329 -0.0153 -0.0160 -0.0391 1053 PHE A CE1 
436 C  CE2 . PHE A 53 ? 0.2486 0.1887 0.1845 0.0322  -0.0863 -0.0519 1053 PHE A CE2 
437 C  CZ  . PHE A 53 ? 0.1873 0.1985 0.1402 -0.0093 -0.0153 -0.0506 1053 PHE A CZ  
438 N  N   . ILE A 54 ? 0.1059 0.1048 0.1022 -0.0120 0.0038  -0.0227 1054 ILE A N   
439 C  CA  . ILE A 54 ? 0.1100 0.1085 0.0934 -0.0214 0.0128  -0.0149 1054 ILE A CA  
440 C  C   . ILE A 54 ? 0.1038 0.1078 0.1037 -0.0134 0.0038  -0.0251 1054 ILE A C   
441 O  O   . ILE A 54 ? 0.1099 0.1230 0.1031 -0.0182 0.0117  -0.0203 1054 ILE A O   
442 C  CB  . ILE A 54 ? 0.1111 0.1067 0.0907 -0.0149 0.0077  -0.0059 1054 ILE A CB  
443 C  CG1 . ILE A 54 ? 0.1289 0.1109 0.0999 -0.0200 0.0158  -0.0075 1054 ILE A CG1 
444 C  CG2 . ILE A 54 ? 0.1373 0.1210 0.0970 -0.0172 -0.0008 -0.0151 1054 ILE A CG2 
445 C  CD1 . ILE A 54 ? 0.1343 0.1119 0.1238 0.0027  -0.0037 0.0143  1054 ILE A CD1 
446 N  N   . ARG A 55 ? 0.1195 0.1088 0.0999 -0.0234 0.0161  -0.0271 1055 ARG A N   
447 C  CA  . ARG A 55 ? 0.1252 0.1056 0.1165 -0.0201 0.0060  -0.0201 1055 ARG A CA  
448 C  C   . ARG A 55 ? 0.1314 0.0992 0.1238 -0.0237 0.0174  -0.0167 1055 ARG A C   
449 O  O   . ARG A 55 ? 0.1474 0.1068 0.1330 -0.0202 0.0116  -0.0292 1055 ARG A O   
450 C  CB  . ARG A 55 ? 0.1295 0.1311 0.1200 -0.0386 0.0101  -0.0155 1055 ARG A CB  
451 C  CG  . ARG A 55 ? 0.1429 0.1374 0.1295 -0.0290 -0.0064 0.0045  1055 ARG A CG  
452 C  CD  . ARG A 55 ? 0.1464 0.1616 0.1533 -0.0347 -0.0104 0.0321  1055 ARG A CD  
453 N  NE  . ARG A 55 ? 0.1433 0.1681 0.1199 -0.0396 -0.0028 0.0082  1055 ARG A NE  
454 C  CZ  . ARG A 55 ? 0.1382 0.1269 0.1196 -0.0290 -0.0021 0.0176  1055 ARG A CZ  
455 N  NH1 . ARG A 55 ? 0.1344 0.1244 0.1366 -0.0282 0.0055  0.0058  1055 ARG A NH1 
456 N  NH2 . ARG A 55 ? 0.1199 0.1501 0.1307 -0.0245 -0.0057 -0.0011 1055 ARG A NH2 
457 N  N   . LYS A 56 ? 0.1346 0.1007 0.1182 -0.0126 0.0072  -0.0109 1056 LYS A N   
458 C  CA  A LYS A 56 ? 0.1466 0.1209 0.1284 -0.0035 -0.0013 0.0012  1056 LYS A CA  
459 C  CA  B LYS A 56 ? 0.1430 0.0998 0.1434 -0.0108 0.0047  -0.0088 1056 LYS A CA  
460 C  C   . LYS A 56 ? 0.1252 0.0955 0.1475 -0.0078 0.0067  -0.0186 1056 LYS A C   
461 O  O   . LYS A 56 ? 0.1400 0.1083 0.1742 0.0000  0.0212  -0.0221 1056 LYS A O   
462 C  CB  A LYS A 56 ? 0.1623 0.1411 0.1453 -0.0131 -0.0210 0.0117  1056 LYS A CB  
463 C  CB  B LYS A 56 ? 0.1697 0.1344 0.1475 -0.0056 -0.0244 0.0066  1056 LYS A CB  
464 C  CG  A LYS A 56 ? 0.1542 0.1702 0.1786 -0.0166 -0.0280 0.0319  1056 LYS A CG  
465 C  CG  B LYS A 56 ? 0.2173 0.1752 0.1576 0.0138  -0.0098 0.0234  1056 LYS A CG  
466 C  CD  A LYS A 56 ? 0.2716 0.1764 0.2913 0.0425  -0.0269 0.0556  1056 LYS A CD  
467 C  CD  B LYS A 56 ? 0.3555 0.3144 0.1579 -0.0055 -0.0607 0.0332  1056 LYS A CD  
468 C  CE  A LYS A 56 ? 0.2876 0.2250 0.4133 0.0718  -0.0270 0.0578  1056 LYS A CE  
469 C  CE  B LYS A 56 ? 0.3331 0.4294 0.1603 -0.0104 -0.0532 0.0122  1056 LYS A CE  
470 N  NZ  A LYS A 56 ? 0.4305 0.2442 0.4895 0.1195  0.0232  0.1606  1056 LYS A NZ  
471 N  NZ  B LYS A 56 ? 0.3753 0.5370 0.3056 -0.0255 -0.0288 -0.1381 1056 LYS A NZ  
472 N  N   . TYR A 57 ? 0.1225 0.1049 0.1249 -0.0108 0.0085  -0.0154 1057 TYR A N   
473 C  CA  . TYR A 57 ? 0.1081 0.1009 0.1277 -0.0115 0.0105  -0.0222 1057 TYR A CA  
474 C  C   . TYR A 57 ? 0.1127 0.1018 0.1303 -0.0127 0.0125  -0.0279 1057 TYR A C   
475 O  O   . TYR A 57 ? 0.1150 0.1175 0.1383 -0.0145 0.0172  -0.0359 1057 TYR A O   
476 C  CB  . TYR A 57 ? 0.1006 0.1078 0.1144 -0.0093 0.0009  -0.0263 1057 TYR A CB  
477 C  CG  . TYR A 57 ? 0.0885 0.1103 0.1276 -0.0212 -0.0001 -0.0222 1057 TYR A CG  
478 C  CD1 . TYR A 57 ? 0.1244 0.1143 0.1334 -0.0185 0.0145  -0.0200 1057 TYR A CD1 
479 C  CD2 . TYR A 57 ? 0.1092 0.1088 0.1167 -0.0110 0.0017  -0.0135 1057 TYR A CD2 
480 C  CE1 . TYR A 57 ? 0.1288 0.1265 0.1315 -0.0275 0.0151  -0.0192 1057 TYR A CE1 
481 C  CE2 . TYR A 57 ? 0.1196 0.1059 0.1319 -0.0125 0.0129  -0.0164 1057 TYR A CE2 
482 C  CZ  . TYR A 57 ? 0.1159 0.1208 0.1288 -0.0093 0.0156  -0.0073 1057 TYR A CZ  
483 O  OH  . TYR A 57 ? 0.1554 0.1280 0.1369 -0.0190 0.0286  -0.0065 1057 TYR A OH  
484 N  N   . ALA A 58 ? 0.1132 0.1209 0.1243 -0.0247 0.0212  -0.0412 1058 ALA A N   
485 C  CA  . ALA A 58 ? 0.1111 0.1275 0.1313 -0.0262 0.0127  -0.0376 1058 ALA A CA  
486 C  C   . ALA A 58 ? 0.1081 0.1274 0.1438 -0.0267 0.0227  -0.0456 1058 ALA A C   
487 O  O   . ALA A 58 ? 0.1186 0.1484 0.1408 -0.0198 0.0180  -0.0582 1058 ALA A O   
488 C  CB  . ALA A 58 ? 0.1069 0.1388 0.1340 -0.0259 0.0189  -0.0410 1058 ALA A CB  
489 N  N   . SER A 59 ? 0.1521 0.1141 0.1582 -0.0186 0.0329  -0.0371 1059 SER A N   
490 C  CA  A SER A 59 ? 0.1765 0.1150 0.1971 -0.0180 0.0414  -0.0368 1059 SER A CA  
491 C  CA  B SER A 59 ? 0.1766 0.1137 0.1806 -0.0197 0.0336  -0.0422 1059 SER A CA  
492 C  C   . SER A 59 ? 0.1692 0.0989 0.2132 -0.0120 0.0249  -0.0509 1059 SER A C   
493 O  O   . SER A 59 ? 0.1726 0.1473 0.2437 -0.0087 0.0287  -0.0847 1059 SER A O   
494 C  CB  A SER A 59 ? 0.2193 0.1365 0.2150 -0.0091 0.0350  -0.0069 1059 SER A CB  
495 C  CB  B SER A 59 ? 0.1841 0.1169 0.1983 -0.0201 0.0171  -0.0219 1059 SER A CB  
496 O  OG  A SER A 59 ? 0.3024 0.3014 0.2396 -0.0232 -0.0291 -0.0013 1059 SER A OG  
497 O  OG  B SER A 59 ? 0.1743 0.1421 0.1787 -0.0029 0.0304  -0.0078 1059 SER A OG  
498 N  N   . VAL A 60 ? 0.1540 0.1119 0.1820 0.0058  0.0070  -0.0366 1060 VAL A N   
499 C  CA  . VAL A 60 ? 0.1490 0.1371 0.1893 0.0035  -0.0013 -0.0400 1060 VAL A CA  
500 C  C   . VAL A 60 ? 0.1234 0.1402 0.1835 -0.0042 0.0037  -0.0542 1060 VAL A C   
501 O  O   . VAL A 60 ? 0.1649 0.1886 0.2100 0.0378  0.0204  -0.0471 1060 VAL A O   
502 C  CB  . VAL A 60 ? 0.1457 0.2047 0.1778 0.0144  -0.0230 -0.0550 1060 VAL A CB  
503 C  CG1 . VAL A 60 ? 0.1642 0.1784 0.2381 -0.0225 -0.0236 -0.0353 1060 VAL A CG1 
504 C  CG2 . VAL A 60 ? 0.1804 0.1875 0.1977 0.0336  -0.0275 -0.0347 1060 VAL A CG2 
505 N  N   . VAL A 61 ? 0.1129 0.1470 0.1649 -0.0171 0.0185  -0.0445 1061 VAL A N   
506 C  CA  . VAL A 61 ? 0.1001 0.1650 0.1634 -0.0148 0.0169  -0.0556 1061 VAL A CA  
507 C  C   . VAL A 61 ? 0.1039 0.1657 0.1596 -0.0176 0.0294  -0.0636 1061 VAL A C   
508 O  O   . VAL A 61 ? 0.1244 0.2034 0.1539 -0.0307 0.0222  -0.0693 1061 VAL A O   
509 C  CB  . VAL A 61 ? 0.1186 0.1611 0.1410 -0.0251 0.0176  -0.0429 1061 VAL A CB  
510 C  CG1 . VAL A 61 ? 0.1165 0.1739 0.1777 -0.0311 0.0176  -0.0417 1061 VAL A CG1 
511 C  CG2 . VAL A 61 ? 0.1229 0.1530 0.1640 -0.0123 0.0117  -0.0461 1061 VAL A CG2 
512 N  N   A ASN A 62 ? 0.1117 0.1531 0.1651 -0.0177 0.0153  -0.0705 1062 ASN A N   
513 N  N   B ASN A 62 ? 0.1021 0.1324 0.1873 0.0004  0.0180  -0.0674 1062 ASN A N   
514 C  CA  A ASN A 62 ? 0.1121 0.1669 0.1882 -0.0137 -0.0001 -0.0853 1062 ASN A CA  
515 C  CA  B ASN A 62 ? 0.1316 0.1594 0.2354 -0.0104 0.0031  -0.1012 1062 ASN A CA  
516 C  C   A ASN A 62 ? 0.1225 0.1526 0.1320 -0.0264 0.0195  -0.0670 1062 ASN A C   
517 C  C   B ASN A 62 ? 0.1343 0.1789 0.1708 -0.0117 0.0023  -0.0805 1062 ASN A C   
518 O  O   A ASN A 62 ? 0.1130 0.1251 0.1371 -0.0172 0.0220  -0.0440 1062 ASN A O   
519 O  O   B ASN A 62 ? 0.1356 0.1621 0.1873 0.0106  -0.0120 -0.0717 1062 ASN A O   
520 C  CB  A ASN A 62 ? 0.1245 0.1573 0.2684 -0.0146 0.0045  -0.1154 1062 ASN A CB  
521 C  CB  B ASN A 62 ? 0.1796 0.1509 0.2423 0.0256  0.0085  -0.1113 1062 ASN A CB  
522 C  CG  A ASN A 62 ? 0.1715 0.1570 0.2754 0.0034  -0.0184 -0.1348 1062 ASN A CG  
523 C  CG  B ASN A 62 ? 0.1705 0.1924 0.2573 0.0203  0.0148  -0.1220 1062 ASN A CG  
524 O  OD1 A ASN A 62 ? 0.1569 0.1981 0.2779 0.0073  -0.0374 -0.0843 1062 ASN A OD1 
525 O  OD1 B ASN A 62 ? 0.2088 0.2383 0.2877 -0.0245 -0.0091 -0.1008 1062 ASN A OD1 
526 N  ND2 A ASN A 62 ? 0.1814 0.1316 0.2960 0.0064  -0.0379 -0.0893 1062 ASN A ND2 
527 N  ND2 B ASN A 62 ? 0.1559 0.2155 0.2251 -0.0013 -0.0503 -0.1199 1062 ASN A ND2 
528 N  N   . ILE A 63 ? 0.1084 0.1510 0.1439 -0.0281 0.0210  -0.0514 1063 ILE A N   
529 C  CA  . ILE A 63 ? 0.1086 0.1457 0.1212 -0.0328 0.0120  -0.0381 1063 ILE A CA  
530 C  C   . ILE A 63 ? 0.1044 0.1414 0.1176 -0.0287 0.0137  -0.0364 1063 ILE A C   
531 O  O   . ILE A 63 ? 0.1150 0.1701 0.1123 -0.0325 0.0090  -0.0401 1063 ILE A O   
532 C  CB  . ILE A 63 ? 0.1088 0.1388 0.1475 -0.0407 0.0247  -0.0471 1063 ILE A CB  
533 C  CG1 . ILE A 63 ? 0.1346 0.1615 0.1693 -0.0431 0.0396  -0.0361 1063 ILE A CG1 
534 C  CG2 . ILE A 63 ? 0.1155 0.1522 0.1638 -0.0243 0.0293  -0.0339 1063 ILE A CG2 
535 C  CD1 . ILE A 63 ? 0.1395 0.1515 0.2482 -0.0344 0.0436  -0.0110 1063 ILE A CD1 
536 N  N   . GLU A 64 ? 0.0961 0.1164 0.1179 -0.0235 0.0155  -0.0337 1064 GLU A N   
537 C  CA  . GLU A 64 ? 0.1011 0.1102 0.1126 -0.0168 0.0146  -0.0243 1064 GLU A CA  
538 C  C   . GLU A 64 ? 0.0895 0.1103 0.0992 -0.0223 0.0074  -0.0213 1064 GLU A C   
539 O  O   . GLU A 64 ? 0.1056 0.1005 0.1036 -0.0120 0.0043  -0.0157 1064 GLU A O   
540 C  CB  . GLU A 64 ? 0.0992 0.1116 0.1354 -0.0143 0.0106  -0.0398 1064 GLU A CB  
541 C  CG  . GLU A 64 ? 0.1601 0.1250 0.1759 -0.0425 -0.0131 -0.0214 1064 GLU A CG  
542 C  CD  . GLU A 64 ? 0.1580 0.1854 0.1280 -0.0939 0.0056  -0.0292 1064 GLU A CD  
543 O  OE1 . GLU A 64 ? 0.2401 0.1656 0.1672 -0.0339 0.0070  -0.0530 1064 GLU A OE1 
544 O  OE2 . GLU A 64 ? 0.1771 0.1870 0.1676 -0.0436 0.0420  -0.0513 1064 GLU A OE2 
545 N  N   . PRO A 65 ? 0.1052 0.1088 0.1025 -0.0159 0.0090  -0.0153 1065 PRO A N   
546 C  CA  . PRO A 65 ? 0.1144 0.1036 0.0981 -0.0161 0.0139  -0.0166 1065 PRO A CA  
547 C  C   . PRO A 65 ? 0.1190 0.0861 0.0878 -0.0158 0.0155  -0.0063 1065 PRO A C   
548 O  O   . PRO A 65 ? 0.1201 0.0933 0.1044 -0.0113 0.0052  -0.0113 1065 PRO A O   
549 C  CB  . PRO A 65 ? 0.1116 0.1443 0.1053 -0.0106 0.0079  -0.0251 1065 PRO A CB  
550 C  CG  . PRO A 65 ? 0.2237 0.1507 0.1286 0.0241  0.0072  -0.0061 1065 PRO A CG  
551 C  CD  . PRO A 65 ? 0.1311 0.1099 0.1133 -0.0087 -0.0066 -0.0162 1065 PRO A CD  
552 N  N   . ASN A 66 ? 0.1108 0.0873 0.1222 -0.0085 0.0215  -0.0056 1066 ASN A N   
553 C  CA  . ASN A 66 ? 0.1053 0.0928 0.1108 -0.0096 0.0090  -0.0070 1066 ASN A CA  
554 C  C   . ASN A 66 ? 0.1297 0.0982 0.0949 -0.0170 0.0037  -0.0052 1066 ASN A C   
555 O  O   . ASN A 66 ? 0.1137 0.0941 0.1206 -0.0169 -0.0067 -0.0038 1066 ASN A O   
556 C  CB  . ASN A 66 ? 0.1007 0.1060 0.1121 -0.0117 0.0029  -0.0003 1066 ASN A CB  
557 C  CG  . ASN A 66 ? 0.0943 0.0962 0.1092 -0.0119 0.0108  0.0003  1066 ASN A CG  
558 O  OD1 . ASN A 66 ? 0.1263 0.1114 0.1148 -0.0191 0.0036  0.0017  1066 ASN A OD1 
559 N  ND2 . ASN A 66 ? 0.1339 0.1063 0.1097 -0.0167 0.0079  -0.0026 1066 ASN A ND2 
560 N  N   . GLN A 67 ? 0.1815 0.0862 0.1103 -0.0256 0.0145  -0.0063 1067 GLN A N   
561 C  CA  . GLN A 67 ? 0.2489 0.1076 0.1005 -0.0507 -0.0194 0.0024  1067 GLN A CA  
562 C  C   . GLN A 67 ? 0.2035 0.1128 0.0893 -0.0438 -0.0157 -0.0053 1067 GLN A C   
563 O  O   . GLN A 67 ? 0.1877 0.1052 0.1026 -0.0378 -0.0160 -0.0078 1067 GLN A O   
564 C  CB  . GLN A 67 ? 0.1381 0.1428 0.1379 -0.0169 0.0006  -0.0290 1067 GLN A CB  
565 C  CG  . GLN A 67 ? 0.1284 0.1034 0.3125 -0.0271 0.0601  -0.0939 1067 GLN A CG  
566 C  CD  . GLN A 67 ? 0.1085 0.1420 0.2146 -0.0196 0.0184  -0.0698 1067 GLN A CD  
567 O  OE1 . GLN A 67 ? 0.1070 0.1367 0.2854 -0.0129 0.0265  -0.0857 1067 GLN A OE1 
568 N  NE2 . GLN A 67 ? 0.1169 0.1537 0.1723 -0.0123 0.0021  -0.0584 1067 GLN A NE2 
569 N  N   . LEU A 68 ? 0.1838 0.0907 0.0990 -0.0177 0.0138  -0.0106 1068 LEU A N   
570 C  CA  . LEU A 68 ? 0.1721 0.0884 0.0966 -0.0216 0.0129  -0.0132 1068 LEU A CA  
571 C  C   . LEU A 68 ? 0.1481 0.0905 0.1006 -0.0211 0.0065  -0.0115 1068 LEU A C   
572 O  O   . LEU A 68 ? 0.1669 0.0891 0.1104 -0.0111 0.0085  -0.0057 1068 LEU A O   
573 C  CB  . LEU A 68 ? 0.1712 0.0910 0.1034 -0.0073 0.0234  -0.0169 1068 LEU A CB  
574 C  CG  . LEU A 68 ? 0.1461 0.0927 0.1306 -0.0018 0.0331  -0.0186 1068 LEU A CG  
575 C  CD1 . LEU A 68 ? 0.1778 0.1024 0.1462 -0.0097 0.0416  -0.0050 1068 LEU A CD1 
576 C  CD2 . LEU A 68 ? 0.1492 0.1429 0.1439 -0.0024 0.0319  -0.0333 1068 LEU A CD2 
577 N  N   . ILE A 69 ? 0.1438 0.0873 0.0955 -0.0139 0.0036  -0.0081 1069 ILE A N   
578 C  CA  . ILE A 69 ? 0.1309 0.0816 0.1031 -0.0108 -0.0004 -0.0128 1069 ILE A CA  
579 C  C   . ILE A 69 ? 0.1306 0.0944 0.0954 -0.0121 -0.0073 -0.0015 1069 ILE A C   
580 O  O   . ILE A 69 ? 0.1405 0.0946 0.1261 -0.0049 -0.0155 -0.0158 1069 ILE A O   
581 C  CB  . ILE A 69 ? 0.1246 0.0972 0.0951 -0.0174 -0.0079 -0.0071 1069 ILE A CB  
582 C  CG1 . ILE A 69 ? 0.1271 0.1065 0.1068 0.0040  -0.0003 -0.0234 1069 ILE A CG1 
583 C  CG2 . ILE A 69 ? 0.1173 0.1333 0.0946 -0.0229 -0.0037 -0.0123 1069 ILE A CG2 
584 C  CD1 . ILE A 69 ? 0.1531 0.1393 0.0972 0.0065  -0.0088 -0.0082 1069 ILE A CD1 
585 N  N   . GLN A 70 ? 0.1323 0.0956 0.1018 -0.0028 -0.0141 -0.0110 1070 GLN A N   
586 C  CA  . GLN A 70 ? 0.1381 0.0984 0.1196 -0.0105 -0.0293 0.0004  1070 GLN A CA  
587 C  C   . GLN A 70 ? 0.1538 0.1044 0.1168 -0.0041 -0.0484 -0.0034 1070 GLN A C   
588 O  O   . GLN A 70 ? 0.1782 0.1176 0.1385 0.0069  -0.0447 0.0079  1070 GLN A O   
589 C  CB  . GLN A 70 ? 0.1480 0.0995 0.1237 -0.0015 -0.0364 -0.0022 1070 GLN A CB  
590 C  CG  . GLN A 70 ? 0.1615 0.1271 0.1494 0.0027  -0.0646 -0.0166 1070 GLN A CG  
591 C  CD  . GLN A 70 ? 0.1627 0.1391 0.1288 -0.0008 -0.0613 -0.0215 1070 GLN A CD  
592 O  OE1 . GLN A 70 ? 0.1689 0.1806 0.2085 -0.0345 -0.0506 -0.0008 1070 GLN A OE1 
593 N  NE2 . GLN A 70 ? 0.1396 0.0906 0.1455 -0.0206 -0.0648 -0.0069 1070 GLN A NE2 
594 N  N   . ALA A 71 ? 0.2014 0.0960 0.1049 -0.0050 -0.0271 -0.0024 1071 ALA A N   
595 C  CA  . ALA A 71 ? 0.2738 0.1170 0.1055 -0.0008 -0.0416 -0.0020 1071 ALA A CA  
596 C  C   . ALA A 71 ? 0.2739 0.1080 0.1178 0.0206  -0.0380 0.0043  1071 ALA A C   
597 O  O   . ALA A 71 ? 0.5147 0.1200 0.1483 0.0341  -0.1233 -0.0038 1071 ALA A O   
598 C  CB  . ALA A 71 ? 0.4283 0.1230 0.0992 -0.0239 0.0344  -0.0060 1071 ALA A CB  
599 N  N   . HIS A 72 ? 0.1456 0.0984 0.1150 -0.0042 -0.0080 0.0044  1072 HIS A N   
600 C  CA  . HIS A 72 ? 0.1305 0.0901 0.1228 0.0037  0.0062  0.0014  1072 HIS A CA  
601 C  C   . HIS A 72 ? 0.1258 0.0802 0.1230 0.0092  0.0004  0.0052  1072 HIS A C   
602 O  O   . HIS A 72 ? 0.1248 0.1015 0.1501 0.0005  0.0085  -0.0166 1072 HIS A O   
603 C  CB  . HIS A 72 ? 0.1354 0.0954 0.1162 0.0026  0.0025  -0.0007 1072 HIS A CB  
604 C  CG  . HIS A 72 ? 0.1393 0.0943 0.1088 -0.0126 0.0001  0.0001  1072 HIS A CG  
605 N  ND1 . HIS A 72 ? 0.1698 0.0983 0.1105 -0.0078 0.0075  0.0003  1072 HIS A ND1 
606 C  CD2 . HIS A 72 ? 0.1736 0.1014 0.1332 -0.0063 0.0330  -0.0018 1072 HIS A CD2 
607 C  CE1 . HIS A 72 ? 0.1668 0.1196 0.1144 -0.0231 0.0095  0.0009  1072 HIS A CE1 
608 N  NE2 . HIS A 72 ? 0.1890 0.1146 0.1168 -0.0159 0.0209  -0.0111 1072 HIS A NE2 
609 N  N   . GLN A 73 ? 0.1477 0.1032 0.1085 -0.0192 0.0067  -0.0035 1073 GLN A N   
610 C  CA  . GLN A 73 ? 0.1738 0.1188 0.1047 -0.0184 0.0097  0.0028  1073 GLN A CA  
611 C  C   . GLN A 73 ? 0.1213 0.1329 0.1091 -0.0131 0.0042  0.0055  1073 GLN A C   
612 O  O   . GLN A 73 ? 0.1620 0.1387 0.1085 -0.0060 -0.0070 -0.0008 1073 GLN A O   
613 C  CB  . GLN A 73 ? 0.2024 0.1363 0.1323 -0.0343 0.0644  -0.0150 1073 GLN A CB  
614 C  CG  . GLN A 73 ? 0.1837 0.2361 0.2580 -0.0394 0.0332  -0.0081 1073 GLN A CG  
615 C  CD  . GLN A 73 ? 0.1935 0.2333 0.2614 -0.0485 0.0718  -0.0519 1073 GLN A CD  
616 O  OE1 . GLN A 73 ? 0.2725 0.1774 0.2143 0.0226  0.0245  -0.0040 1073 GLN A OE1 
617 N  NE2 . GLN A 73 ? 0.2091 0.2540 0.2285 -0.0566 0.0307  -0.0308 1073 GLN A NE2 
618 N  N   . ASP A 74 ? 0.1273 0.1228 0.1058 -0.0066 0.0018  -0.0071 1074 ASP A N   
619 C  CA  . ASP A 74 ? 0.1225 0.1297 0.1195 0.0060  0.0040  -0.0058 1074 ASP A CA  
620 C  C   . ASP A 74 ? 0.1240 0.1024 0.0981 0.0129  0.0060  0.0020  1074 ASP A C   
621 O  O   . ASP A 74 ? 0.1130 0.1172 0.1164 0.0124  0.0075  -0.0106 1074 ASP A O   
622 C  CB  . ASP A 74 ? 0.1528 0.1500 0.2085 0.0223  -0.0448 -0.0010 1074 ASP A CB  
623 C  CG  . ASP A 74 ? 0.1768 0.3280 0.3203 -0.0477 -0.0810 0.0288  1074 ASP A CG  
624 O  OD1 . ASP A 74 ? 0.2418 0.6020 0.2880 -0.0900 -0.0910 -0.0336 1074 ASP A OD1 
625 O  OD2 . ASP A 74 ? 0.2347 0.3835 0.4914 -0.1122 -0.0689 0.1265  1074 ASP A OD2 
626 N  N   . GLU A 75 ? 0.1180 0.1031 0.0952 0.0062  0.0062  0.0030  1075 GLU A N   
627 C  CA  . GLU A 75 ? 0.1194 0.0986 0.0978 0.0104  0.0057  0.0037  1075 GLU A CA  
628 C  C   . GLU A 75 ? 0.1131 0.0950 0.0923 0.0045  0.0194  -0.0034 1075 GLU A C   
629 O  O   . GLU A 75 ? 0.1253 0.0947 0.1105 0.0010  -0.0059 -0.0058 1075 GLU A O   
630 C  CB  . GLU A 75 ? 0.1204 0.0871 0.0863 0.0070  0.0064  -0.0006 1075 GLU A CB  
631 C  CG  . GLU A 75 ? 0.1305 0.1078 0.0988 0.0102  0.0044  0.0122  1075 GLU A CG  
632 C  CD  . GLU A 75 ? 0.1454 0.1146 0.0893 0.0070  0.0099  -0.0023 1075 GLU A CD  
633 O  OE1 . GLU A 75 ? 0.1351 0.1534 0.1158 0.0000  0.0158  -0.0142 1075 GLU A OE1 
634 O  OE2 . GLU A 75 ? 0.1489 0.1359 0.1035 0.0161  0.0005  -0.0056 1075 GLU A OE2 
635 N  N   . ILE A 76 ? 0.1157 0.0862 0.1014 -0.0005 -0.0077 0.0043  1076 ILE A N   
636 C  CA  . ILE A 76 ? 0.1130 0.0898 0.0982 -0.0059 -0.0030 0.0029  1076 ILE A CA  
637 C  C   . ILE A 76 ? 0.1094 0.0879 0.0975 0.0053  -0.0068 0.0083  1076 ILE A C   
638 O  O   . ILE A 76 ? 0.1118 0.1090 0.1062 0.0003  0.0051  0.0086  1076 ILE A O   
639 C  CB  . ILE A 76 ? 0.1215 0.0888 0.0977 -0.0024 -0.0023 0.0029  1076 ILE A CB  
640 C  CG1 . ILE A 76 ? 0.1271 0.0982 0.1050 0.0054  0.0009  0.0088  1076 ILE A CG1 
641 C  CG2 . ILE A 76 ? 0.1393 0.1152 0.1089 0.0295  0.0124  0.0152  1076 ILE A CG2 
642 C  CD1 . ILE A 76 ? 0.1488 0.1208 0.1043 0.0106  0.0010  -0.0169 1076 ILE A CD1 
643 N  N   . PRO A 77 ? 0.1132 0.0952 0.0981 0.0041  0.0031  0.0149  1077 PRO A N   
644 C  CA  . PRO A 77 ? 0.1563 0.0956 0.0949 0.0017  0.0014  0.0101  1077 PRO A CA  
645 C  C   . PRO A 77 ? 0.1115 0.1015 0.0994 0.0116  0.0051  0.0116  1077 PRO A C   
646 O  O   . PRO A 77 ? 0.1131 0.1288 0.1341 0.0094  -0.0068 0.0307  1077 PRO A O   
647 C  CB  . PRO A 77 ? 0.2536 0.1236 0.1057 -0.0528 0.0056  -0.0029 1077 PRO A CB  
648 C  CG  . PRO A 77 ? 0.1144 0.1820 0.1641 0.0075  -0.0167 -0.0580 1077 PRO A CG  
649 C  CD  . PRO A 77 ? 0.1310 0.0939 0.1142 -0.0061 -0.0098 0.0071  1077 PRO A CD  
650 N  N   . SER A 78 ? 0.1183 0.1086 0.1201 0.0153  0.0117  0.0222  1078 SER A N   
651 C  CA  . SER A 78 ? 0.1270 0.1078 0.0991 -0.0025 0.0099  0.0163  1078 SER A CA  
652 C  C   . SER A 78 ? 0.1060 0.0964 0.1040 0.0077  0.0064  0.0029  1078 SER A C   
653 O  O   . SER A 78 ? 0.1851 0.0893 0.1059 0.0080  0.0218  0.0091  1078 SER A O   
654 C  CB  . SER A 78 ? 0.1300 0.1580 0.1213 -0.0197 0.0056  0.0004  1078 SER A CB  
655 O  OG  . SER A 78 ? 0.1426 0.2075 0.1325 0.0097  0.0252  0.0349  1078 SER A OG  
656 N  N   . ASN A 79 ? 0.1149 0.0856 0.1014 -0.0059 0.0016  0.0013  1079 ASN A N   
657 C  CA  . ASN A 79 ? 0.1057 0.0912 0.1045 -0.0010 -0.0007 0.0070  1079 ASN A CA  
658 C  C   . ASN A 79 ? 0.1047 0.0903 0.0993 -0.0095 -0.0061 0.0070  1079 ASN A C   
659 O  O   . ASN A 79 ? 0.1095 0.1140 0.1355 -0.0256 0.0146  -0.0222 1079 ASN A O   
660 C  CB  . ASN A 79 ? 0.1307 0.0898 0.1054 0.0069  0.0011  -0.0027 1079 ASN A CB  
661 C  CG  . ASN A 79 ? 0.1290 0.0853 0.1133 -0.0136 -0.0139 0.0007  1079 ASN A CG  
662 O  OD1 . ASN A 79 ? 0.1365 0.1062 0.1176 -0.0068 -0.0225 0.0050  1079 ASN A OD1 
663 N  ND2 . ASN A 79 ? 0.1636 0.1027 0.1268 -0.0077 -0.0405 0.0101  1079 ASN A ND2 
664 N  N   . GLN A 80 ? 0.0965 0.0880 0.1024 -0.0116 0.0056  0.0018  1080 GLN A N   
665 C  CA  . GLN A 80 ? 0.1132 0.1036 0.1087 -0.0090 0.0069  -0.0126 1080 GLN A CA  
666 C  C   . GLN A 80 ? 0.1399 0.1329 0.1096 -0.0093 0.0214  -0.0070 1080 GLN A C   
667 O  O   . GLN A 80 ? 0.1590 0.1409 0.1157 -0.0430 0.0194  -0.0182 1080 GLN A O   
668 C  CB  . GLN A 80 ? 0.1135 0.1104 0.1099 0.0054  -0.0002 -0.0295 1080 GLN A CB  
669 C  CG  . GLN A 80 ? 0.1042 0.0997 0.1246 -0.0096 -0.0005 -0.0166 1080 GLN A CG  
670 C  CD  . GLN A 80 ? 0.1093 0.0919 0.1322 -0.0057 0.0063  0.0075  1080 GLN A CD  
671 O  OE1 . GLN A 80 ? 0.1010 0.1259 0.1541 0.0046  0.0142  0.0184  1080 GLN A OE1 
672 N  NE2 . GLN A 80 ? 0.1214 0.1295 0.1454 0.0065  0.0008  0.0133  1080 GLN A NE2 
673 N  N   . ALA A 81 ? 0.1995 0.1267 0.1313 -0.0227 0.0092  -0.0057 1081 ALA A N   
674 C  CA  . ALA A 81 ? 0.1801 0.1357 0.1565 -0.0213 0.0022  0.0105  1081 ALA A CA  
675 C  C   . ALA A 81 ? 0.1907 0.1398 0.1380 -0.0351 0.0066  -0.0012 1081 ALA A C   
676 O  O   . ALA A 81 ? 0.2124 0.1522 0.1910 -0.0427 0.0107  -0.0053 1081 ALA A O   
677 C  CB  . ALA A 81 ? 0.2098 0.1506 0.1935 -0.0032 0.0245  0.0290  1081 ALA A CB  
678 N  N   . GLU A 82 ? 0.2050 0.1566 0.1555 -0.0433 0.0420  -0.0172 1082 GLU A N   
679 C  CA  . GLU A 82 ? 0.1959 0.1966 0.1726 -0.0801 0.0568  -0.0256 1082 GLU A CA  
680 C  C   . GLU A 82 ? 0.2375 0.2000 0.1759 -0.0883 0.0674  -0.0228 1082 GLU A C   
681 O  O   . GLU A 82 ? 0.2599 0.2218 0.1786 -0.0956 0.0784  -0.0175 1082 GLU A O   
682 C  CB  . GLU A 82 ? 0.2072 0.2607 0.3306 -0.0025 0.1119  0.0675  1082 GLU A CB  
683 C  CG  . GLU A 82 ? 0.2449 0.3681 0.3837 0.0147  0.0400  -0.0387 1082 GLU A CG  
684 C  CD  . GLU A 82 ? 0.2358 0.1451 0.4744 0.0308  0.0523  0.0247  1082 GLU A CD  
685 O  OE1 . GLU A 82 ? 0.2721 0.2555 0.3879 0.0097  0.0243  0.0235  1082 GLU A OE1 
686 O  OE2 . GLU A 82 ? 0.3830 0.3784 0.6374 -0.0206 0.0388  0.2195  1082 GLU A OE2 
687 N  N   . TRP A 83 ? 0.2832 0.3065 0.1720 -0.1240 0.0648  -0.0420 1083 TRP A N   
688 C  CA  . TRP A 83 ? 0.3989 0.3492 0.1720 -0.1594 0.0647  -0.0404 1083 TRP A CA  
689 C  C   . TRP A 83 ? 0.3898 0.4088 0.2321 -0.1944 0.0266  0.0504  1083 TRP A C   
690 O  O   . TRP A 83 ? 0.4039 0.5223 0.3812 -0.2492 0.0205  0.0630  1083 TRP A O   
691 C  CB  . TRP A 83 ? 0.6108 0.3636 0.2102 -0.1723 0.1538  -0.0622 1083 TRP A CB  
692 C  CG  . TRP A 83 ? 0.5949 0.2878 0.3730 -0.1340 0.1743  -0.0628 1083 TRP A CG  
693 C  CD1 . TRP A 83 ? 0.6042 0.2892 0.4929 -0.1268 0.1776  -0.0297 1083 TRP A CD1 
694 C  CD2 . TRP A 83 ? 0.5973 0.2768 0.3833 -0.1288 0.1620  -0.0708 1083 TRP A CD2 
695 N  NE1 . TRP A 83 ? 0.6074 0.3153 0.5019 -0.1177 0.1820  -0.0023 1083 TRP A NE1 
696 C  CE2 . TRP A 83 ? 0.6130 0.3042 0.4027 -0.1296 0.1548  -0.0481 1083 TRP A CE2 
697 C  CE3 . TRP A 83 ? 0.5946 0.2995 0.3808 -0.1457 0.1430  -0.0601 1083 TRP A CE3 
698 C  CZ2 . TRP A 83 ? 0.6238 0.3183 0.3769 -0.1355 0.1397  -0.0447 1083 TRP A CZ2 
699 C  CZ3 . TRP A 83 ? 0.6136 0.3160 0.3794 -0.1533 0.1081  -0.0484 1083 TRP A CZ3 
700 C  CH2 . TRP A 83 ? 0.6194 0.3107 0.3929 -0.1380 0.1256  -0.0491 1083 TRP A CH2 
701 ZN ZN  . ZN  B .  ? 0.1087 0.1013 0.1109 -0.0201 0.0067  -0.0092 2001 ZN  A ZN  
702 O  O   . HOH C .  ? 0.1114 0.1181 0.1021 0.0088  0.0066  -0.0029 3001 HOH A O   
703 O  O   . HOH C .  ? 0.1089 0.1036 0.1105 0.0063  0.0089  -0.0187 3002 HOH A O   
704 O  O   . HOH C .  ? 0.1313 0.1286 0.1033 0.0144  0.0008  0.0089  3003 HOH A O   
705 O  O   . HOH C .  ? 0.1348 0.1158 0.1063 -0.0156 -0.0095 0.0073  3004 HOH A O   
706 O  O   . HOH C .  ? 0.1138 0.1206 0.1277 -0.0200 0.0014  -0.0065 3005 HOH A O   
707 O  O   . HOH C .  ? 0.1418 0.1072 0.1090 -0.0106 0.0067  -0.0082 3006 HOH A O   
708 O  O   . HOH C .  ? 0.1379 0.1565 0.1231 0.0122  -0.0046 -0.0166 3007 HOH A O   
709 O  O   . HOH C .  ? 0.1522 0.1026 0.1484 -0.0094 -0.0279 -0.0089 3008 HOH A O   
710 O  O   . HOH C .  ? 0.1372 0.1281 0.1580 -0.0170 0.0049  -0.0008 3009 HOH A O   
711 O  O   . HOH C .  ? 0.1379 0.1286 0.1328 -0.0201 -0.0005 0.0080  3010 HOH A O   
712 O  O   . HOH C .  ? 0.1617 0.1320 0.1272 -0.0215 0.0245  -0.0138 3011 HOH A O   
713 O  O   . HOH C .  ? 0.1347 0.1202 0.1287 0.0043  0.0135  -0.0090 3012 HOH A O   
714 O  O   . HOH C .  ? 0.1351 0.1463 0.1591 0.0098  -0.0216 -0.0178 3013 HOH A O   
715 O  O   . HOH C .  ? 0.2824 0.1302 0.1141 -0.0352 -0.0320 -0.0065 3014 HOH A O   
716 O  O   . HOH C .  ? 0.1400 0.1640 0.1422 0.0197  -0.0253 -0.0365 3015 HOH A O   
717 O  O   . HOH C .  ? 0.2223 0.1194 0.1460 -0.0486 0.0548  -0.0286 3016 HOH A O   
718 O  O   . HOH C .  ? 0.1764 0.1398 0.2056 -0.0278 -0.0035 -0.0109 3017 HOH A O   
719 O  O   . HOH C .  ? 0.2025 0.1604 0.2160 -0.0765 0.0652  -0.0653 3018 HOH A O   
720 O  O   . HOH C .  ? 0.1205 0.1957 0.1514 0.0093  0.0079  0.0162  3019 HOH A O   
721 O  O   . HOH C .  ? 0.1961 0.1352 0.2509 0.0005  0.0305  -0.0093 3020 HOH A O   
722 O  O   . HOH C .  ? 0.1482 0.2343 0.1578 0.0035  -0.0163 0.0137  3021 HOH A O   
723 O  O   . HOH C .  ? 0.2032 0.1772 0.2205 0.0512  -0.0061 0.0174  3022 HOH A O   
724 O  O   . HOH C .  ? 0.2631 0.1813 0.1806 0.0191  -0.0434 -0.0127 3023 HOH A O   
725 O  O   . HOH C .  ? 0.1855 0.2907 0.1894 -0.0766 -0.0043 0.0603  3024 HOH A O   
726 O  O   . HOH C .  ? 0.2975 0.1747 0.2129 0.0162  0.0072  -0.0361 3025 HOH A O   
727 O  O   . HOH C .  ? 0.1818 0.1911 0.1710 0.0126  -0.0187 0.0049  3026 HOH A O   
728 O  O   . HOH C .  ? 0.2025 0.2448 0.1981 0.0540  -0.0583 -0.0209 3027 HOH A O   
729 O  O   . HOH C .  ? 0.1931 0.2144 0.1762 -0.0288 -0.0066 -0.0167 3028 HOH A O   
730 O  O   . HOH C .  ? 0.2995 0.1893 0.1657 0.0306  -0.0267 -0.0109 3029 HOH A O   
731 O  O   . HOH C .  ? 0.2566 0.3560 0.1933 0.0386  -0.0441 -0.0918 3030 HOH A O   
732 O  O   . HOH C .  ? 0.1989 0.2313 0.2354 0.0418  -0.0321 -0.0456 3031 HOH A O   
733 O  O   . HOH C .  ? 0.1867 0.2615 0.2515 -0.0550 -0.0159 0.0741  3032 HOH A O   
734 O  O   . HOH C .  ? 0.2706 0.6112 0.1236 0.2137  0.0076  0.0082  3033 HOH A O   
735 O  O   . HOH C .  ? 0.3303 0.1543 0.3138 -0.0089 -0.0410 0.0204  3034 HOH A O   
736 O  O   . HOH C .  ? 0.2571 0.2477 0.3783 -0.0165 0.0534  -0.0897 3035 HOH A O   
737 O  O   . HOH C .  ? 0.2530 0.2226 0.2545 -0.0315 -0.0446 -0.0210 3036 HOH A O   
738 O  O   . HOH C .  ? 0.2451 0.1874 0.3586 0.0045  -0.0855 0.0197  3037 HOH A O   
739 O  O   . HOH C .  ? 0.3377 0.2545 0.2200 0.0280  -0.0754 0.0560  3038 HOH A O   
740 O  O   . HOH C .  ? 0.3511 0.2072 0.2181 0.0649  -0.0519 -0.0296 3039 HOH A O   
741 O  O   . HOH C .  ? 0.4217 0.1887 0.3813 -0.1202 0.2461  -0.0971 3040 HOH A O   
742 O  O   . HOH C .  ? 0.1853 0.2721 0.3654 0.0072  0.0082  0.0773  3041 HOH A O   
743 O  O   . HOH C .  ? 0.2485 0.2049 0.5039 0.0289  -0.0278 0.1025  3042 HOH A O   
744 O  O   . HOH C .  ? 0.3953 0.3104 0.1635 -0.1211 0.0563  -0.0323 3043 HOH A O   
745 O  O   . HOH C .  ? 0.3251 0.2845 0.2963 0.0281  -0.0243 0.0245  3044 HOH A O   
746 O  O   . HOH C .  ? 0.2035 0.2922 0.3348 0.0026  -0.0251 0.0328  3045 HOH A O   
747 O  O   . HOH C .  ? 0.4106 0.2365 0.2355 -0.1059 0.1130  -0.0495 3046 HOH A O   
748 O  O   . HOH C .  ? 0.3457 0.3435 0.2826 0.0238  0.1086  0.0123  3047 HOH A O   
749 O  O   . HOH C .  ? 0.3115 0.2039 0.1554 0.0083  0.0434  -0.0476 3048 HOH A O   
750 O  O   . HOH C .  ? 0.2909 0.1962 0.2727 0.0182  -0.0706 -0.0144 3049 HOH A O   
751 O  O   . HOH C .  ? 0.3202 0.3117 0.2876 -0.0773 -0.0476 -0.0297 3050 HOH A O   
752 O  O   . HOH C .  ? 0.5698 0.3860 0.1818 -0.3349 0.1656  -0.1602 3051 HOH A O   
753 O  O   . HOH C .  ? 0.3722 0.2243 0.2496 0.0512  0.1334  -0.0095 3052 HOH A O   
754 O  O   . HOH C .  ? 0.3204 0.2032 0.3179 -0.0356 0.0101  0.0228  3053 HOH A O   
755 O  O   . HOH C .  ? 0.2451 0.3437 0.3515 -0.0296 0.0648  -0.0523 3054 HOH A O   
756 O  O   . HOH C .  ? 0.3895 0.2715 0.2758 -0.1528 0.0015  -0.0212 3055 HOH A O   
757 O  O   . HOH C .  ? 0.2055 0.2494 0.4465 -0.0371 -0.0571 -0.0016 3056 HOH A O   
758 O  O   . HOH C .  ? 0.3310 0.2614 0.3112 -0.0646 -0.0139 0.0509  3057 HOH A O   
759 O  O   . HOH C .  ? 0.2632 0.2833 0.2476 -0.0898 0.0171  0.0042  3058 HOH A O   
760 O  O   . HOH C .  ? 0.2838 0.2915 0.4023 0.0402  -0.0308 0.0978  3059 HOH A O   
761 O  O   . HOH C .  ? 0.2543 0.4859 0.3898 0.1114  -0.0925 -0.2186 3060 HOH A O   
762 O  O   . HOH C .  ? 0.3266 0.2463 0.4509 0.0628  -0.1554 -0.0552 3061 HOH A O   
763 O  O   . HOH C .  ? 0.3700 0.4403 0.4723 -0.0701 0.1845  0.0362  3062 HOH A O   
764 O  O   . HOH C .  ? 0.4028 0.3783 0.3300 -0.0148 0.1365  0.1183  3063 HOH A O   
765 O  O   . HOH C .  ? 0.4083 0.2699 0.3820 -0.0891 -0.2155 0.0376  3064 HOH A O   
766 O  O   . HOH C .  ? 0.3728 0.3482 0.5249 0.0085  0.1648  0.1800  3065 HOH A O   
767 O  O   . HOH C .  ? 0.2516 0.4727 0.5317 -0.1215 -0.0194 -0.1204 3066 HOH A O   
768 O  O   . HOH C .  ? 0.2977 0.2202 0.5507 -0.0437 -0.1296 0.0055  3067 HOH A O   
769 O  O   . HOH C .  ? 0.5189 0.4348 0.1958 -0.0685 0.0970  0.0454  3068 HOH A O   
770 O  O   . HOH C .  ? 0.3124 0.4069 0.6308 0.0223  -0.0383 -0.2337 3069 HOH A O   
771 O  O   . HOH C .  ? 0.3592 0.3023 0.4333 -0.0349 -0.0690 -0.0812 3070 HOH A O   
772 O  O   . HOH C .  ? 0.5291 0.3778 0.2728 -0.0461 0.0025  0.1165  3071 HOH A O   
773 O  O   . HOH C .  ? 0.4534 0.4031 0.3764 -0.0280 0.1240  0.1553  3072 HOH A O   
774 O  O   . HOH C .  ? 0.5592 0.2226 0.7325 0.0547  -0.1071 -0.0761 3073 HOH A O   
775 O  O   . HOH C .  ? 0.3805 0.5226 0.3650 -0.1617 -0.1259 0.2143  3074 HOH A O   
776 O  O   . HOH C .  ? 0.3714 0.5090 0.3336 -0.0665 -0.1245 0.0878  3075 HOH A O   
777 O  O   . HOH C .  ? 0.3431 0.3651 0.4912 0.0712  0.0157  -0.0007 3076 HOH A O   
778 O  O   . HOH C .  ? 0.5001 0.3646 0.6095 -0.1420 0.0617  0.1843  3077 HOH A O   
779 O  O   . HOH C .  ? 0.3927 0.2823 0.5182 -0.0233 -0.0790 -0.0010 3078 HOH A O   
780 O  O   . HOH C .  ? 0.3303 0.2292 0.2427 -0.0623 -0.0341 -0.0307 3079 HOH A O   
781 O  O   . HOH C .  ? 0.3199 0.8398 0.3783 -0.0214 0.0534  0.0207  3080 HOH A O   
782 O  O   . HOH C .  ? 0.4659 0.3465 0.5864 -0.0054 0.1198  -0.0153 3081 HOH A O   
783 O  O   . HOH C .  ? 0.3810 0.3359 0.5469 0.1457  0.0651  0.0534  3082 HOH A O   
784 O  O   . HOH C .  ? 0.4178 0.3836 0.7797 -0.1741 0.0375  -0.1376 3083 HOH A O   
785 O  O   . HOH C .  ? 0.5258 0.6684 0.2831 -0.0444 -0.0363 0.1089  3084 HOH A O   
786 O  O   . HOH C .  ? 0.6618 0.3122 0.2085 0.0239  0.0144  0.0440  3085 HOH A O   
787 O  O   . HOH C .  ? 0.5221 0.3881 0.3013 -0.0489 0.1040  0.1635  3086 HOH A O   
788 O  O   . HOH C .  ? 0.5262 0.3388 0.3781 0.0383  0.0779  -0.1573 3087 HOH A O   
789 O  O   . HOH C .  ? 0.4290 0.4446 0.3315 0.0455  0.0262  0.0596  3088 HOH A O   
790 O  O   . HOH C .  ? 0.3098 0.3917 0.5491 -0.0080 -0.0427 0.1025  3089 HOH A O   
791 O  O   . HOH C .  ? 0.7779 0.4994 0.6729 0.1416  0.0906  -0.1363 3090 HOH A O   
792 O  O   . HOH C .  ? 0.2615 0.5725 0.4206 -0.0123 -0.0300 0.0529  3091 HOH A O   
793 O  O   . HOH C .  ? 0.5808 0.4792 0.6300 -0.0517 -0.0389 -0.2624 3092 HOH A O   
794 O  O   . HOH C .  ? 0.5172 0.3707 0.6356 0.0926  -0.1390 0.0060  3093 HOH A O   
795 O  O   . HOH C .  ? 0.6208 0.2995 0.4947 0.0576  -0.0779 0.0402  3094 HOH A O   
796 O  O   . HOH C .  ? 0.3346 0.4588 0.6073 0.0804  0.0903  0.2989  3095 HOH A O   
797 O  O   . HOH C .  ? 0.7233 0.3756 0.5975 0.0591  -0.0739 0.1634  3096 HOH A O   
798 O  O   . HOH C .  ? 0.5534 0.4952 0.6027 -0.0751 -0.2264 -0.1912 3097 HOH A O   
799 O  O   . HOH C .  ? 0.4240 0.4829 0.5450 0.0237  0.1157  -0.1500 3098 HOH A O   
800 O  O   . HOH C .  ? 0.8173 0.3606 0.4262 -0.0326 0.0395  0.0102  3099 HOH A O   
801 O  O   . HOH C .  ? 0.3352 0.2498 0.4300 -0.0051 0.1248  -0.0561 3100 HOH A O   
802 O  O   . HOH C .  ? 0.1103 0.1037 0.1126 -0.0152 0.0027  0.0018  3101 HOH A O   
803 O  O   . HOH C .  ? 0.2505 0.3460 0.3300 0.0966  -0.0475 0.0169  3102 HOH A O   
804 O  O   . HOH C .  ? 0.2751 0.7883 0.3062 0.1554  0.0635  -0.1382 3103 HOH A O   
805 O  O   . HOH C .  ? 0.1705 0.4134 0.6999 -0.0387 -0.0685 0.2439  3104 HOH A O   
806 O  O   . HOH C .  ? 0.6614 0.6336 0.2716 -0.0595 -0.1656 0.0096  3105 HOH A O   
807 O  O   . HOH C .  ? 0.4435 0.4683 0.5313 0.1188  -0.0216 -0.0560 3106 HOH A O   
808 O  O   . HOH C .  ? 0.5954 0.4029 0.3989 -0.0096 -0.2842 -0.0839 3107 HOH A O   
809 O  O   . HOH C .  ? 0.8129 0.4723 0.5284 0.0823  0.2071  0.1737  3108 HOH A O   
810 O  O   . HOH C .  ? 0.4709 0.3320 0.4980 0.1271  -0.1873 -0.0501 3109 HOH A O   
811 O  O   . HOH C .  ? 0.7245 0.7447 0.5125 -0.1319 -0.1448 -0.1389 3110 HOH A O   
812 O  O   . HOH C .  ? 0.5297 0.2924 0.3793 0.0959  -0.2113 0.0340  3111 HOH A O   
813 O  O   . HOH C .  ? 0.5759 0.4921 0.3265 0.0787  -0.0329 -0.0596 3112 HOH A O   
814 O  O   . HOH C .  ? 0.6725 0.6491 0.4333 -0.0664 -0.0091 0.1374  3113 HOH A O   
815 O  O   . HOH C .  ? 0.1918 0.2836 0.2407 -0.0979 -0.0401 0.1193  3114 HOH A O   
816 O  O   . HOH C .  ? 0.2699 0.5915 0.7127 -0.1192 -0.0670 0.0002  3115 HOH A O   
817 O  O   . HOH C .  ? 0.6002 0.5221 0.3693 -0.2414 -0.0067 -0.0609 3116 HOH A O   
818 O  O   . HOH C .  ? 0.7025 0.5163 0.5215 -0.0726 0.2114  0.2256  3117 HOH A O   
819 O  O   . HOH C .  ? 0.2972 0.6105 0.6833 0.1446  -0.0552 -0.2532 3118 HOH A O   
820 O  O   . HOH C .  ? 0.7197 0.2502 0.5549 -0.0485 -0.1567 0.0550  3119 HOH A O   
821 O  O   . HOH C .  ? 0.5835 0.4880 0.7529 0.1012  0.0174  -0.3669 3120 HOH A O   
822 O  O   . HOH C .  ? 0.3510 0.6404 0.5600 0.1411  -0.0041 -0.0615 3121 HOH A O   
823 O  O   . HOH C .  ? 0.5913 0.3176 0.5968 0.1033  0.0287  -0.0535 3122 HOH A O   
824 O  O   . HOH C .  ? 0.6686 0.4257 0.7175 0.2636  -0.0425 -0.1737 3123 HOH A O   
825 O  O   . HOH C .  ? 0.9190 0.5655 0.5260 0.0018  -0.0884 -0.1309 3124 HOH A O   
826 O  O   . HOH C .  ? 0.5444 0.4918 0.7781 -0.0623 -0.0099 -0.0547 3125 HOH A O   
827 O  O   . HOH C .  ? 0.3012 0.9587 0.2632 0.0272  -0.0072 -0.0682 3126 HOH A O   
828 O  O   . HOH C .  ? 0.3759 0.6081 0.3832 -0.1158 -0.0554 0.1302  3127 HOH A O   
829 O  O   . HOH C .  ? 1.0180 0.4637 0.6081 -0.0416 0.0097  0.2528  3128 HOH A O   
830 O  O   . HOH C .  ? 0.5264 0.3987 0.7546 0.0854  -0.0864 -0.0818 3129 HOH A O   
831 O  O   . HOH C .  ? 0.5086 0.4338 0.7497 0.0820  -0.0095 -0.0623 3130 HOH A O   
832 O  O   . HOH C .  ? 0.2461 0.2704 0.5094 0.0027  0.0443  -0.1536 3131 HOH A O   
833 O  O   . HOH C .  ? 0.3482 0.3263 0.6594 0.1117  0.0115  -0.1019 3133 HOH A O   
834 O  O   . HOH C .  ? 0.3836 0.7396 0.2140 -0.0024 0.0770  -0.0253 3134 HOH A O   
835 O  O   . HOH C .  ? 0.2999 0.9287 0.7446 -0.0392 0.0578  0.0052  3135 HOH A O   
836 O  O   . HOH C .  ? 0.4662 0.1826 0.3413 0.1209  -0.0583 0.0030  3136 HOH A O   
837 O  O   . HOH C .  ? 0.4752 0.3140 0.5049 0.0827  0.0775  0.2054  3137 HOH A O   
838 O  O   . HOH C .  ? 0.4227 0.5472 0.3100 -0.1200 0.0260  0.1436  3138 HOH A O   
839 O  O   . HOH C .  ? 0.6311 0.4928 0.2589 -0.0133 0.0454  0.1102  3139 HOH A O   
840 O  O   . HOH C .  ? 0.3689 0.5250 0.4512 0.0108  -0.1497 0.0722  3140 HOH A O   
841 O  O   . HOH C .  ? 0.3166 0.3853 0.1025 -0.2316 -0.0156 0.0653  3141 HOH A O   
842 O  O   . HOH C .  ? 0.4878 0.3651 0.5488 -0.1472 -0.0232 -0.0729 3142 HOH A O   
843 O  O   . HOH C .  ? 0.1604 0.3685 0.4710 0.0824  0.0629  0.0173  3143 HOH A O   
844 O  O   . HOH C .  ? 0.6452 0.6149 0.4828 0.0124  0.1561  -0.1107 3144 HOH A O   
845 O  O   . HOH C .  ? 0.1893 0.3218 0.3215 0.0376  -0.0463 0.0455  3145 HOH A O   
846 O  O   . HOH C .  ? 0.7194 0.6674 0.2743 -0.1344 0.0478  0.0848  3147 HOH A O   
# 
